data_8YPA
#
_entry.id   8YPA
#
_cell.length_a   142.882
_cell.length_b   152.424
_cell.length_c   104.446
_cell.angle_alpha   90.000
_cell.angle_beta   118.050
_cell.angle_gamma   90.000
#
_symmetry.space_group_name_H-M   'C 1 2 1'
#
loop_
_entity.id
_entity.type
_entity.pdbx_description
1 polymer 'ATP-dependent Clp protease proteolytic subunit, mitochondrial'
2 non-polymer (6~{R})-2-[[3,5-bis(fluoranyl)phenyl]methyl]-6-(hydroxymethyl)-5-[[4-(trifluoromethyl)phenyl]methyl]-7,8-dihydro-6~{H}-pyrazolo[1,5-a][1,4]diazepin-4-one
#
_entity_poly.entity_id   1
_entity_poly.type   'polypeptide(L)'
_entity_poly.pdbx_seq_one_letter_code
;GSSLIPIVVEQTGRGERAYDIYSRLLRERIVCVMGPIDDSVASLVIAQLLFLQSESNKKPIHMYINSPGGVVTAGLAIYD
TMQYILNPICTWCVGQAASMGSLLLAAGTPGMRHSLPNSRIMIHQPSGGARGQATDIAIQAEEIMKLKKQLYNIYAKHTK
QSLQVIESAMERDRYMSPMEAQEFGILDKVLVHPPQDGEDEPTLVQKEPVEAAPAAEPVPAST
;
_entity_poly.pdbx_strand_id   A,B,C,D,E,F,G
#
loop_
_chem_comp.id
_chem_comp.type
_chem_comp.name
_chem_comp.formula
A1LZN non-polymer (6~{R})-2-[[3,5-bis(fluoranyl)phenyl]methyl]-6-(hydroxymethyl)-5-[[4-(trifluoromethyl)phenyl]methyl]-7,8-dihydro-6~{H}-pyrazolo[1,5-a][1,4]diazepin-4-one 'C23 H20 F5 N3 O2'
#
# COMPACT_ATOMS: atom_id res chain seq x y z
N LEU A 4 -55.32 -32.40 12.69
CA LEU A 4 -55.33 -30.96 12.41
C LEU A 4 -54.08 -30.60 11.62
N ILE A 5 -52.95 -31.21 11.94
CA ILE A 5 -51.66 -30.88 11.33
C ILE A 5 -51.46 -31.82 10.13
N PRO A 6 -51.36 -31.30 8.91
CA PRO A 6 -51.27 -32.17 7.74
C PRO A 6 -49.89 -32.79 7.56
N ILE A 7 -49.88 -33.91 6.81
CA ILE A 7 -48.66 -34.62 6.45
C ILE A 7 -48.31 -34.29 5.01
N VAL A 8 -47.01 -34.08 4.75
CA VAL A 8 -46.51 -33.87 3.39
C VAL A 8 -45.39 -34.88 3.16
N VAL A 9 -45.16 -35.17 1.87
CA VAL A 9 -44.07 -36.02 1.41
C VAL A 9 -43.20 -35.25 0.40
N GLU A 16 -38.08 -41.89 0.10
CA GLU A 16 -39.11 -40.95 0.51
C GLU A 16 -39.28 -40.86 2.02
N ARG A 17 -39.50 -39.65 2.52
CA ARG A 17 -39.73 -39.42 3.94
C ARG A 17 -41.04 -38.64 4.11
N ALA A 18 -41.73 -38.88 5.22
CA ALA A 18 -43.00 -38.21 5.52
C ALA A 18 -42.82 -37.34 6.74
N TYR A 19 -43.29 -36.10 6.67
CA TYR A 19 -43.18 -35.17 7.79
C TYR A 19 -44.51 -34.48 8.00
N ASP A 20 -44.81 -34.17 9.26
CA ASP A 20 -45.84 -33.17 9.50
C ASP A 20 -45.34 -31.83 8.95
N ILE A 21 -46.27 -30.99 8.49
CA ILE A 21 -45.86 -29.79 7.75
C ILE A 21 -44.96 -28.87 8.59
N TYR A 22 -45.10 -28.89 9.91
CA TYR A 22 -44.24 -28.02 10.72
C TYR A 22 -42.83 -28.58 10.80
N SER A 23 -42.68 -29.90 10.91
CA SER A 23 -41.35 -30.48 10.84
C SER A 23 -40.72 -30.24 9.49
N ARG A 24 -41.54 -30.15 8.42
CA ARG A 24 -41.04 -29.85 7.08
C ARG A 24 -40.53 -28.41 6.98
N LEU A 25 -41.19 -27.47 7.65
CA LEU A 25 -40.69 -26.10 7.66
C LEU A 25 -39.35 -26.01 8.39
N LEU A 26 -39.21 -26.78 9.48
CA LEU A 26 -37.93 -26.79 10.18
C LEU A 26 -36.83 -27.38 9.33
N ARG A 27 -37.18 -28.29 8.42
CA ARG A 27 -36.19 -28.81 7.48
C ARG A 27 -35.73 -27.74 6.50
N GLU A 28 -36.58 -26.75 6.20
CA GLU A 28 -36.16 -25.60 5.42
C GLU A 28 -35.39 -24.60 6.25
N ARG A 29 -35.10 -24.90 7.52
CA ARG A 29 -34.51 -23.95 8.45
C ARG A 29 -35.46 -22.78 8.76
N ILE A 30 -36.77 -23.05 8.74
CA ILE A 30 -37.77 -22.07 9.15
C ILE A 30 -38.19 -22.38 10.58
N VAL A 31 -38.21 -21.35 11.43
CA VAL A 31 -38.69 -21.42 12.81
C VAL A 31 -39.84 -20.45 12.95
N CYS A 32 -40.99 -20.95 13.41
CA CYS A 32 -42.15 -20.08 13.61
C CYS A 32 -42.20 -19.55 15.05
N VAL A 33 -42.45 -18.25 15.17
CA VAL A 33 -42.75 -17.61 16.45
C VAL A 33 -44.13 -16.99 16.29
N MET A 34 -45.15 -17.83 16.41
CA MET A 34 -46.53 -17.41 16.20
C MET A 34 -47.29 -17.58 17.50
N GLY A 35 -48.04 -16.55 17.87
CA GLY A 35 -48.82 -16.60 19.07
C GLY A 35 -48.06 -16.06 20.25
N PRO A 36 -48.68 -16.12 21.42
CA PRO A 36 -48.06 -15.50 22.60
C PRO A 36 -46.80 -16.24 23.01
N ILE A 37 -45.84 -15.48 23.55
CA ILE A 37 -44.55 -16.04 23.91
C ILE A 37 -44.51 -16.34 25.40
N ASP A 38 -44.31 -17.60 25.75
CA ASP A 38 -44.04 -17.98 27.13
C ASP A 38 -42.87 -18.95 27.19
N ASP A 39 -42.59 -19.50 28.37
CA ASP A 39 -41.40 -20.32 28.57
C ASP A 39 -41.39 -21.55 27.66
N SER A 40 -42.54 -22.20 27.49
CA SER A 40 -42.55 -23.38 26.63
C SER A 40 -42.28 -23.01 25.17
N VAL A 41 -42.84 -21.88 24.70
CA VAL A 41 -42.50 -21.41 23.37
C VAL A 41 -41.02 -21.10 23.28
N ALA A 42 -40.50 -20.40 24.29
CA ALA A 42 -39.09 -20.05 24.29
C ALA A 42 -38.22 -21.30 24.27
N SER A 43 -38.60 -22.33 25.01
CA SER A 43 -37.90 -23.60 25.01
C SER A 43 -37.90 -24.25 23.62
N LEU A 44 -39.06 -24.30 22.98
CA LEU A 44 -39.15 -24.86 21.64
C LEU A 44 -38.33 -24.06 20.64
N VAL A 45 -38.46 -22.73 20.67
CA VAL A 45 -37.72 -21.91 19.72
C VAL A 45 -36.22 -22.08 19.92
N ILE A 46 -35.77 -22.07 21.18
CA ILE A 46 -34.35 -22.21 21.44
C ILE A 46 -33.86 -23.57 20.97
N ALA A 47 -34.65 -24.63 21.24
CA ALA A 47 -34.28 -25.96 20.79
C ALA A 47 -34.06 -25.98 19.30
N GLN A 48 -34.95 -25.33 18.54
CA GLN A 48 -34.82 -25.33 17.08
C GLN A 48 -33.61 -24.52 16.64
N LEU A 49 -33.32 -23.39 17.30
CA LEU A 49 -32.16 -22.60 16.90
C LEU A 49 -30.87 -23.38 17.09
N LEU A 50 -30.70 -23.99 18.27
CA LEU A 50 -29.49 -24.77 18.52
C LEU A 50 -29.36 -25.93 17.56
N PHE A 51 -30.48 -26.57 17.21
CA PHE A 51 -30.45 -27.67 16.25
C PHE A 51 -29.99 -27.19 14.87
N LEU A 52 -30.59 -26.10 14.37
CA LEU A 52 -30.28 -25.59 13.03
C LEU A 52 -28.85 -25.11 12.95
N GLN A 53 -28.32 -24.54 14.05
CA GLN A 53 -26.92 -24.16 14.07
C GLN A 53 -26.02 -25.39 14.00
N SER A 54 -26.41 -26.48 14.66
CA SER A 54 -25.57 -27.68 14.66
C SER A 54 -25.49 -28.32 13.28
N GLU A 55 -26.55 -28.16 12.47
CA GLU A 55 -26.58 -28.65 11.09
C GLU A 55 -25.75 -27.78 10.14
N SER A 56 -25.67 -26.48 10.41
CA SER A 56 -24.91 -25.52 9.61
C SER A 56 -24.88 -24.20 10.34
N ASN A 57 -23.70 -23.73 10.76
CA ASN A 57 -23.67 -22.49 11.51
C ASN A 57 -23.44 -21.27 10.63
N LYS A 58 -23.37 -21.47 9.31
CA LYS A 58 -23.30 -20.36 8.38
C LYS A 58 -24.56 -20.21 7.56
N LYS A 59 -25.33 -21.27 7.42
CA LYS A 59 -26.54 -21.18 6.62
C LYS A 59 -27.57 -20.34 7.35
N PRO A 60 -28.23 -19.40 6.69
CA PRO A 60 -29.23 -18.58 7.38
C PRO A 60 -30.39 -19.40 7.91
N ILE A 61 -31.01 -18.84 8.94
CA ILE A 61 -32.25 -19.34 9.52
C ILE A 61 -33.33 -18.29 9.29
N HIS A 62 -34.55 -18.74 8.99
CA HIS A 62 -35.68 -17.85 8.76
C HIS A 62 -36.64 -17.94 9.93
N MET A 63 -36.87 -16.82 10.60
CA MET A 63 -37.77 -16.73 11.75
C MET A 63 -39.01 -15.95 11.31
N TYR A 64 -40.17 -16.63 11.30
CA TYR A 64 -41.44 -15.98 10.94
C TYR A 64 -42.22 -15.63 12.21
N ILE A 65 -42.49 -14.33 12.41
CA ILE A 65 -43.08 -13.80 13.64
C ILE A 65 -44.49 -13.32 13.34
N ASN A 66 -45.49 -13.89 14.02
CA ASN A 66 -46.87 -13.39 14.09
C ASN A 66 -47.28 -13.57 15.55
N SER A 67 -46.92 -12.60 16.40
CA SER A 67 -47.06 -12.76 17.84
C SER A 67 -47.48 -11.45 18.48
N PRO A 68 -48.42 -11.49 19.43
CA PRO A 68 -48.78 -10.29 20.18
C PRO A 68 -47.85 -9.94 21.34
N GLY A 69 -46.86 -10.78 21.64
CA GLY A 69 -45.96 -10.54 22.77
C GLY A 69 -45.94 -11.66 23.78
N GLY A 70 -45.47 -11.38 25.00
CA GLY A 70 -45.47 -12.42 26.01
C GLY A 70 -44.52 -12.09 27.16
N VAL A 71 -44.11 -13.17 27.84
CA VAL A 71 -43.24 -13.06 29.01
C VAL A 71 -41.90 -12.46 28.61
N VAL A 72 -41.48 -11.42 29.35
CA VAL A 72 -40.28 -10.69 29.00
C VAL A 72 -39.04 -11.59 29.10
N THR A 73 -38.94 -12.37 30.20
CA THR A 73 -37.75 -13.20 30.34
C THR A 73 -37.71 -14.27 29.26
N ALA A 74 -38.88 -14.82 28.89
CA ALA A 74 -38.96 -15.79 27.81
C ALA A 74 -38.54 -15.17 26.48
N GLY A 75 -39.03 -13.97 26.19
CA GLY A 75 -38.58 -13.28 24.98
C GLY A 75 -37.10 -12.96 25.04
N LEU A 76 -36.60 -12.58 26.20
CA LEU A 76 -35.17 -12.30 26.29
C LEU A 76 -34.35 -13.57 26.07
N ALA A 77 -34.89 -14.72 26.51
CA ALA A 77 -34.22 -15.99 26.30
C ALA A 77 -34.05 -16.26 24.80
N ILE A 78 -35.12 -16.07 24.01
CA ILE A 78 -35.02 -16.21 22.56
C ILE A 78 -34.03 -15.20 21.99
N TYR A 79 -34.14 -13.92 22.41
CA TYR A 79 -33.24 -12.88 21.95
C TYR A 79 -31.78 -13.28 22.16
N ASP A 80 -31.46 -13.78 23.36
CA ASP A 80 -30.09 -14.15 23.68
C ASP A 80 -29.62 -15.32 22.82
N THR A 81 -30.51 -16.29 22.59
CA THR A 81 -30.13 -17.40 21.73
C THR A 81 -29.90 -16.94 20.30
N MET A 82 -30.72 -16.00 19.82
CA MET A 82 -30.52 -15.42 18.49
C MET A 82 -29.15 -14.76 18.39
N GLN A 83 -28.76 -14.00 19.42
CA GLN A 83 -27.45 -13.36 19.40
C GLN A 83 -26.32 -14.39 19.51
N TYR A 84 -26.58 -15.51 20.21
CA TYR A 84 -25.54 -16.49 20.49
C TYR A 84 -25.15 -17.27 19.25
N ILE A 85 -26.12 -17.85 18.54
CA ILE A 85 -25.76 -18.69 17.40
C ILE A 85 -25.05 -17.86 16.34
N LEU A 86 -24.28 -18.55 15.51
CA LEU A 86 -23.50 -17.90 14.48
C LEU A 86 -24.31 -17.62 13.24
N ASN A 87 -25.51 -18.19 13.13
CA ASN A 87 -26.21 -18.13 11.87
C ASN A 87 -26.77 -16.73 11.64
N PRO A 88 -26.76 -16.26 10.39
CA PRO A 88 -27.60 -15.11 10.04
C PRO A 88 -29.05 -15.50 10.23
N ILE A 89 -29.86 -14.56 10.71
CA ILE A 89 -31.28 -14.81 10.92
C ILE A 89 -32.08 -13.77 10.14
N CYS A 90 -32.92 -14.24 9.21
CA CYS A 90 -33.94 -13.39 8.59
C CYS A 90 -35.18 -13.41 9.45
N THR A 91 -35.65 -12.24 9.85
CA THR A 91 -36.92 -12.18 10.54
C THR A 91 -37.97 -11.64 9.57
N TRP A 92 -39.18 -12.19 9.65
CA TRP A 92 -40.32 -11.78 8.83
C TRP A 92 -41.51 -11.51 9.72
N CYS A 93 -42.06 -10.29 9.62
CA CYS A 93 -43.28 -9.96 10.33
C CYS A 93 -44.49 -10.23 9.44
N VAL A 94 -45.34 -11.16 9.85
CA VAL A 94 -46.56 -11.52 9.14
C VAL A 94 -47.71 -11.33 10.13
N GLY A 95 -48.75 -10.59 9.73
CA GLY A 95 -49.82 -10.25 10.64
C GLY A 95 -49.45 -9.15 11.62
N GLN A 96 -48.71 -9.49 12.67
CA GLN A 96 -48.25 -8.47 13.61
C GLN A 96 -47.03 -8.97 14.36
N ALA A 97 -46.32 -8.00 14.95
CA ALA A 97 -45.27 -8.23 15.94
C ALA A 97 -45.42 -7.11 16.96
N ALA A 98 -45.92 -7.46 18.15
CA ALA A 98 -46.20 -6.51 19.21
C ALA A 98 -45.40 -6.90 20.43
N SER A 99 -44.82 -5.90 21.10
CA SER A 99 -44.05 -6.07 22.33
C SER A 99 -42.87 -6.99 22.05
N MET A 100 -42.65 -8.07 22.82
CA MET A 100 -41.46 -8.88 22.63
C MET A 100 -41.38 -9.45 21.23
N GLY A 101 -42.52 -9.64 20.56
CA GLY A 101 -42.46 -10.09 19.18
C GLY A 101 -41.73 -9.10 18.28
N SER A 102 -42.03 -7.80 18.43
CA SER A 102 -41.32 -6.82 17.64
C SER A 102 -39.88 -6.65 18.13
N LEU A 103 -39.58 -7.05 19.37
CA LEU A 103 -38.20 -7.05 19.81
C LEU A 103 -37.39 -8.11 19.06
N LEU A 104 -37.96 -9.32 18.92
CA LEU A 104 -37.31 -10.37 18.13
C LEU A 104 -37.20 -9.96 16.67
N LEU A 105 -38.26 -9.37 16.12
CA LEU A 105 -38.26 -8.86 14.75
C LEU A 105 -37.10 -7.89 14.51
N ALA A 106 -36.93 -6.93 15.42
CA ALA A 106 -35.89 -5.93 15.26
C ALA A 106 -34.49 -6.49 15.50
N ALA A 107 -34.38 -7.67 16.10
CA ALA A 107 -33.09 -8.27 16.46
C ALA A 107 -32.53 -9.21 15.38
N GLY A 108 -33.18 -9.34 14.23
CA GLY A 108 -32.62 -10.12 13.14
C GLY A 108 -31.31 -9.53 12.60
N THR A 109 -30.67 -10.29 11.71
CA THR A 109 -29.41 -9.85 11.11
C THR A 109 -29.65 -8.56 10.34
N PRO A 110 -28.80 -7.55 10.51
CA PRO A 110 -28.98 -6.31 9.74
C PRO A 110 -29.06 -6.59 8.25
N GLY A 111 -30.01 -5.93 7.58
CA GLY A 111 -30.29 -6.18 6.17
C GLY A 111 -31.26 -7.32 5.89
N MET A 112 -31.61 -8.13 6.89
CA MET A 112 -32.51 -9.26 6.66
C MET A 112 -33.76 -9.19 7.55
N ARG A 113 -34.16 -7.99 7.99
CA ARG A 113 -35.37 -7.84 8.79
C ARG A 113 -36.49 -7.36 7.87
N HIS A 114 -37.59 -8.12 7.82
CA HIS A 114 -38.62 -7.93 6.81
C HIS A 114 -40.04 -7.89 7.39
N SER A 115 -40.94 -7.33 6.58
CA SER A 115 -42.36 -7.39 6.87
C SER A 115 -43.12 -7.61 5.57
N LEU A 116 -44.26 -8.28 5.66
CA LEU A 116 -45.21 -8.27 4.58
C LEU A 116 -46.01 -6.96 4.63
N PRO A 117 -46.69 -6.61 3.54
CA PRO A 117 -47.20 -5.22 3.44
C PRO A 117 -48.24 -4.81 4.48
N ASN A 118 -49.11 -5.72 4.94
CA ASN A 118 -50.19 -5.29 5.81
C ASN A 118 -49.95 -5.61 7.27
N SER A 119 -48.71 -5.87 7.68
CA SER A 119 -48.45 -6.18 9.07
C SER A 119 -48.52 -4.92 9.94
N ARG A 120 -48.69 -5.13 11.26
CA ARG A 120 -48.66 -4.06 12.24
C ARG A 120 -47.55 -4.36 13.26
N ILE A 121 -46.76 -3.35 13.61
CA ILE A 121 -45.62 -3.47 14.51
C ILE A 121 -45.82 -2.57 15.73
N MET A 122 -45.62 -3.10 16.93
CA MET A 122 -45.76 -2.32 18.15
C MET A 122 -44.58 -2.56 19.09
N ILE A 123 -43.94 -1.48 19.55
CA ILE A 123 -42.90 -1.58 20.57
C ILE A 123 -43.37 -1.16 21.95
N HIS A 124 -44.54 -0.51 22.04
CA HIS A 124 -45.17 -0.25 23.32
C HIS A 124 -45.35 -1.57 24.08
N GLN A 125 -45.07 -1.55 25.39
CA GLN A 125 -45.24 -2.76 26.15
C GLN A 125 -46.61 -2.78 26.84
N PRO A 126 -47.22 -3.95 27.05
CA PRO A 126 -48.55 -3.97 27.68
C PRO A 126 -48.46 -3.60 29.15
N SER A 127 -49.60 -3.23 29.70
CA SER A 127 -49.65 -2.94 31.12
C SER A 127 -50.09 -4.19 31.87
N ALA A 134 -46.77 -10.72 31.64
CA ALA A 134 -45.42 -10.33 31.21
C ALA A 134 -44.37 -10.80 32.23
N THR A 135 -44.86 -11.39 33.31
CA THR A 135 -44.02 -11.86 34.38
C THR A 135 -44.42 -13.30 34.73
N ASP A 136 -43.41 -14.15 34.92
CA ASP A 136 -43.65 -15.52 35.38
C ASP A 136 -44.17 -15.54 36.81
N ILE A 137 -43.47 -14.86 37.71
CA ILE A 137 -43.93 -14.65 39.08
C ILE A 137 -44.10 -13.15 39.30
N ALA A 138 -44.82 -12.79 40.37
CA ALA A 138 -45.00 -11.38 40.71
C ALA A 138 -43.67 -10.77 41.15
N ILE A 139 -43.39 -9.55 40.70
CA ILE A 139 -42.10 -8.93 40.96
C ILE A 139 -42.29 -7.51 41.47
N GLN A 140 -41.21 -6.94 41.99
CA GLN A 140 -41.17 -5.61 42.58
C GLN A 140 -41.04 -4.52 41.52
N ALA A 141 -41.22 -3.27 41.85
CA ALA A 141 -41.16 -2.18 40.85
C ALA A 141 -39.78 -1.95 40.23
N GLU A 142 -38.75 -2.01 41.04
CA GLU A 142 -37.41 -1.80 40.56
C GLU A 142 -37.03 -2.83 39.53
N GLU A 143 -37.50 -4.04 39.72
CA GLU A 143 -37.24 -5.11 38.78
C GLU A 143 -37.89 -4.93 37.42
N ILE A 144 -39.14 -4.51 37.43
CA ILE A 144 -39.80 -4.26 36.18
C ILE A 144 -39.09 -3.12 35.49
N MET A 145 -38.59 -2.17 36.25
CA MET A 145 -37.92 -1.04 35.67
C MET A 145 -36.65 -1.48 35.01
N LYS A 146 -35.94 -2.38 35.66
CA LYS A 146 -34.73 -2.91 35.12
C LYS A 146 -34.99 -3.66 33.82
N LEU A 147 -36.06 -4.42 33.79
CA LEU A 147 -36.40 -5.13 32.58
C LEU A 147 -36.74 -4.16 31.45
N LYS A 148 -37.47 -3.11 31.76
CA LYS A 148 -37.83 -2.13 30.76
C LYS A 148 -36.59 -1.46 30.21
N LYS A 149 -35.62 -1.23 31.07
CA LYS A 149 -34.38 -0.60 30.66
C LYS A 149 -33.57 -1.52 29.77
N GLN A 150 -33.58 -2.81 30.07
CA GLN A 150 -32.90 -3.76 29.23
C GLN A 150 -33.55 -3.76 27.87
N LEU A 151 -34.86 -3.62 27.86
CA LEU A 151 -35.58 -3.56 26.60
C LEU A 151 -35.28 -2.31 25.80
N TYR A 152 -35.14 -1.19 26.47
CA TYR A 152 -34.80 0.04 25.82
C TYR A 152 -33.44 -0.05 25.19
N ASN A 153 -32.53 -0.73 25.85
CA ASN A 153 -31.18 -0.81 25.35
C ASN A 153 -31.07 -1.75 24.16
N ILE A 154 -31.84 -2.83 24.18
CA ILE A 154 -31.87 -3.75 23.04
C ILE A 154 -32.46 -3.05 21.82
N TYR A 155 -33.60 -2.36 22.01
CA TYR A 155 -34.17 -1.61 20.89
C TYR A 155 -33.21 -0.54 20.39
N ALA A 156 -32.55 0.17 21.31
CA ALA A 156 -31.58 1.17 20.88
C ALA A 156 -30.46 0.54 20.06
N LYS A 157 -29.96 -0.62 20.51
CA LYS A 157 -28.84 -1.28 19.82
C LYS A 157 -29.20 -1.64 18.37
N HIS A 158 -30.36 -2.26 18.14
CA HIS A 158 -30.65 -2.80 16.82
C HIS A 158 -31.39 -1.83 15.92
N THR A 159 -32.09 -0.85 16.46
CA THR A 159 -32.71 0.19 15.63
C THR A 159 -31.78 1.36 15.40
N LYS A 160 -30.73 1.48 16.20
CA LYS A 160 -29.71 2.54 16.16
C LYS A 160 -30.26 3.90 16.56
N GLN A 161 -31.44 3.97 17.17
CA GLN A 161 -31.95 5.19 17.76
C GLN A 161 -31.37 5.39 19.14
N SER A 162 -31.56 6.59 19.68
CA SER A 162 -31.09 6.95 21.00
C SER A 162 -32.09 6.53 22.07
N LEU A 163 -31.60 6.41 23.30
CA LEU A 163 -32.47 6.03 24.40
C LEU A 163 -33.69 6.95 24.53
N GLN A 164 -33.50 8.27 24.43
CA GLN A 164 -34.64 9.17 24.62
C GLN A 164 -35.73 8.92 23.57
N VAL A 165 -35.33 8.69 22.32
CA VAL A 165 -36.28 8.42 21.25
C VAL A 165 -37.04 7.12 21.49
N ILE A 166 -36.34 6.07 21.97
CA ILE A 166 -36.97 4.78 22.21
C ILE A 166 -37.98 4.89 23.34
N GLU A 167 -37.59 5.54 24.43
CA GLU A 167 -38.49 5.65 25.59
C GLU A 167 -39.74 6.47 25.24
N SER A 168 -39.58 7.56 24.49
CA SER A 168 -40.74 8.33 24.10
C SER A 168 -41.61 7.52 23.15
N ALA A 169 -40.98 6.81 22.22
CA ALA A 169 -41.74 6.01 21.27
C ALA A 169 -42.52 4.91 21.98
N MET A 170 -41.88 4.23 22.95
CA MET A 170 -42.55 3.13 23.65
C MET A 170 -43.65 3.60 24.60
N GLU A 171 -43.73 4.90 24.85
CA GLU A 171 -44.81 5.46 25.65
C GLU A 171 -46.11 5.56 24.88
N ARG A 172 -46.05 5.58 23.56
CA ARG A 172 -47.23 5.75 22.73
C ARG A 172 -47.88 4.39 22.50
N ASP A 173 -49.13 4.28 22.93
CA ASP A 173 -49.94 3.07 22.77
C ASP A 173 -50.45 3.07 21.34
N ARG A 174 -49.65 2.51 20.44
CA ARG A 174 -49.98 2.57 19.02
C ARG A 174 -49.14 1.53 18.31
N TYR A 175 -49.58 1.20 17.09
CA TYR A 175 -48.88 0.33 16.18
C TYR A 175 -48.27 1.17 15.07
N MET A 176 -47.26 0.60 14.42
CA MET A 176 -46.60 1.17 13.27
C MET A 176 -46.97 0.40 12.00
N SER A 177 -46.91 1.09 10.87
CA SER A 177 -47.00 0.42 9.59
C SER A 177 -45.64 -0.20 9.26
N PRO A 178 -45.59 -1.14 8.33
CA PRO A 178 -44.28 -1.68 7.95
C PRO A 178 -43.29 -0.60 7.49
N MET A 179 -43.75 0.46 6.81
CA MET A 179 -42.79 1.48 6.39
C MET A 179 -42.35 2.38 7.54
N GLU A 180 -43.27 2.69 8.47
CA GLU A 180 -42.86 3.42 9.67
C GLU A 180 -41.80 2.65 10.43
N ALA A 181 -42.03 1.35 10.62
CA ALA A 181 -41.06 0.52 11.33
C ALA A 181 -39.74 0.45 10.59
N GLN A 182 -39.79 0.46 9.24
CA GLN A 182 -38.57 0.53 8.45
C GLN A 182 -37.80 1.83 8.72
N GLU A 183 -38.49 2.98 8.67
CA GLU A 183 -37.78 4.24 8.89
C GLU A 183 -37.26 4.38 10.31
N PHE A 184 -37.90 3.72 11.27
CA PHE A 184 -37.48 3.77 12.66
C PHE A 184 -36.27 2.88 12.94
N GLY A 185 -35.99 1.91 12.07
CA GLY A 185 -34.92 1.00 12.31
C GLY A 185 -35.33 -0.33 12.88
N ILE A 186 -36.64 -0.61 12.97
CA ILE A 186 -37.06 -1.93 13.45
C ILE A 186 -36.85 -2.98 12.37
N LEU A 187 -37.00 -2.62 11.11
CA LEU A 187 -36.78 -3.59 10.05
C LEU A 187 -36.12 -2.90 8.85
N ASP A 188 -35.70 -3.73 7.89
CA ASP A 188 -34.91 -3.28 6.74
C ASP A 188 -35.69 -3.20 5.44
N LYS A 189 -36.60 -4.14 5.15
CA LYS A 189 -37.26 -4.16 3.86
C LYS A 189 -38.71 -4.59 3.99
N VAL A 190 -39.60 -3.94 3.25
CA VAL A 190 -40.99 -4.34 3.15
C VAL A 190 -41.23 -4.95 1.77
N LEU A 191 -41.53 -6.24 1.74
CA LEU A 191 -41.63 -6.99 0.49
C LEU A 191 -43.06 -7.42 0.23
N VAL A 192 -43.39 -7.54 -1.06
CA VAL A 192 -44.70 -7.94 -1.54
C VAL A 192 -44.61 -9.21 -2.37
N HIS A 193 -43.44 -9.44 -3.00
CA HIS A 193 -43.25 -10.64 -3.82
C HIS A 193 -41.86 -11.25 -3.71
N LEU B 4 -3.88 9.11 -8.92
CA LEU B 4 -4.33 7.76 -9.17
C LEU B 4 -5.69 7.51 -8.55
N ILE B 5 -5.73 7.44 -7.22
CA ILE B 5 -6.95 7.06 -6.49
C ILE B 5 -7.69 8.34 -6.09
N PRO B 6 -8.95 8.51 -6.51
CA PRO B 6 -9.66 9.76 -6.22
C PRO B 6 -10.13 9.85 -4.78
N ILE B 7 -10.43 11.10 -4.39
CA ILE B 7 -11.02 11.42 -3.09
C ILE B 7 -12.51 11.70 -3.31
N VAL B 8 -13.35 11.21 -2.41
CA VAL B 8 -14.78 11.50 -2.43
C VAL B 8 -15.14 12.06 -1.07
N VAL B 9 -16.21 12.85 -1.05
CA VAL B 9 -16.71 13.44 0.20
C VAL B 9 -18.07 12.87 0.61
N GLU B 16 -18.38 16.68 4.70
CA GLU B 16 -17.94 16.56 6.09
C GLU B 16 -16.70 15.70 6.21
N ARG B 17 -16.69 14.54 5.56
CA ARG B 17 -15.54 13.65 5.59
C ARG B 17 -15.05 13.38 4.17
N ALA B 18 -13.73 13.24 4.04
CA ALA B 18 -13.06 12.98 2.78
C ALA B 18 -12.46 11.60 2.85
N TYR B 19 -12.64 10.81 1.78
CA TYR B 19 -12.11 9.46 1.70
C TYR B 19 -11.45 9.23 0.35
N ASP B 20 -10.39 8.44 0.34
CA ASP B 20 -10.05 7.81 -0.90
C ASP B 20 -11.15 6.79 -1.21
N ILE B 21 -11.44 6.58 -2.50
CA ILE B 21 -12.62 5.79 -2.87
C ILE B 21 -12.54 4.37 -2.29
N TYR B 22 -11.34 3.82 -2.09
CA TYR B 22 -11.28 2.47 -1.53
C TYR B 22 -11.62 2.49 -0.06
N SER B 23 -11.15 3.50 0.67
CA SER B 23 -11.56 3.63 2.06
C SER B 23 -13.06 3.85 2.19
N ARG B 24 -13.67 4.53 1.22
CA ARG B 24 -15.12 4.73 1.29
C ARG B 24 -15.84 3.42 1.06
N LEU B 25 -15.31 2.55 0.21
CA LEU B 25 -15.90 1.24 0.00
C LEU B 25 -15.82 0.40 1.26
N LEU B 26 -14.69 0.47 1.98
CA LEU B 26 -14.57 -0.25 3.25
C LEU B 26 -15.55 0.29 4.27
N ARG B 27 -15.93 1.57 4.14
CA ARG B 27 -16.97 2.10 4.99
C ARG B 27 -18.33 1.48 4.68
N GLU B 28 -18.56 1.05 3.44
CA GLU B 28 -19.77 0.30 3.12
C GLU B 28 -19.67 -1.15 3.53
N ARG B 29 -18.59 -1.53 4.22
CA ARG B 29 -18.34 -2.92 4.54
C ARG B 29 -18.07 -3.75 3.28
N ILE B 30 -17.45 -3.14 2.27
CA ILE B 30 -17.01 -3.85 1.06
C ILE B 30 -15.52 -4.14 1.16
N VAL B 31 -15.15 -5.38 0.89
CA VAL B 31 -13.74 -5.77 0.80
C VAL B 31 -13.49 -6.26 -0.62
N CYS B 32 -12.49 -5.70 -1.27
CA CYS B 32 -12.10 -6.14 -2.61
C CYS B 32 -11.01 -7.21 -2.52
N VAL B 33 -11.18 -8.29 -3.28
CA VAL B 33 -10.13 -9.28 -3.47
C VAL B 33 -9.88 -9.33 -4.96
N MET B 34 -9.08 -8.37 -5.44
CA MET B 34 -8.83 -8.19 -6.87
C MET B 34 -7.36 -8.42 -7.17
N GLY B 35 -7.07 -9.20 -8.20
CA GLY B 35 -5.72 -9.46 -8.59
C GLY B 35 -5.18 -10.69 -7.90
N PRO B 36 -3.93 -11.03 -8.14
CA PRO B 36 -3.37 -12.26 -7.58
C PRO B 36 -3.32 -12.19 -6.05
N ILE B 37 -3.48 -13.34 -5.42
CA ILE B 37 -3.52 -13.43 -3.97
C ILE B 37 -2.15 -13.86 -3.47
N ASP B 38 -1.52 -13.02 -2.65
CA ASP B 38 -0.34 -13.46 -1.91
C ASP B 38 -0.49 -13.06 -0.44
N ASP B 39 0.57 -13.25 0.34
CA ASP B 39 0.49 -13.00 1.77
C ASP B 39 0.10 -11.57 2.04
N SER B 40 0.60 -10.66 1.21
CA SER B 40 0.30 -9.25 1.39
C SER B 40 -1.18 -8.97 1.14
N VAL B 41 -1.74 -9.61 0.12
CA VAL B 41 -3.18 -9.50 -0.13
C VAL B 41 -3.96 -10.10 1.03
N ALA B 42 -3.51 -11.27 1.52
CA ALA B 42 -4.18 -11.95 2.62
C ALA B 42 -4.13 -11.13 3.92
N SER B 43 -2.99 -10.50 4.21
CA SER B 43 -2.88 -9.64 5.38
C SER B 43 -3.88 -8.49 5.32
N LEU B 44 -3.96 -7.83 4.15
CA LEU B 44 -4.90 -6.73 3.99
C LEU B 44 -6.36 -7.18 4.09
N VAL B 45 -6.70 -8.30 3.44
CA VAL B 45 -8.08 -8.77 3.50
C VAL B 45 -8.44 -9.14 4.94
N ILE B 46 -7.54 -9.86 5.62
CA ILE B 46 -7.83 -10.29 6.99
C ILE B 46 -7.95 -9.09 7.91
N ALA B 47 -7.07 -8.11 7.73
CA ALA B 47 -7.15 -6.91 8.54
C ALA B 47 -8.52 -6.28 8.41
N GLN B 48 -9.05 -6.21 7.18
CA GLN B 48 -10.35 -5.59 6.97
C GLN B 48 -11.48 -6.43 7.53
N LEU B 49 -11.39 -7.76 7.37
CA LEU B 49 -12.45 -8.63 7.88
C LEU B 49 -12.54 -8.52 9.40
N LEU B 50 -11.40 -8.57 10.10
CA LEU B 50 -11.42 -8.43 11.56
C LEU B 50 -11.96 -7.06 11.97
N PHE B 51 -11.59 -6.01 11.22
CA PHE B 51 -12.08 -4.68 11.51
C PHE B 51 -13.59 -4.59 11.32
N LEU B 52 -14.08 -5.08 10.18
CA LEU B 52 -15.50 -4.98 9.85
C LEU B 52 -16.34 -5.75 10.88
N GLN B 53 -15.81 -6.87 11.37
CA GLN B 53 -16.49 -7.62 12.42
C GLN B 53 -16.57 -6.80 13.71
N SER B 54 -15.51 -6.07 14.04
CA SER B 54 -15.52 -5.31 15.28
C SER B 54 -16.50 -4.15 15.24
N GLU B 55 -16.77 -3.61 14.04
CA GLU B 55 -17.78 -2.55 13.93
C GLU B 55 -19.18 -3.10 14.15
N SER B 56 -19.40 -4.36 13.77
CA SER B 56 -20.65 -5.09 13.94
C SER B 56 -20.41 -6.54 13.56
N ASN B 57 -20.59 -7.47 14.47
CA ASN B 57 -20.29 -8.86 14.13
C ASN B 57 -21.48 -9.61 13.57
N LYS B 58 -22.60 -8.93 13.34
CA LYS B 58 -23.73 -9.52 12.65
C LYS B 58 -24.01 -8.87 11.31
N LYS B 59 -23.50 -7.66 11.06
CA LYS B 59 -23.81 -7.01 9.79
C LYS B 59 -23.09 -7.70 8.64
N PRO B 60 -23.78 -7.93 7.52
CA PRO B 60 -23.12 -8.60 6.38
C PRO B 60 -21.95 -7.77 5.84
N ILE B 61 -20.97 -8.50 5.29
CA ILE B 61 -19.81 -7.97 4.61
C ILE B 61 -19.89 -8.40 3.16
N HIS B 62 -19.51 -7.50 2.24
CA HIS B 62 -19.49 -7.79 0.82
C HIS B 62 -18.05 -7.91 0.33
N MET B 63 -17.70 -9.08 -0.19
CA MET B 63 -16.38 -9.39 -0.72
C MET B 63 -16.48 -9.44 -2.24
N TYR B 64 -15.85 -8.48 -2.93
CA TYR B 64 -15.86 -8.41 -4.39
C TYR B 64 -14.59 -9.05 -4.93
N ILE B 65 -14.75 -10.11 -5.74
CA ILE B 65 -13.63 -10.93 -6.20
C ILE B 65 -13.50 -10.79 -7.72
N ASN B 66 -12.32 -10.34 -8.15
CA ASN B 66 -11.88 -10.40 -9.55
C ASN B 66 -10.41 -10.83 -9.49
N SER B 67 -10.16 -12.15 -9.47
CA SER B 67 -8.82 -12.65 -9.22
C SER B 67 -8.49 -13.90 -10.03
N PRO B 68 -7.28 -13.97 -10.57
CA PRO B 68 -6.83 -15.20 -11.25
C PRO B 68 -6.31 -16.29 -10.33
N GLY B 69 -6.24 -16.05 -9.01
CA GLY B 69 -5.71 -17.03 -8.08
C GLY B 69 -4.52 -16.51 -7.31
N GLY B 70 -3.71 -17.40 -6.74
CA GLY B 70 -2.54 -16.97 -6.02
C GLY B 70 -2.04 -18.07 -5.11
N VAL B 71 -1.27 -17.64 -4.10
CA VAL B 71 -0.67 -18.56 -3.14
C VAL B 71 -1.75 -19.33 -2.39
N VAL B 72 -1.59 -20.65 -2.33
CA VAL B 72 -2.61 -21.48 -1.68
C VAL B 72 -2.72 -21.15 -0.18
N THR B 73 -1.59 -21.05 0.51
CA THR B 73 -1.66 -20.80 1.95
C THR B 73 -2.23 -19.43 2.23
N ALA B 74 -1.90 -18.45 1.37
CA ALA B 74 -2.49 -17.13 1.50
C ALA B 74 -4.02 -17.20 1.30
N GLY B 75 -4.46 -17.96 0.28
CA GLY B 75 -5.88 -18.13 0.07
C GLY B 75 -6.57 -18.87 1.21
N LEU B 76 -5.91 -19.90 1.74
CA LEU B 76 -6.50 -20.60 2.89
C LEU B 76 -6.59 -19.70 4.12
N ALA B 77 -5.63 -18.79 4.29
CA ALA B 77 -5.68 -17.86 5.40
C ALA B 77 -6.94 -16.99 5.32
N ILE B 78 -7.25 -16.48 4.12
CA ILE B 78 -8.48 -15.72 3.93
C ILE B 78 -9.70 -16.61 4.17
N TYR B 79 -9.69 -17.82 3.60
CA TYR B 79 -10.80 -18.75 3.78
C TYR B 79 -11.10 -18.97 5.27
N ASP B 80 -10.05 -19.21 6.06
CA ASP B 80 -10.23 -19.48 7.48
C ASP B 80 -10.72 -18.24 8.22
N THR B 81 -10.21 -17.08 7.84
CA THR B 81 -10.69 -15.85 8.46
C THR B 81 -12.15 -15.62 8.12
N MET B 82 -12.56 -15.94 6.89
CA MET B 82 -13.97 -15.88 6.50
C MET B 82 -14.82 -16.81 7.36
N GLN B 83 -14.35 -18.04 7.57
CA GLN B 83 -15.08 -18.97 8.40
C GLN B 83 -15.09 -18.53 9.86
N TYR B 84 -14.00 -17.89 10.31
CA TYR B 84 -13.87 -17.54 11.72
C TYR B 84 -14.84 -16.43 12.12
N ILE B 85 -14.83 -15.31 11.40
CA ILE B 85 -15.66 -14.20 11.83
C ILE B 85 -17.12 -14.63 11.83
N LEU B 86 -17.93 -13.90 12.58
CA LEU B 86 -19.33 -14.22 12.75
C LEU B 86 -20.20 -13.66 11.63
N ASN B 87 -19.68 -12.75 10.81
CA ASN B 87 -20.53 -12.04 9.88
C ASN B 87 -20.95 -12.95 8.74
N PRO B 88 -22.18 -12.81 8.26
CA PRO B 88 -22.53 -13.35 6.95
C PRO B 88 -21.72 -12.61 5.91
N ILE B 89 -21.25 -13.34 4.90
CA ILE B 89 -20.43 -12.78 3.84
C ILE B 89 -21.13 -13.02 2.51
N CYS B 90 -21.43 -11.94 1.78
CA CYS B 90 -21.83 -12.03 0.37
C CYS B 90 -20.58 -12.00 -0.50
N THR B 91 -20.45 -12.98 -1.37
CA THR B 91 -19.38 -12.97 -2.35
C THR B 91 -19.94 -12.58 -3.71
N TRP B 92 -19.11 -11.86 -4.48
CA TRP B 92 -19.42 -11.44 -5.84
C TRP B 92 -18.24 -11.78 -6.76
N CYS B 93 -18.53 -12.52 -7.83
CA CYS B 93 -17.54 -12.76 -8.89
C CYS B 93 -17.72 -11.72 -10.01
N VAL B 94 -16.69 -10.90 -10.20
CA VAL B 94 -16.67 -9.81 -11.18
C VAL B 94 -15.49 -10.06 -12.12
N GLY B 95 -15.74 -10.11 -13.42
CA GLY B 95 -14.64 -10.48 -14.27
C GLY B 95 -14.31 -11.97 -14.24
N GLN B 96 -13.64 -12.41 -13.18
CA GLN B 96 -13.33 -13.83 -13.06
C GLN B 96 -13.06 -14.20 -11.61
N ALA B 97 -13.12 -15.50 -11.33
CA ALA B 97 -12.61 -16.10 -10.09
C ALA B 97 -11.99 -17.43 -10.48
N ALA B 98 -10.65 -17.50 -10.47
CA ALA B 98 -9.95 -18.71 -10.91
C ALA B 98 -9.08 -19.22 -9.78
N SER B 99 -9.07 -20.55 -9.60
CA SER B 99 -8.25 -21.21 -8.59
C SER B 99 -8.64 -20.71 -7.20
N MET B 100 -7.70 -20.18 -6.40
CA MET B 100 -8.03 -19.75 -5.05
C MET B 100 -9.09 -18.66 -5.03
N GLY B 101 -9.20 -17.87 -6.10
CA GLY B 101 -10.28 -16.90 -6.17
C GLY B 101 -11.65 -17.56 -6.17
N SER B 102 -11.81 -18.63 -6.94
CA SER B 102 -13.10 -19.30 -6.96
C SER B 102 -13.37 -20.07 -5.66
N LEU B 103 -12.31 -20.39 -4.89
CA LEU B 103 -12.55 -21.02 -3.59
C LEU B 103 -13.16 -20.04 -2.59
N LEU B 104 -12.65 -18.81 -2.56
CA LEU B 104 -13.24 -17.79 -1.70
C LEU B 104 -14.67 -17.49 -2.13
N LEU B 105 -14.89 -17.41 -3.45
CA LEU B 105 -16.24 -17.18 -3.97
C LEU B 105 -17.22 -18.23 -3.45
N ALA B 106 -16.86 -19.51 -3.58
CA ALA B 106 -17.75 -20.58 -3.16
C ALA B 106 -17.89 -20.65 -1.64
N ALA B 107 -17.00 -19.97 -0.89
CA ALA B 107 -16.97 -20.03 0.57
C ALA B 107 -17.79 -18.93 1.24
N GLY B 108 -18.46 -18.07 0.48
CA GLY B 108 -19.36 -17.13 1.08
C GLY B 108 -20.55 -17.83 1.72
N THR B 109 -21.34 -17.01 2.43
CA THR B 109 -22.49 -17.51 3.17
C THR B 109 -23.47 -18.19 2.21
N PRO B 110 -23.99 -19.36 2.54
CA PRO B 110 -24.96 -20.02 1.66
C PRO B 110 -26.10 -19.06 1.31
N GLY B 111 -26.47 -19.05 0.02
CA GLY B 111 -27.48 -18.16 -0.48
C GLY B 111 -26.99 -16.78 -0.86
N MET B 112 -25.75 -16.43 -0.51
CA MET B 112 -25.24 -15.09 -0.78
C MET B 112 -24.00 -15.09 -1.68
N ARG B 113 -23.81 -16.14 -2.47
CA ARG B 113 -22.71 -16.24 -3.41
C ARG B 113 -23.23 -15.86 -4.80
N HIS B 114 -22.62 -14.85 -5.41
CA HIS B 114 -23.16 -14.23 -6.61
C HIS B 114 -22.14 -14.14 -7.74
N SER B 115 -22.65 -13.96 -8.95
CA SER B 115 -21.81 -13.65 -10.09
C SER B 115 -22.53 -12.63 -10.96
N LEU B 116 -21.74 -11.79 -11.59
CA LEU B 116 -22.23 -10.96 -12.65
C LEU B 116 -22.32 -11.79 -13.93
N PRO B 117 -23.08 -11.34 -14.94
CA PRO B 117 -23.44 -12.24 -16.05
C PRO B 117 -22.27 -12.72 -16.92
N ASN B 118 -21.22 -11.91 -17.14
CA ASN B 118 -20.17 -12.28 -18.07
C ASN B 118 -18.92 -12.79 -17.38
N SER B 119 -19.02 -13.17 -16.11
CA SER B 119 -17.86 -13.64 -15.40
C SER B 119 -17.45 -15.04 -15.90
N ARG B 120 -16.20 -15.39 -15.59
CA ARG B 120 -15.66 -16.73 -15.83
C ARG B 120 -15.18 -17.25 -14.49
N ILE B 121 -15.48 -18.53 -14.19
CA ILE B 121 -15.15 -19.15 -12.91
C ILE B 121 -14.31 -20.40 -13.18
N MET B 122 -13.19 -20.53 -12.49
CA MET B 122 -12.34 -21.71 -12.64
C MET B 122 -11.94 -22.30 -11.30
N ILE B 123 -12.15 -23.62 -11.15
CA ILE B 123 -11.70 -24.35 -9.95
C ILE B 123 -10.46 -25.21 -10.22
N HIS B 124 -10.08 -25.40 -11.48
CA HIS B 124 -8.81 -26.03 -11.82
C HIS B 124 -7.66 -25.25 -11.21
N GLN B 125 -6.65 -25.99 -10.68
CA GLN B 125 -5.51 -25.25 -10.15
C GLN B 125 -4.39 -25.17 -11.18
N PRO B 126 -3.58 -24.11 -11.15
CA PRO B 126 -2.50 -23.98 -12.14
C PRO B 126 -1.39 -24.99 -11.91
N SER B 127 -0.60 -25.21 -12.94
CA SER B 127 0.55 -26.08 -12.80
C SER B 127 1.78 -25.24 -12.46
N ALA B 134 1.60 -19.47 -6.64
CA ALA B 134 2.27 -20.77 -6.51
C ALA B 134 2.57 -21.19 -5.05
N THR B 135 3.86 -21.17 -4.69
CA THR B 135 4.34 -21.60 -3.38
C THR B 135 5.25 -20.53 -2.80
N ASP B 136 5.10 -20.28 -1.49
CA ASP B 136 5.97 -19.34 -0.79
C ASP B 136 7.42 -19.83 -0.76
N ILE B 137 7.63 -21.04 -0.26
CA ILE B 137 8.90 -21.73 -0.39
C ILE B 137 8.64 -23.00 -1.18
N ALA B 138 9.71 -23.57 -1.73
CA ALA B 138 9.58 -24.83 -2.46
C ALA B 138 9.21 -25.94 -1.50
N ILE B 139 8.31 -26.83 -1.94
CA ILE B 139 7.76 -27.88 -1.08
C ILE B 139 7.86 -29.22 -1.80
N GLN B 140 7.65 -30.29 -1.03
CA GLN B 140 7.71 -31.66 -1.50
C GLN B 140 6.40 -32.10 -2.17
N ALA B 141 6.46 -33.25 -2.85
CA ALA B 141 5.30 -33.79 -3.56
C ALA B 141 4.21 -34.21 -2.58
N GLU B 142 4.59 -34.75 -1.44
CA GLU B 142 3.60 -35.08 -0.41
C GLU B 142 2.91 -33.83 0.11
N GLU B 143 3.64 -32.71 0.16
CA GLU B 143 3.05 -31.49 0.69
C GLU B 143 2.08 -30.86 -0.29
N ILE B 144 2.43 -30.79 -1.57
CA ILE B 144 1.49 -30.25 -2.54
C ILE B 144 0.24 -31.12 -2.61
N MET B 145 0.37 -32.45 -2.42
CA MET B 145 -0.83 -33.28 -2.41
C MET B 145 -1.67 -33.01 -1.17
N LYS B 146 -1.03 -32.77 -0.03
CA LYS B 146 -1.80 -32.43 1.15
C LYS B 146 -2.62 -31.17 0.89
N LEU B 147 -2.00 -30.17 0.27
CA LEU B 147 -2.71 -28.94 -0.05
C LEU B 147 -3.83 -29.19 -1.04
N LYS B 148 -3.56 -29.99 -2.07
CA LYS B 148 -4.58 -30.28 -3.08
C LYS B 148 -5.79 -30.98 -2.46
N LYS B 149 -5.56 -31.87 -1.49
CA LYS B 149 -6.65 -32.55 -0.78
C LYS B 149 -7.44 -31.59 0.10
N GLN B 150 -6.76 -30.62 0.72
CA GLN B 150 -7.51 -29.61 1.47
C GLN B 150 -8.43 -28.84 0.55
N LEU B 151 -7.97 -28.55 -0.67
CA LEU B 151 -8.81 -27.84 -1.63
C LEU B 151 -10.01 -28.70 -2.02
N TYR B 152 -9.78 -30.01 -2.21
CA TYR B 152 -10.86 -30.94 -2.49
C TYR B 152 -11.93 -30.87 -1.40
N ASN B 153 -11.50 -30.86 -0.14
CA ASN B 153 -12.44 -30.91 0.99
C ASN B 153 -13.24 -29.62 1.11
N ILE B 154 -12.59 -28.47 0.93
CA ILE B 154 -13.30 -27.19 1.03
C ILE B 154 -14.34 -27.07 -0.07
N TYR B 155 -13.97 -27.39 -1.31
CA TYR B 155 -14.94 -27.35 -2.41
C TYR B 155 -16.08 -28.35 -2.18
N ALA B 156 -15.75 -29.57 -1.74
CA ALA B 156 -16.79 -30.56 -1.47
C ALA B 156 -17.74 -30.02 -0.42
N LYS B 157 -17.19 -29.40 0.62
CA LYS B 157 -17.99 -28.85 1.71
C LYS B 157 -18.99 -27.82 1.20
N HIS B 158 -18.53 -26.86 0.39
CA HIS B 158 -19.37 -25.72 0.05
C HIS B 158 -20.19 -25.93 -1.22
N THR B 159 -19.76 -26.80 -2.14
CA THR B 159 -20.57 -27.08 -3.31
C THR B 159 -21.56 -28.20 -3.04
N LYS B 160 -21.32 -28.97 -1.98
CA LYS B 160 -22.10 -30.14 -1.58
C LYS B 160 -21.93 -31.28 -2.59
N GLN B 161 -20.93 -31.19 -3.46
CA GLN B 161 -20.54 -32.30 -4.31
C GLN B 161 -19.60 -33.22 -3.55
N SER B 162 -19.42 -34.41 -4.10
CA SER B 162 -18.58 -35.45 -3.54
C SER B 162 -17.13 -35.27 -3.95
N LEU B 163 -16.25 -35.92 -3.19
CA LEU B 163 -14.83 -35.87 -3.49
C LEU B 163 -14.55 -36.27 -4.93
N GLN B 164 -15.19 -37.34 -5.42
CA GLN B 164 -14.88 -37.79 -6.77
C GLN B 164 -15.29 -36.74 -7.81
N VAL B 165 -16.45 -36.11 -7.64
CA VAL B 165 -16.91 -35.10 -8.60
C VAL B 165 -15.98 -33.89 -8.61
N ILE B 166 -15.53 -33.44 -7.44
CA ILE B 166 -14.60 -32.31 -7.38
C ILE B 166 -13.28 -32.69 -8.01
N GLU B 167 -12.76 -33.88 -7.70
CA GLU B 167 -11.47 -34.30 -8.23
C GLU B 167 -11.50 -34.39 -9.77
N SER B 168 -12.59 -34.90 -10.33
CA SER B 168 -12.71 -34.93 -11.79
C SER B 168 -12.85 -33.53 -12.37
N ALA B 169 -13.63 -32.68 -11.71
CA ALA B 169 -13.83 -31.32 -12.22
C ALA B 169 -12.54 -30.51 -12.23
N MET B 170 -11.75 -30.58 -11.14
CA MET B 170 -10.53 -29.78 -11.09
C MET B 170 -9.45 -30.32 -12.03
N GLU B 171 -9.64 -31.51 -12.57
CA GLU B 171 -8.71 -32.04 -13.55
C GLU B 171 -8.95 -31.49 -14.94
N ARG B 172 -10.16 -31.01 -15.24
CA ARG B 172 -10.47 -30.45 -16.54
C ARG B 172 -10.06 -28.99 -16.53
N ASP B 173 -9.11 -28.64 -17.40
CA ASP B 173 -8.53 -27.30 -17.54
C ASP B 173 -9.47 -26.41 -18.35
N ARG B 174 -10.39 -25.73 -17.67
CA ARG B 174 -11.42 -24.97 -18.34
C ARG B 174 -12.08 -24.01 -17.35
N TYR B 175 -12.81 -23.03 -17.90
CA TYR B 175 -13.59 -22.09 -17.13
C TYR B 175 -15.06 -22.47 -17.20
N MET B 176 -15.81 -22.06 -16.18
CA MET B 176 -17.25 -22.25 -16.14
C MET B 176 -17.96 -20.93 -16.37
N SER B 177 -19.16 -21.01 -16.90
CA SER B 177 -20.00 -19.86 -16.98
C SER B 177 -20.63 -19.63 -15.61
N PRO B 178 -21.15 -18.42 -15.35
CA PRO B 178 -21.83 -18.20 -14.07
C PRO B 178 -22.97 -19.18 -13.83
N MET B 179 -23.66 -19.63 -14.87
CA MET B 179 -24.77 -20.56 -14.69
C MET B 179 -24.31 -21.99 -14.38
N GLU B 180 -23.24 -22.48 -15.04
CA GLU B 180 -22.67 -23.77 -14.66
C GLU B 180 -22.13 -23.76 -13.23
N ALA B 181 -21.43 -22.70 -12.85
CA ALA B 181 -20.91 -22.60 -11.50
C ALA B 181 -22.03 -22.59 -10.48
N GLN B 182 -23.15 -21.95 -10.84
CA GLN B 182 -24.34 -21.99 -9.98
C GLN B 182 -24.85 -23.43 -9.85
N GLU B 183 -25.05 -24.13 -10.98
CA GLU B 183 -25.51 -25.51 -10.96
C GLU B 183 -24.49 -26.47 -10.33
N PHE B 184 -23.20 -26.13 -10.38
CA PHE B 184 -22.19 -26.97 -9.74
C PHE B 184 -22.15 -26.77 -8.24
N GLY B 185 -22.74 -25.68 -7.74
CA GLY B 185 -22.70 -25.36 -6.32
C GLY B 185 -21.68 -24.32 -5.90
N ILE B 186 -20.98 -23.69 -6.85
CA ILE B 186 -20.02 -22.67 -6.48
C ILE B 186 -20.71 -21.37 -6.04
N LEU B 187 -21.86 -21.04 -6.63
CA LEU B 187 -22.55 -19.82 -6.25
C LEU B 187 -24.06 -20.05 -6.28
N ASP B 188 -24.81 -19.08 -5.76
CA ASP B 188 -26.24 -19.26 -5.56
C ASP B 188 -27.10 -18.53 -6.59
N LYS B 189 -26.70 -17.33 -7.03
CA LYS B 189 -27.50 -16.56 -7.97
C LYS B 189 -26.60 -15.79 -8.93
N VAL B 190 -27.04 -15.69 -10.20
CA VAL B 190 -26.41 -14.87 -11.23
C VAL B 190 -27.31 -13.66 -11.42
N LEU B 191 -26.82 -12.46 -11.07
CA LEU B 191 -27.67 -11.26 -11.06
C LEU B 191 -27.22 -10.27 -12.12
N VAL B 192 -28.18 -9.47 -12.60
CA VAL B 192 -27.93 -8.48 -13.65
C VAL B 192 -28.19 -7.06 -13.16
N HIS B 193 -29.07 -6.89 -12.15
CA HIS B 193 -29.36 -5.57 -11.53
C HIS B 193 -29.65 -5.66 -10.03
N LEU C 4 3.31 0.64 6.15
CA LEU C 4 4.57 0.00 6.54
C LEU C 4 4.89 0.37 7.99
N ILE C 5 5.05 1.66 8.28
CA ILE C 5 5.43 2.13 9.61
C ILE C 5 4.16 2.54 10.36
N PRO C 6 3.82 1.88 11.47
CA PRO C 6 2.57 2.21 12.16
C PRO C 6 2.64 3.51 12.96
N ILE C 7 1.45 4.08 13.20
CA ILE C 7 1.26 5.31 13.97
C ILE C 7 0.74 4.94 15.36
N VAL C 8 1.21 5.65 16.39
CA VAL C 8 0.76 5.41 17.75
C VAL C 8 0.29 6.69 18.41
N VAL C 9 -0.60 6.50 19.41
CA VAL C 9 -1.21 7.49 20.32
C VAL C 9 -1.79 8.68 19.56
N GLU C 16 -4.00 13.00 21.92
CA GLU C 16 -3.03 14.07 22.19
C GLU C 16 -2.06 14.29 21.02
N ARG C 17 -0.96 13.52 20.94
CA ARG C 17 0.00 13.64 19.85
C ARG C 17 0.18 12.28 19.17
N ALA C 18 0.46 12.31 17.86
CA ALA C 18 0.60 11.10 17.04
C ALA C 18 2.04 10.94 16.54
N TYR C 19 2.55 9.71 16.60
CA TYR C 19 3.92 9.42 16.15
C TYR C 19 3.94 8.19 15.29
N ASP C 20 4.83 8.20 14.31
CA ASP C 20 5.27 6.92 13.77
C ASP C 20 6.05 6.23 14.87
N ILE C 21 5.93 4.90 14.95
CA ILE C 21 6.45 4.19 16.12
C ILE C 21 7.94 4.48 16.34
N TYR C 22 8.70 4.73 15.27
CA TYR C 22 10.13 4.96 15.46
C TYR C 22 10.38 6.33 16.08
N SER C 23 9.62 7.34 15.64
CA SER C 23 9.73 8.64 16.29
C SER C 23 9.34 8.54 17.76
N ARG C 24 8.39 7.65 18.09
CA ARG C 24 8.02 7.45 19.48
C ARG C 24 9.14 6.78 20.26
N LEU C 25 9.86 5.85 19.63
CA LEU C 25 11.01 5.23 20.29
C LEU C 25 12.11 6.26 20.56
N LEU C 26 12.31 7.20 19.63
CA LEU C 26 13.29 8.26 19.87
C LEU C 26 12.84 9.18 20.98
N ARG C 27 11.53 9.37 21.14
CA ARG C 27 11.01 10.14 22.26
C ARG C 27 11.28 9.43 23.58
N GLU C 28 11.35 8.12 23.57
CA GLU C 28 11.75 7.35 24.74
C GLU C 28 13.27 7.38 24.98
N ARG C 29 14.01 8.16 24.18
CA ARG C 29 15.48 8.20 24.17
C ARG C 29 16.08 6.88 23.68
N ILE C 30 15.41 6.19 22.77
CA ILE C 30 15.92 4.97 22.13
C ILE C 30 16.44 5.32 20.74
N VAL C 31 17.65 4.86 20.42
CA VAL C 31 18.24 4.96 19.09
C VAL C 31 18.50 3.54 18.59
N CYS C 32 17.97 3.22 17.42
CA CYS C 32 18.20 1.90 16.82
C CYS C 32 19.39 1.90 15.88
N VAL C 33 20.25 0.88 16.01
CA VAL C 33 21.29 0.60 15.02
C VAL C 33 21.04 -0.80 14.51
N MET C 34 20.13 -0.93 13.55
CA MET C 34 19.73 -2.21 12.97
C MET C 34 20.16 -2.25 11.51
N GLY C 35 20.76 -3.35 11.09
CA GLY C 35 21.15 -3.50 9.72
C GLY C 35 22.55 -2.98 9.48
N PRO C 36 22.99 -3.02 8.23
CA PRO C 36 24.37 -2.63 7.93
C PRO C 36 24.58 -1.15 8.18
N ILE C 37 25.81 -0.81 8.56
CA ILE C 37 26.19 0.55 8.92
C ILE C 37 26.87 1.19 7.72
N ASP C 38 26.30 2.30 7.23
CA ASP C 38 26.95 3.12 6.23
C ASP C 38 26.85 4.59 6.62
N ASP C 39 27.28 5.50 5.74
CA ASP C 39 27.36 6.91 6.08
C ASP C 39 26.00 7.49 6.43
N SER C 40 24.96 7.08 5.73
CA SER C 40 23.63 7.61 6.05
C SER C 40 23.12 7.10 7.39
N VAL C 41 23.40 5.83 7.73
CA VAL C 41 23.09 5.33 9.07
C VAL C 41 23.84 6.13 10.12
N ALA C 42 25.13 6.41 9.85
CA ALA C 42 25.93 7.20 10.78
C ALA C 42 25.37 8.59 10.93
N SER C 43 24.94 9.21 9.82
CA SER C 43 24.32 10.52 9.88
C SER C 43 23.04 10.51 10.73
N LEU C 44 22.18 9.51 10.52
CA LEU C 44 20.94 9.39 11.29
C LEU C 44 21.23 9.15 12.77
N VAL C 45 22.13 8.22 13.07
CA VAL C 45 22.45 7.92 14.46
C VAL C 45 23.11 9.13 15.11
N ILE C 46 24.02 9.81 14.39
CA ILE C 46 24.66 10.97 14.99
C ILE C 46 23.64 12.10 15.23
N ALA C 47 22.72 12.31 14.29
CA ALA C 47 21.70 13.35 14.48
C ALA C 47 20.90 13.10 15.75
N GLN C 48 20.49 11.85 15.98
CA GLN C 48 19.70 11.54 17.16
C GLN C 48 20.51 11.68 18.43
N LEU C 49 21.79 11.29 18.39
CA LEU C 49 22.62 11.39 19.60
C LEU C 49 22.76 12.84 20.02
N LEU C 50 23.09 13.72 19.08
CA LEU C 50 23.22 15.14 19.42
C LEU C 50 21.87 15.72 19.85
N PHE C 51 20.79 15.29 19.20
CA PHE C 51 19.48 15.78 19.62
C PHE C 51 19.15 15.36 21.05
N LEU C 52 19.29 14.06 21.35
CA LEU C 52 18.95 13.54 22.67
C LEU C 52 19.79 14.21 23.76
N GLN C 53 21.06 14.53 23.45
CA GLN C 53 21.90 15.27 24.39
C GLN C 53 21.37 16.67 24.65
N SER C 54 20.88 17.35 23.61
CA SER C 54 20.41 18.72 23.82
C SER C 54 19.16 18.74 24.70
N GLU C 55 18.37 17.68 24.67
CA GLU C 55 17.19 17.59 25.52
C GLU C 55 17.56 17.33 26.97
N SER C 56 18.67 16.64 27.23
CA SER C 56 19.17 16.31 28.56
C SER C 56 20.55 15.68 28.44
N ASN C 57 21.59 16.29 28.96
CA ASN C 57 22.90 15.66 28.78
C ASN C 57 23.29 14.76 29.94
N LYS C 58 22.42 14.59 30.92
CA LYS C 58 22.67 13.64 31.98
C LYS C 58 21.77 12.42 31.85
N LYS C 59 20.63 12.57 31.17
CA LYS C 59 19.68 11.47 31.04
C LYS C 59 20.23 10.35 30.14
N PRO C 60 20.09 9.10 30.56
CA PRO C 60 20.59 7.99 29.74
C PRO C 60 19.95 7.92 28.37
N ILE C 61 20.72 7.38 27.43
CA ILE C 61 20.29 7.04 26.08
C ILE C 61 20.40 5.53 25.93
N HIS C 62 19.40 4.93 25.25
CA HIS C 62 19.38 3.49 24.97
C HIS C 62 19.64 3.25 23.49
N MET C 63 20.72 2.51 23.18
CA MET C 63 21.11 2.18 21.82
C MET C 63 20.84 0.69 21.61
N TYR C 64 19.90 0.36 20.71
CA TYR C 64 19.56 -1.05 20.40
C TYR C 64 20.28 -1.47 19.12
N ILE C 65 21.17 -2.47 19.23
CA ILE C 65 22.04 -2.86 18.13
C ILE C 65 21.64 -4.26 17.64
N ASN C 66 21.27 -4.34 16.36
CA ASN C 66 21.10 -5.59 15.61
C ASN C 66 21.81 -5.36 14.27
N SER C 67 23.11 -5.62 14.21
CA SER C 67 23.84 -5.19 13.03
C SER C 67 24.91 -6.19 12.60
N PRO C 68 25.00 -6.47 11.30
CA PRO C 68 26.06 -7.35 10.78
C PRO C 68 27.39 -6.65 10.53
N GLY C 69 27.46 -5.34 10.72
CA GLY C 69 28.68 -4.60 10.47
C GLY C 69 28.48 -3.48 9.47
N GLY C 70 29.56 -2.98 8.89
CA GLY C 70 29.44 -1.95 7.87
C GLY C 70 30.74 -1.19 7.68
N VAL C 71 30.60 -0.01 7.10
CA VAL C 71 31.75 0.85 6.81
C VAL C 71 32.48 1.20 8.09
N VAL C 72 33.80 1.01 8.09
CA VAL C 72 34.59 1.25 9.29
C VAL C 72 34.55 2.74 9.69
N THR C 73 34.75 3.64 8.72
CA THR C 73 34.78 5.06 9.09
C THR C 73 33.42 5.53 9.56
N ALA C 74 32.34 5.01 8.96
CA ALA C 74 31.00 5.31 9.45
C ALA C 74 30.83 4.79 10.88
N GLY C 75 31.31 3.58 11.15
CA GLY C 75 31.27 3.05 12.50
C GLY C 75 32.13 3.86 13.46
N LEU C 76 33.30 4.32 12.99
CA LEU C 76 34.11 5.14 13.89
C LEU C 76 33.45 6.49 14.18
N ALA C 77 32.71 7.04 13.21
CA ALA C 77 31.99 8.29 13.42
C ALA C 77 30.93 8.17 14.52
N ILE C 78 30.16 7.09 14.51
CA ILE C 78 29.21 6.86 15.60
C ILE C 78 29.95 6.66 16.91
N TYR C 79 31.00 5.83 16.89
CA TYR C 79 31.78 5.58 18.10
C TYR C 79 32.24 6.89 18.73
N ASP C 80 32.80 7.78 17.91
CA ASP C 80 33.31 9.04 18.42
C ASP C 80 32.18 9.92 18.96
N THR C 81 31.01 9.92 18.30
CA THR C 81 29.89 10.69 18.83
C THR C 81 29.43 10.13 20.17
N MET C 82 29.46 8.81 20.32
CA MET C 82 29.15 8.19 21.61
C MET C 82 30.12 8.66 22.68
N GLN C 83 31.42 8.69 22.37
CA GLN C 83 32.38 9.15 23.37
C GLN C 83 32.20 10.65 23.62
N TYR C 84 31.81 11.40 22.60
CA TYR C 84 31.73 12.85 22.70
C TYR C 84 30.61 13.29 23.64
N ILE C 85 29.37 12.80 23.41
CA ILE C 85 28.22 13.30 24.19
C ILE C 85 28.41 13.00 25.67
N LEU C 86 27.69 13.77 26.50
CA LEU C 86 27.83 13.60 27.94
C LEU C 86 26.96 12.49 28.48
N ASN C 87 26.00 12.02 27.72
CA ASN C 87 24.98 11.13 28.26
C ASN C 87 25.57 9.74 28.52
N PRO C 88 25.14 9.08 29.58
CA PRO C 88 25.38 7.63 29.68
C PRO C 88 24.65 6.93 28.55
N ILE C 89 25.27 5.89 27.99
CA ILE C 89 24.66 5.13 26.92
C ILE C 89 24.58 3.66 27.35
N CYS C 90 23.35 3.12 27.40
CA CYS C 90 23.12 1.69 27.54
C CYS C 90 23.11 1.09 26.15
N THR C 91 23.94 0.08 25.92
CA THR C 91 23.89 -0.64 24.66
C THR C 91 23.17 -1.96 24.88
N TRP C 92 22.37 -2.36 23.88
CA TRP C 92 21.67 -3.65 23.90
C TRP C 92 21.95 -4.40 22.61
N CYS C 93 22.42 -5.63 22.73
CA CYS C 93 22.57 -6.51 21.58
C CYS C 93 21.33 -7.38 21.41
N VAL C 94 20.61 -7.19 20.31
CA VAL C 94 19.43 -8.00 19.97
C VAL C 94 19.68 -8.61 18.59
N GLY C 95 19.51 -9.92 18.49
CA GLY C 95 19.86 -10.60 17.26
C GLY C 95 21.35 -10.81 17.12
N GLN C 96 22.09 -9.79 16.70
CA GLN C 96 23.54 -9.94 16.59
C GLN C 96 24.20 -8.56 16.67
N ALA C 97 25.51 -8.60 16.89
CA ALA C 97 26.42 -7.46 16.71
C ALA C 97 27.71 -8.01 16.16
N ALA C 98 28.00 -7.75 14.87
CA ALA C 98 29.19 -8.29 14.24
C ALA C 98 30.04 -7.15 13.69
N SER C 99 31.36 -7.23 13.90
CA SER C 99 32.33 -6.25 13.37
C SER C 99 32.01 -4.87 13.95
N MET C 100 31.78 -3.83 13.14
CA MET C 100 31.56 -2.50 13.70
C MET C 100 30.38 -2.48 14.67
N GLY C 101 29.40 -3.36 14.46
CA GLY C 101 28.28 -3.43 15.40
C GLY C 101 28.70 -3.83 16.80
N SER C 102 29.60 -4.82 16.90
CA SER C 102 30.08 -5.22 18.21
C SER C 102 31.05 -4.19 18.82
N LEU C 103 31.65 -3.33 18.00
CA LEU C 103 32.45 -2.25 18.55
C LEU C 103 31.56 -1.19 19.22
N LEU C 104 30.41 -0.87 18.60
CA LEU C 104 29.46 0.06 19.21
C LEU C 104 28.90 -0.53 20.50
N LEU C 105 28.54 -1.82 20.47
CA LEU C 105 28.08 -2.51 21.67
C LEU C 105 29.12 -2.41 22.79
N ALA C 106 30.39 -2.68 22.48
CA ALA C 106 31.42 -2.67 23.50
C ALA C 106 31.73 -1.27 24.00
N ALA C 107 31.28 -0.24 23.28
CA ALA C 107 31.61 1.14 23.59
C ALA C 107 30.58 1.86 24.46
N GLY C 108 29.53 1.19 24.91
CA GLY C 108 28.60 1.81 25.85
C GLY C 108 29.22 2.07 27.21
N THR C 109 28.45 2.78 28.04
CA THR C 109 28.91 3.17 29.37
C THR C 109 29.27 1.91 30.17
N PRO C 110 30.40 1.89 30.86
CA PRO C 110 30.73 0.69 31.65
C PRO C 110 29.58 0.34 32.58
N GLY C 111 29.24 -0.95 32.63
CA GLY C 111 28.12 -1.41 33.42
C GLY C 111 26.78 -1.36 32.73
N MET C 112 26.68 -0.73 31.57
CA MET C 112 25.39 -0.64 30.90
C MET C 112 25.41 -1.32 29.53
N ARG C 113 26.32 -2.24 29.28
CA ARG C 113 26.37 -2.95 28.00
C ARG C 113 25.71 -4.31 28.18
N HIS C 114 24.67 -4.58 27.38
CA HIS C 114 23.78 -5.71 27.59
C HIS C 114 23.59 -6.52 26.30
N SER C 115 23.15 -7.76 26.49
CA SER C 115 22.72 -8.59 25.38
C SER C 115 21.52 -9.40 25.81
N LEU C 116 20.65 -9.70 24.88
CA LEU C 116 19.62 -10.67 25.11
C LEU C 116 20.19 -12.09 25.00
N PRO C 117 19.49 -13.09 25.52
CA PRO C 117 20.15 -14.39 25.74
C PRO C 117 20.61 -15.08 24.47
N ASN C 118 19.92 -14.90 23.35
CA ASN C 118 20.22 -15.65 22.15
C ASN C 118 21.00 -14.85 21.12
N SER C 119 21.63 -13.74 21.52
CA SER C 119 22.38 -12.94 20.56
C SER C 119 23.67 -13.65 20.16
N ARG C 120 24.25 -13.22 19.03
CA ARG C 120 25.55 -13.67 18.56
C ARG C 120 26.43 -12.42 18.45
N ILE C 121 27.66 -12.50 18.95
CA ILE C 121 28.57 -11.37 18.94
C ILE C 121 29.84 -11.75 18.19
N MET C 122 30.25 -10.92 17.24
CA MET C 122 31.49 -11.15 16.51
C MET C 122 32.33 -9.89 16.46
N ILE C 123 33.60 -10.03 16.82
CA ILE C 123 34.57 -8.94 16.71
C ILE C 123 35.54 -9.12 15.55
N HIS C 124 35.58 -10.30 14.94
CA HIS C 124 36.34 -10.53 13.71
C HIS C 124 35.86 -9.57 12.62
N GLN C 125 36.84 -8.98 11.85
CA GLN C 125 36.35 -8.09 10.80
C GLN C 125 36.26 -8.84 9.48
N PRO C 126 35.32 -8.48 8.61
CA PRO C 126 35.15 -9.23 7.36
C PRO C 126 36.28 -8.98 6.38
N SER C 127 36.41 -9.88 5.41
CA SER C 127 37.41 -9.69 4.37
C SER C 127 36.75 -9.03 3.15
N ALA C 134 32.41 -1.87 3.85
CA ALA C 134 33.82 -2.08 4.14
C ALA C 134 34.64 -0.79 3.95
N THR C 135 34.68 -0.35 2.71
CA THR C 135 35.45 0.83 2.33
C THR C 135 34.55 1.77 1.52
N ASP C 136 34.64 3.08 1.84
CA ASP C 136 33.95 4.09 1.06
C ASP C 136 34.58 4.24 -0.33
N ILE C 137 35.89 4.47 -0.37
CA ILE C 137 36.67 4.41 -1.60
C ILE C 137 37.73 3.33 -1.40
N ALA C 138 38.32 2.87 -2.52
CA ALA C 138 39.39 1.89 -2.44
C ALA C 138 40.62 2.51 -1.79
N ILE C 139 41.29 1.76 -0.92
CA ILE C 139 42.40 2.31 -0.15
C ILE C 139 43.62 1.38 -0.24
N GLN C 140 44.78 1.91 0.19
CA GLN C 140 46.06 1.23 0.15
C GLN C 140 46.24 0.27 1.32
N ALA C 141 47.26 -0.59 1.23
CA ALA C 141 47.46 -1.61 2.26
C ALA C 141 47.85 -0.99 3.59
N GLU C 142 48.69 0.04 3.58
CA GLU C 142 49.08 0.68 4.83
C GLU C 142 47.89 1.32 5.53
N GLU C 143 46.91 1.81 4.77
CA GLU C 143 45.74 2.47 5.35
C GLU C 143 44.77 1.47 6.00
N ILE C 144 44.50 0.34 5.34
CA ILE C 144 43.66 -0.66 5.97
C ILE C 144 44.32 -1.17 7.25
N MET C 145 45.66 -1.21 7.28
CA MET C 145 46.33 -1.62 8.50
C MET C 145 46.19 -0.58 9.59
N LYS C 146 46.20 0.71 9.21
CA LYS C 146 45.94 1.77 10.18
C LYS C 146 44.54 1.63 10.77
N LEU C 147 43.55 1.36 9.92
CA LEU C 147 42.19 1.17 10.40
C LEU C 147 42.10 -0.06 11.32
N LYS C 148 42.74 -1.17 10.94
CA LYS C 148 42.68 -2.36 11.78
C LYS C 148 43.29 -2.09 13.16
N LYS C 149 44.36 -1.28 13.23
CA LYS C 149 44.96 -0.94 14.53
C LYS C 149 44.05 -0.06 15.36
N GLN C 150 43.31 0.86 14.72
CA GLN C 150 42.38 1.66 15.49
C GLN C 150 41.35 0.77 16.15
N LEU C 151 40.88 -0.25 15.43
CA LEU C 151 39.93 -1.17 15.99
C LEU C 151 40.53 -1.95 17.15
N TYR C 152 41.78 -2.39 16.99
CA TYR C 152 42.48 -3.06 18.08
C TYR C 152 42.48 -2.21 19.35
N ASN C 153 42.83 -0.93 19.21
CA ASN C 153 43.02 -0.05 20.38
C ASN C 153 41.72 0.24 21.07
N ILE C 154 40.66 0.47 20.28
CA ILE C 154 39.34 0.72 20.84
C ILE C 154 38.85 -0.50 21.59
N TYR C 155 38.97 -1.68 20.98
CA TYR C 155 38.54 -2.90 21.67
C TYR C 155 39.34 -3.14 22.94
N ALA C 156 40.66 -2.93 22.90
CA ALA C 156 41.48 -3.06 24.10
C ALA C 156 41.00 -2.11 25.18
N LYS C 157 40.69 -0.86 24.80
CA LYS C 157 40.29 0.15 25.78
C LYS C 157 39.05 -0.29 26.55
N HIS C 158 38.02 -0.74 25.84
CA HIS C 158 36.73 -1.00 26.46
C HIS C 158 36.56 -2.42 26.99
N THR C 159 37.32 -3.41 26.48
CA THR C 159 37.22 -4.74 27.06
C THR C 159 38.21 -4.91 28.20
N LYS C 160 39.23 -4.05 28.24
CA LYS C 160 40.35 -4.09 29.19
C LYS C 160 41.25 -5.30 28.95
N GLN C 161 41.14 -5.90 27.76
CA GLN C 161 42.09 -6.90 27.30
C GLN C 161 43.30 -6.22 26.66
N SER C 162 44.36 -7.02 26.47
CA SER C 162 45.61 -6.57 25.89
C SER C 162 45.56 -6.60 24.36
N LEU C 163 46.50 -5.86 23.75
CA LEU C 163 46.58 -5.86 22.30
C LEU C 163 46.74 -7.27 21.75
N GLN C 164 47.64 -8.07 22.34
CA GLN C 164 47.90 -9.38 21.75
C GLN C 164 46.65 -10.25 21.77
N VAL C 165 45.92 -10.27 22.88
CA VAL C 165 44.72 -11.10 22.96
C VAL C 165 43.65 -10.59 21.98
N ILE C 166 43.52 -9.27 21.82
CA ILE C 166 42.51 -8.76 20.90
C ILE C 166 42.86 -9.18 19.47
N GLU C 167 44.14 -9.05 19.10
CA GLU C 167 44.56 -9.44 17.75
C GLU C 167 44.35 -10.94 17.50
N SER C 168 44.64 -11.81 18.48
CA SER C 168 44.40 -13.23 18.29
C SER C 168 42.91 -13.52 18.18
N ALA C 169 42.09 -12.88 19.02
CA ALA C 169 40.67 -13.14 19.01
C ALA C 169 40.05 -12.74 17.67
N MET C 170 40.45 -11.57 17.13
CA MET C 170 39.86 -11.15 15.87
C MET C 170 40.37 -11.93 14.68
N GLU C 171 41.43 -12.73 14.85
CA GLU C 171 41.87 -13.61 13.78
C GLU C 171 40.96 -14.82 13.63
N ARG C 172 40.22 -15.17 14.68
CA ARG C 172 39.33 -16.31 14.64
C ARG C 172 38.02 -15.88 14.03
N ASP C 173 37.65 -16.48 12.90
CA ASP C 173 36.40 -16.19 12.20
C ASP C 173 35.28 -16.96 12.88
N ARG C 174 34.65 -16.34 13.89
CA ARG C 174 33.66 -17.03 14.70
C ARG C 174 32.86 -16.00 15.49
N TYR C 175 31.73 -16.45 16.04
CA TYR C 175 30.87 -15.67 16.93
C TYR C 175 31.03 -16.11 18.38
N MET C 176 30.69 -15.21 19.30
CA MET C 176 30.63 -15.49 20.71
C MET C 176 29.17 -15.55 21.16
N SER C 177 28.96 -16.27 22.25
CA SER C 177 27.69 -16.26 22.94
C SER C 177 27.60 -14.99 23.80
N PRO C 178 26.40 -14.63 24.27
CA PRO C 178 26.32 -13.49 25.19
C PRO C 178 27.20 -13.62 26.42
N MET C 179 27.34 -14.83 26.97
CA MET C 179 28.19 -15.00 28.15
C MET C 179 29.67 -14.99 27.82
N GLU C 180 30.05 -15.54 26.67
CA GLU C 180 31.44 -15.42 26.23
C GLU C 180 31.86 -13.96 26.07
N ALA C 181 31.02 -13.16 25.40
CA ALA C 181 31.32 -11.74 25.21
C ALA C 181 31.36 -11.01 26.54
N GLN C 182 30.53 -11.42 27.50
CA GLN C 182 30.62 -10.84 28.82
C GLN C 182 31.97 -11.10 29.46
N GLU C 183 32.41 -12.38 29.50
CA GLU C 183 33.69 -12.67 30.13
C GLU C 183 34.86 -12.06 29.38
N PHE C 184 34.72 -11.81 28.09
CA PHE C 184 35.79 -11.20 27.31
C PHE C 184 35.89 -9.70 27.55
N GLY C 185 34.83 -9.08 28.07
CA GLY C 185 34.79 -7.65 28.28
C GLY C 185 34.02 -6.85 27.25
N ILE C 186 33.31 -7.49 26.32
CA ILE C 186 32.53 -6.74 25.34
C ILE C 186 31.25 -6.17 25.97
N LEU C 187 30.66 -6.87 26.93
CA LEU C 187 29.44 -6.39 27.55
C LEU C 187 29.45 -6.76 29.04
N ASP C 188 28.47 -6.23 29.76
CA ASP C 188 28.45 -6.31 31.22
C ASP C 188 27.45 -7.30 31.79
N LYS C 189 26.26 -7.42 31.21
CA LYS C 189 25.23 -8.30 31.77
C LYS C 189 24.40 -8.90 30.65
N VAL C 190 24.03 -10.17 30.81
CA VAL C 190 23.12 -10.86 29.91
C VAL C 190 21.78 -10.95 30.61
N LEU C 191 20.78 -10.28 30.08
CA LEU C 191 19.49 -10.15 30.74
C LEU C 191 18.41 -10.93 30.00
N VAL C 192 17.40 -11.36 30.76
CA VAL C 192 16.26 -12.10 30.20
C VAL C 192 14.95 -11.34 30.43
N HIS C 193 14.87 -10.51 31.48
CA HIS C 193 13.65 -9.74 31.81
C HIS C 193 13.83 -8.31 32.35
N LEU D 4 11.92 6.28 7.98
CA LEU D 4 13.35 6.54 7.82
C LEU D 4 13.80 7.65 8.74
N ILE D 5 13.37 8.87 8.47
CA ILE D 5 13.82 10.05 9.20
C ILE D 5 12.82 10.38 10.30
N PRO D 6 13.21 10.37 11.57
CA PRO D 6 12.26 10.57 12.66
C PRO D 6 11.86 12.04 12.83
N ILE D 7 10.71 12.22 13.50
CA ILE D 7 10.18 13.54 13.82
C ILE D 7 10.49 13.83 15.29
N VAL D 8 10.87 15.06 15.58
CA VAL D 8 11.08 15.47 16.96
C VAL D 8 10.18 16.67 17.23
N VAL D 9 9.86 16.87 18.51
CA VAL D 9 9.01 17.99 18.93
C VAL D 9 9.69 18.90 19.96
N GLU D 16 4.18 23.97 20.88
CA GLU D 16 5.12 22.93 20.45
C GLU D 16 5.07 22.80 18.93
N ARG D 17 6.24 22.58 18.30
CA ARG D 17 6.38 22.42 16.86
C ARG D 17 7.11 21.10 16.54
N ALA D 18 6.82 20.53 15.37
CA ALA D 18 7.40 19.25 14.96
C ALA D 18 8.37 19.45 13.81
N TYR D 19 9.53 18.82 13.89
CA TYR D 19 10.53 18.91 12.83
C TYR D 19 11.08 17.51 12.55
N ASP D 20 11.38 17.23 11.28
CA ASP D 20 12.25 16.10 11.02
C ASP D 20 13.63 16.42 11.59
N ILE D 21 14.32 15.38 12.06
CA ILE D 21 15.55 15.62 12.83
C ILE D 21 16.57 16.44 12.04
N TYR D 22 16.57 16.33 10.70
CA TYR D 22 17.52 17.13 9.94
C TYR D 22 17.09 18.59 9.89
N SER D 23 15.79 18.84 9.76
CA SER D 23 15.31 20.22 9.84
C SER D 23 15.57 20.80 11.22
N ARG D 24 15.53 19.97 12.26
CA ARG D 24 15.82 20.49 13.60
C ARG D 24 17.29 20.88 13.72
N LEU D 25 18.19 20.12 13.08
CA LEU D 25 19.62 20.47 13.08
C LEU D 25 19.86 21.76 12.32
N LEU D 26 19.14 21.98 11.22
CA LEU D 26 19.28 23.21 10.47
C LEU D 26 18.79 24.41 11.28
N ARG D 27 17.81 24.18 12.16
CA ARG D 27 17.37 25.22 13.08
C ARG D 27 18.46 25.54 14.10
N GLU D 28 19.30 24.55 14.41
CA GLU D 28 20.47 24.77 15.24
C GLU D 28 21.63 25.42 14.48
N ARG D 29 21.45 25.72 13.20
CA ARG D 29 22.52 26.23 12.32
C ARG D 29 23.60 25.19 12.05
N ILE D 30 23.23 23.93 11.99
CA ILE D 30 24.13 22.85 11.60
C ILE D 30 23.84 22.49 10.15
N VAL D 31 24.90 22.38 9.35
CA VAL D 31 24.79 21.94 7.96
C VAL D 31 25.58 20.64 7.83
N CYS D 32 24.92 19.60 7.38
CA CYS D 32 25.59 18.31 7.18
C CYS D 32 26.12 18.20 5.78
N VAL D 33 27.36 17.75 5.66
CA VAL D 33 27.92 17.38 4.36
C VAL D 33 28.35 15.93 4.47
N MET D 34 27.39 15.02 4.34
CA MET D 34 27.63 13.60 4.53
C MET D 34 27.49 12.90 3.20
N GLY D 35 28.45 12.05 2.86
CA GLY D 35 28.36 11.30 1.63
C GLY D 35 29.05 12.03 0.50
N PRO D 36 28.97 11.49 -0.71
CA PRO D 36 29.67 12.10 -1.82
C PRO D 36 29.08 13.45 -2.20
N ILE D 37 29.93 14.34 -2.66
CA ILE D 37 29.52 15.68 -3.01
C ILE D 37 29.25 15.70 -4.51
N ASP D 38 28.03 16.05 -4.88
CA ASP D 38 27.74 16.38 -6.26
C ASP D 38 26.90 17.66 -6.32
N ASP D 39 26.42 18.02 -7.52
CA ASP D 39 25.72 19.29 -7.67
C ASP D 39 24.49 19.34 -6.77
N SER D 40 23.82 18.22 -6.60
CA SER D 40 22.62 18.22 -5.79
C SER D 40 22.95 18.53 -4.32
N VAL D 41 24.02 17.94 -3.80
CA VAL D 41 24.50 18.28 -2.46
C VAL D 41 24.93 19.73 -2.40
N ALA D 42 25.69 20.18 -3.38
CA ALA D 42 26.18 21.56 -3.38
C ALA D 42 25.02 22.56 -3.40
N SER D 43 23.98 22.29 -4.20
CA SER D 43 22.79 23.14 -4.19
C SER D 43 22.17 23.17 -2.79
N LEU D 44 22.03 22.01 -2.16
CA LEU D 44 21.44 21.93 -0.81
C LEU D 44 22.30 22.64 0.23
N VAL D 45 23.61 22.41 0.19
CA VAL D 45 24.50 23.09 1.14
C VAL D 45 24.49 24.60 0.92
N ILE D 46 24.52 25.03 -0.35
CA ILE D 46 24.53 26.48 -0.63
C ILE D 46 23.23 27.11 -0.17
N ALA D 47 22.10 26.46 -0.43
CA ALA D 47 20.82 26.96 0.03
C ALA D 47 20.81 27.15 1.54
N GLN D 48 21.33 26.16 2.28
CA GLN D 48 21.34 26.27 3.74
C GLN D 48 22.29 27.37 4.21
N LEU D 49 23.45 27.50 3.55
CA LEU D 49 24.39 28.53 3.96
C LEU D 49 23.78 29.91 3.78
N LEU D 50 23.21 30.18 2.61
CA LEU D 50 22.60 31.48 2.37
C LEU D 50 21.43 31.73 3.31
N PHE D 51 20.63 30.71 3.59
CA PHE D 51 19.53 30.88 4.52
C PHE D 51 20.06 31.23 5.91
N LEU D 52 21.05 30.46 6.40
CA LEU D 52 21.57 30.68 7.74
C LEU D 52 22.20 32.07 7.88
N GLN D 53 22.87 32.55 6.83
CA GLN D 53 23.40 33.91 6.89
C GLN D 53 22.25 34.90 6.95
N SER D 54 21.16 34.61 6.24
CA SER D 54 20.03 35.53 6.25
C SER D 54 19.39 35.59 7.63
N GLU D 55 19.46 34.51 8.41
CA GLU D 55 18.94 34.58 9.77
C GLU D 55 19.84 35.44 10.65
N SER D 56 21.15 35.41 10.38
CA SER D 56 22.14 36.14 11.15
C SER D 56 23.47 36.02 10.41
N ASN D 57 24.09 37.14 10.06
CA ASN D 57 25.40 37.05 9.40
C ASN D 57 26.53 37.10 10.40
N LYS D 58 26.22 37.12 11.69
CA LYS D 58 27.23 37.07 12.73
C LYS D 58 27.23 35.74 13.48
N LYS D 59 26.10 35.07 13.55
CA LYS D 59 26.06 33.84 14.33
C LYS D 59 26.81 32.74 13.60
N PRO D 60 27.65 31.98 14.31
CA PRO D 60 28.38 30.89 13.67
C PRO D 60 27.47 29.83 13.07
N ILE D 61 28.02 29.16 12.04
CA ILE D 61 27.43 28.01 11.36
C ILE D 61 28.33 26.80 11.65
N HIS D 62 27.72 25.63 11.85
CA HIS D 62 28.47 24.39 12.09
C HIS D 62 28.31 23.45 10.91
N MET D 63 29.42 23.16 10.24
CA MET D 63 29.40 22.28 9.08
C MET D 63 30.08 20.98 9.50
N TYR D 64 29.29 19.90 9.56
CA TYR D 64 29.80 18.59 9.96
C TYR D 64 30.02 17.74 8.72
N ILE D 65 31.28 17.33 8.50
CA ILE D 65 31.73 16.70 7.25
C ILE D 65 32.10 15.24 7.52
N ASN D 66 31.42 14.32 6.81
CA ASN D 66 31.77 12.91 6.70
C ASN D 66 31.60 12.57 5.22
N SER D 67 32.67 12.78 4.44
CA SER D 67 32.57 12.69 2.98
C SER D 67 33.79 12.04 2.36
N PRO D 68 33.59 11.13 1.40
CA PRO D 68 34.71 10.58 0.63
C PRO D 68 35.17 11.46 -0.53
N GLY D 69 34.50 12.59 -0.79
CA GLY D 69 34.86 13.44 -1.91
C GLY D 69 33.72 13.63 -2.88
N GLY D 70 34.00 14.04 -4.10
CA GLY D 70 32.93 14.21 -5.08
C GLY D 70 33.36 15.09 -6.24
N VAL D 71 32.33 15.64 -6.90
CA VAL D 71 32.56 16.52 -8.05
C VAL D 71 33.32 17.77 -7.64
N VAL D 72 34.40 18.07 -8.35
CA VAL D 72 35.30 19.17 -7.98
C VAL D 72 34.57 20.51 -8.10
N THR D 73 33.87 20.76 -9.21
CA THR D 73 33.20 22.05 -9.35
C THR D 73 32.10 22.22 -8.32
N ALA D 74 31.39 21.13 -8.01
CA ALA D 74 30.40 21.16 -6.95
C ALA D 74 31.05 21.49 -5.61
N GLY D 75 32.20 20.87 -5.31
CA GLY D 75 32.90 21.21 -4.09
C GLY D 75 33.36 22.66 -4.08
N LEU D 76 33.84 23.16 -5.23
CA LEU D 76 34.27 24.55 -5.29
C LEU D 76 33.08 25.50 -5.12
N ALA D 77 31.89 25.12 -5.58
CA ALA D 77 30.72 25.96 -5.36
C ALA D 77 30.46 26.16 -3.87
N ILE D 78 30.56 25.06 -3.09
CA ILE D 78 30.47 25.17 -1.63
C ILE D 78 31.64 26.00 -1.09
N TYR D 79 32.86 25.71 -1.54
CA TYR D 79 34.01 26.46 -1.06
C TYR D 79 33.80 27.96 -1.22
N ASP D 80 33.36 28.39 -2.39
CA ASP D 80 33.16 29.82 -2.63
C ASP D 80 32.02 30.36 -1.76
N THR D 81 30.93 29.59 -1.61
CA THR D 81 29.81 30.05 -0.80
C THR D 81 30.22 30.16 0.67
N MET D 82 31.06 29.24 1.14
CA MET D 82 31.64 29.34 2.47
C MET D 82 32.45 30.61 2.61
N GLN D 83 33.28 30.91 1.62
CA GLN D 83 34.08 32.12 1.64
C GLN D 83 33.22 33.37 1.53
N TYR D 84 32.10 33.29 0.80
CA TYR D 84 31.29 34.48 0.53
C TYR D 84 30.61 34.96 1.80
N ILE D 85 29.87 34.06 2.46
CA ILE D 85 29.11 34.48 3.61
C ILE D 85 30.04 35.01 4.69
N LEU D 86 29.49 35.87 5.55
CA LEU D 86 30.22 36.55 6.60
C LEU D 86 30.33 35.75 7.88
N ASN D 87 29.54 34.70 8.03
CA ASN D 87 29.43 34.06 9.33
C ASN D 87 30.73 33.33 9.65
N PRO D 88 31.10 33.27 10.93
CA PRO D 88 32.11 32.29 11.32
C PRO D 88 31.57 30.88 10.99
N ILE D 89 32.45 30.04 10.45
CA ILE D 89 32.08 28.67 10.09
C ILE D 89 32.99 27.73 10.87
N CYS D 90 32.39 26.93 11.76
CA CYS D 90 33.08 25.82 12.40
C CYS D 90 32.91 24.58 11.54
N THR D 91 34.01 23.97 11.13
CA THR D 91 33.93 22.71 10.41
C THR D 91 34.34 21.57 11.34
N TRP D 92 33.65 20.44 11.20
CA TRP D 92 33.95 19.24 11.98
C TRP D 92 34.10 18.06 11.03
N CYS D 93 35.23 17.36 11.14
CA CYS D 93 35.46 16.10 10.45
C CYS D 93 35.01 14.98 11.37
N VAL D 94 34.00 14.24 10.90
CA VAL D 94 33.39 13.11 11.61
C VAL D 94 33.50 11.91 10.69
N GLY D 95 34.11 10.82 11.15
CA GLY D 95 34.38 9.70 10.28
C GLY D 95 35.56 9.93 9.33
N GLN D 96 35.35 10.70 8.27
CA GLN D 96 36.44 11.02 7.37
C GLN D 96 36.14 12.29 6.59
N ALA D 97 37.19 12.86 6.00
CA ALA D 97 37.07 13.92 4.99
C ALA D 97 38.18 13.67 3.97
N ALA D 98 37.79 13.24 2.77
CA ALA D 98 38.73 12.87 1.72
C ALA D 98 38.46 13.69 0.46
N SER D 99 39.51 14.20 -0.15
CA SER D 99 39.44 15.00 -1.39
C SER D 99 38.61 16.25 -1.11
N MET D 100 37.57 16.54 -1.90
CA MET D 100 36.86 17.81 -1.76
C MET D 100 36.31 18.00 -0.35
N GLY D 101 36.00 16.90 0.35
CA GLY D 101 35.58 16.99 1.74
C GLY D 101 36.68 17.55 2.64
N SER D 102 37.91 17.14 2.40
CA SER D 102 39.02 17.67 3.18
C SER D 102 39.33 19.11 2.81
N LEU D 103 38.98 19.52 1.60
CA LEU D 103 39.14 20.91 1.23
C LEU D 103 38.15 21.78 1.96
N LEU D 104 36.89 21.33 2.07
CA LEU D 104 35.90 22.09 2.82
C LEU D 104 36.25 22.17 4.30
N LEU D 105 36.66 21.06 4.90
CA LEU D 105 37.08 21.07 6.30
C LEU D 105 38.15 22.13 6.54
N ALA D 106 39.16 22.16 5.66
CA ALA D 106 40.26 23.09 5.82
C ALA D 106 39.83 24.53 5.56
N ALA D 107 38.66 24.75 4.96
CA ALA D 107 38.24 26.10 4.61
C ALA D 107 37.37 26.77 5.67
N GLY D 108 37.08 26.12 6.78
CA GLY D 108 36.36 26.78 7.87
C GLY D 108 37.16 27.92 8.46
N THR D 109 36.49 28.67 9.33
CA THR D 109 37.08 29.87 9.94
C THR D 109 38.33 29.49 10.73
N PRO D 110 39.43 30.23 10.59
CA PRO D 110 40.65 29.89 11.34
C PRO D 110 40.40 29.80 12.84
N GLY D 111 40.96 28.76 13.46
CA GLY D 111 40.70 28.48 14.85
C GLY D 111 39.45 27.67 15.12
N MET D 112 38.58 27.45 14.12
CA MET D 112 37.34 26.72 14.34
C MET D 112 37.22 25.47 13.47
N ARG D 113 38.34 24.88 13.06
CA ARG D 113 38.35 23.63 12.30
C ARG D 113 38.69 22.49 13.26
N HIS D 114 37.80 21.49 13.35
CA HIS D 114 37.92 20.45 14.37
C HIS D 114 37.85 19.06 13.76
N SER D 115 38.34 18.09 14.54
CA SER D 115 38.19 16.69 14.19
C SER D 115 37.88 15.89 15.43
N LEU D 116 37.07 14.86 15.25
CA LEU D 116 36.91 13.87 16.30
C LEU D 116 38.13 12.94 16.30
N PRO D 117 38.40 12.25 17.42
CA PRO D 117 39.73 11.64 17.60
C PRO D 117 40.07 10.55 16.62
N ASN D 118 39.09 9.78 16.12
CA ASN D 118 39.37 8.63 15.27
C ASN D 118 39.10 8.90 13.79
N SER D 119 39.01 10.16 13.39
CA SER D 119 38.72 10.49 12.00
C SER D 119 39.94 10.24 11.12
N ARG D 120 39.70 10.15 9.81
CA ARG D 120 40.76 10.04 8.82
C ARG D 120 40.62 11.19 7.83
N ILE D 121 41.74 11.84 7.47
CA ILE D 121 41.73 12.97 6.55
C ILE D 121 42.67 12.68 5.37
N MET D 122 42.19 12.92 4.15
CA MET D 122 42.99 12.73 2.95
C MET D 122 42.87 13.92 2.01
N ILE D 123 44.02 14.45 1.55
CA ILE D 123 44.02 15.54 0.55
C ILE D 123 44.40 15.05 -0.84
N HIS D 124 44.88 13.82 -0.98
CA HIS D 124 45.11 13.19 -2.27
C HIS D 124 43.81 13.15 -3.08
N GLN D 125 43.92 13.46 -4.42
CA GLN D 125 42.70 13.40 -5.19
C GLN D 125 42.57 12.05 -5.89
N PRO D 126 41.37 11.53 -6.11
CA PRO D 126 41.23 10.22 -6.76
C PRO D 126 41.62 10.30 -8.23
N SER D 127 41.88 9.14 -8.82
CA SER D 127 42.20 9.13 -10.24
C SER D 127 40.95 8.88 -11.08
N ALA D 134 33.65 13.30 -9.98
CA ALA D 134 34.92 13.87 -10.43
C ALA D 134 34.70 15.10 -11.31
N THR D 135 34.15 14.86 -12.49
CA THR D 135 33.83 15.92 -13.43
C THR D 135 32.43 15.61 -13.95
N ASP D 136 31.60 16.66 -14.11
CA ASP D 136 30.25 16.48 -14.64
C ASP D 136 30.28 15.96 -16.08
N ILE D 137 31.04 16.61 -16.96
CA ILE D 137 31.24 16.16 -18.33
C ILE D 137 32.72 15.81 -18.50
N ALA D 138 33.03 15.10 -19.59
CA ALA D 138 34.42 14.77 -19.90
C ALA D 138 35.20 16.02 -20.29
N ILE D 139 36.45 16.12 -19.82
CA ILE D 139 37.25 17.33 -19.98
C ILE D 139 38.65 16.96 -20.48
N GLN D 140 39.38 17.98 -20.94
CA GLN D 140 40.74 17.87 -21.46
C GLN D 140 41.78 17.87 -20.34
N ALA D 141 43.01 17.48 -20.73
CA ALA D 141 44.10 17.39 -19.77
C ALA D 141 44.49 18.76 -19.23
N GLU D 142 44.41 19.81 -20.06
CA GLU D 142 44.69 21.15 -19.56
C GLU D 142 43.65 21.59 -18.54
N GLU D 143 42.43 21.10 -18.67
CA GLU D 143 41.39 21.42 -17.73
C GLU D 143 41.52 20.71 -16.40
N ILE D 144 41.82 19.42 -16.38
CA ILE D 144 42.03 18.74 -15.12
C ILE D 144 43.25 19.34 -14.41
N MET D 145 44.25 19.80 -15.17
CA MET D 145 45.40 20.43 -14.54
C MET D 145 45.06 21.82 -13.98
N LYS D 146 44.17 22.56 -14.65
CA LYS D 146 43.74 23.84 -14.10
C LYS D 146 43.01 23.63 -12.78
N LEU D 147 42.14 22.63 -12.71
CA LEU D 147 41.44 22.35 -11.46
C LEU D 147 42.44 21.94 -10.38
N LYS D 148 43.36 21.04 -10.73
CA LYS D 148 44.35 20.59 -9.76
C LYS D 148 45.15 21.77 -9.21
N LYS D 149 45.48 22.75 -10.07
CA LYS D 149 46.17 23.95 -9.62
C LYS D 149 45.29 24.78 -8.69
N GLN D 150 43.99 24.87 -8.99
CA GLN D 150 43.08 25.55 -8.09
C GLN D 150 43.07 24.90 -6.72
N LEU D 151 43.13 23.57 -6.69
CA LEU D 151 43.16 22.87 -5.41
C LEU D 151 44.44 23.16 -4.65
N TYR D 152 45.58 23.16 -5.36
CA TYR D 152 46.85 23.51 -4.74
C TYR D 152 46.77 24.87 -4.07
N ASN D 153 46.24 25.88 -4.76
CA ASN D 153 46.23 27.24 -4.21
C ASN D 153 45.30 27.37 -3.01
N ILE D 154 44.12 26.75 -3.09
CA ILE D 154 43.21 26.79 -1.95
C ILE D 154 43.84 26.10 -0.75
N TYR D 155 44.39 24.90 -0.96
CA TYR D 155 45.04 24.19 0.15
C TYR D 155 46.21 24.98 0.73
N ALA D 156 47.03 25.59 -0.15
CA ALA D 156 48.13 26.42 0.33
C ALA D 156 47.62 27.58 1.17
N LYS D 157 46.54 28.23 0.72
CA LYS D 157 46.00 29.40 1.41
C LYS D 157 45.56 29.05 2.84
N HIS D 158 44.86 27.95 3.02
CA HIS D 158 44.26 27.66 4.32
C HIS D 158 45.16 26.85 5.24
N THR D 159 46.16 26.13 4.73
CA THR D 159 47.13 25.45 5.58
C THR D 159 48.33 26.34 5.90
N LYS D 160 48.54 27.40 5.13
CA LYS D 160 49.71 28.25 5.24
C LYS D 160 50.96 27.51 4.83
N GLN D 161 50.82 26.36 4.19
CA GLN D 161 51.93 25.63 3.60
C GLN D 161 52.22 26.18 2.21
N SER D 162 53.40 25.84 1.72
CA SER D 162 53.86 26.28 0.40
C SER D 162 53.33 25.36 -0.68
N LEU D 163 53.31 25.87 -1.91
CA LEU D 163 52.84 25.08 -3.05
C LEU D 163 53.58 23.75 -3.15
N GLN D 164 54.90 23.76 -2.99
CA GLN D 164 55.68 22.54 -3.13
C GLN D 164 55.30 21.51 -2.06
N VAL D 165 55.08 21.97 -0.82
CA VAL D 165 54.64 21.06 0.23
C VAL D 165 53.28 20.47 -0.09
N ILE D 166 52.37 21.30 -0.63
CA ILE D 166 51.03 20.81 -0.95
C ILE D 166 51.10 19.80 -2.08
N GLU D 167 51.85 20.12 -3.14
CA GLU D 167 51.91 19.23 -4.30
C GLU D 167 52.56 17.90 -3.98
N SER D 168 53.63 17.92 -3.17
CA SER D 168 54.25 16.66 -2.77
C SER D 168 53.31 15.86 -1.89
N ALA D 169 52.61 16.53 -0.98
CA ALA D 169 51.68 15.83 -0.10
C ALA D 169 50.51 15.22 -0.88
N MET D 170 49.95 15.96 -1.85
CA MET D 170 48.80 15.41 -2.56
C MET D 170 49.19 14.25 -3.48
N GLU D 171 50.48 14.06 -3.71
CA GLU D 171 50.97 12.96 -4.51
C GLU D 171 50.92 11.63 -3.79
N ARG D 172 50.86 11.64 -2.46
CA ARG D 172 50.83 10.43 -1.67
C ARG D 172 49.39 9.94 -1.45
N ASP D 173 49.11 8.71 -1.90
CA ASP D 173 47.80 8.09 -1.74
C ASP D 173 47.72 7.60 -0.30
N ARG D 174 47.24 8.45 0.61
CA ARG D 174 47.28 8.07 2.01
C ARG D 174 46.37 8.99 2.81
N TYR D 175 46.02 8.53 4.01
CA TYR D 175 45.28 9.33 4.98
C TYR D 175 46.23 9.75 6.11
N MET D 176 45.91 10.86 6.73
CA MET D 176 46.62 11.29 7.91
C MET D 176 45.69 11.24 9.11
N SER D 177 46.28 11.14 10.29
CA SER D 177 45.48 11.19 11.50
C SER D 177 45.04 12.63 11.78
N PRO D 178 44.06 12.81 12.66
CA PRO D 178 43.67 14.20 13.02
C PRO D 178 44.82 15.02 13.54
N MET D 179 45.77 14.39 14.25
CA MET D 179 46.92 15.14 14.75
C MET D 179 47.88 15.49 13.62
N GLU D 180 48.07 14.58 12.65
CA GLU D 180 48.84 14.96 11.47
C GLU D 180 48.17 16.12 10.74
N ALA D 181 46.85 16.03 10.55
CA ALA D 181 46.14 17.10 9.85
C ALA D 181 46.25 18.41 10.61
N GLN D 182 46.23 18.37 11.94
CA GLN D 182 46.44 19.59 12.71
C GLN D 182 47.84 20.15 12.46
N GLU D 183 48.87 19.31 12.53
CA GLU D 183 50.24 19.79 12.34
C GLU D 183 50.46 20.27 10.92
N PHE D 184 49.70 19.75 9.96
CA PHE D 184 49.82 20.16 8.56
C PHE D 184 49.08 21.46 8.28
N GLY D 185 48.15 21.85 9.13
CA GLY D 185 47.36 23.03 8.89
C GLY D 185 45.98 22.80 8.33
N ILE D 186 45.52 21.55 8.27
CA ILE D 186 44.15 21.31 7.81
C ILE D 186 43.14 21.67 8.89
N LEU D 187 43.46 21.45 10.16
CA LEU D 187 42.53 21.81 11.23
C LEU D 187 43.31 22.35 12.43
N ASP D 188 42.56 22.89 13.39
CA ASP D 188 43.14 23.60 14.54
C ASP D 188 43.11 22.81 15.83
N LYS D 189 42.07 22.00 16.06
CA LYS D 189 41.85 21.31 17.32
C LYS D 189 41.33 19.89 17.08
N VAL D 190 41.87 18.92 17.83
CA VAL D 190 41.34 17.56 17.90
C VAL D 190 40.76 17.33 19.29
N LEU D 191 39.43 17.20 19.40
CA LEU D 191 38.74 17.11 20.69
C LEU D 191 38.03 15.78 20.87
N VAL D 192 37.81 15.42 22.14
CA VAL D 192 37.07 14.21 22.48
C VAL D 192 35.72 14.52 23.12
N HIS D 193 35.57 15.68 23.79
CA HIS D 193 34.28 16.17 24.33
C HIS D 193 34.18 17.71 24.34
N LEU E 4 11.34 19.20 -5.41
CA LEU E 4 11.44 19.51 -6.84
C LEU E 4 10.49 20.65 -7.21
N ILE E 5 9.21 20.49 -6.91
CA ILE E 5 8.19 21.47 -7.32
C ILE E 5 7.91 22.41 -6.17
N PRO E 6 8.17 23.72 -6.32
CA PRO E 6 8.01 24.67 -5.22
C PRO E 6 6.55 25.07 -4.95
N ILE E 7 6.34 25.62 -3.72
CA ILE E 7 5.06 26.15 -3.23
C ILE E 7 5.09 27.68 -3.29
N VAL E 8 3.96 28.31 -3.64
CA VAL E 8 3.87 29.76 -3.68
C VAL E 8 2.67 30.25 -2.88
N VAL E 9 2.76 31.53 -2.45
CA VAL E 9 1.76 32.34 -1.69
C VAL E 9 1.17 31.59 -0.51
N GLU E 16 -2.33 33.76 2.54
CA GLU E 16 -3.67 33.18 2.58
C GLU E 16 -3.71 31.73 2.04
N ARG E 17 -3.49 31.50 0.74
CA ARG E 17 -3.52 30.15 0.18
C ARG E 17 -2.20 29.77 -0.50
N ALA E 18 -1.84 28.49 -0.39
CA ALA E 18 -0.59 27.96 -0.92
C ALA E 18 -0.84 26.95 -2.03
N TYR E 19 -0.06 27.06 -3.11
CA TYR E 19 -0.15 26.17 -4.25
C TYR E 19 1.25 25.75 -4.66
N ASP E 20 1.36 24.54 -5.18
CA ASP E 20 2.53 24.24 -5.97
C ASP E 20 2.49 25.13 -7.23
N ILE E 21 3.66 25.48 -7.75
CA ILE E 21 3.71 26.48 -8.81
C ILE E 21 2.91 26.07 -10.05
N TYR E 22 2.75 24.76 -10.31
CA TYR E 22 1.97 24.36 -11.48
C TYR E 22 0.48 24.54 -11.21
N SER E 23 0.02 24.22 -10.00
CA SER E 23 -1.37 24.50 -9.65
C SER E 23 -1.66 26.00 -9.67
N ARG E 24 -0.67 26.83 -9.35
CA ARG E 24 -0.87 28.27 -9.43
C ARG E 24 -0.98 28.74 -10.87
N LEU E 25 -0.22 28.14 -11.80
CA LEU E 25 -0.35 28.49 -13.21
C LEU E 25 -1.73 28.12 -13.73
N LEU E 26 -2.30 27.00 -13.27
CA LEU E 26 -3.66 26.65 -13.66
C LEU E 26 -4.67 27.65 -13.12
N ARG E 27 -4.39 28.27 -11.97
CA ARG E 27 -5.27 29.31 -11.45
C ARG E 27 -5.27 30.55 -12.36
N GLU E 28 -4.17 30.77 -13.09
CA GLU E 28 -4.10 31.79 -14.13
C GLU E 28 -4.72 31.37 -15.46
N ARG E 29 -5.35 30.19 -15.52
CA ARG E 29 -5.88 29.64 -16.76
C ARG E 29 -4.77 29.33 -17.77
N ILE E 30 -3.61 28.90 -17.28
CA ILE E 30 -2.52 28.42 -18.14
C ILE E 30 -2.49 26.90 -18.11
N VAL E 31 -2.44 26.28 -19.29
CA VAL E 31 -2.28 24.83 -19.42
C VAL E 31 -0.95 24.57 -20.14
N CYS E 32 -0.06 23.81 -19.50
CA CYS E 32 1.22 23.47 -20.13
C CYS E 32 1.12 22.16 -20.92
N VAL E 33 1.64 22.18 -22.15
CA VAL E 33 1.81 20.96 -22.94
C VAL E 33 3.29 20.86 -23.22
N MET E 34 4.03 20.34 -22.25
CA MET E 34 5.47 20.26 -22.35
C MET E 34 5.90 18.81 -22.35
N GLY E 35 6.81 18.46 -23.25
CA GLY E 35 7.35 17.13 -23.32
C GLY E 35 6.49 16.31 -24.26
N PRO E 36 6.82 15.03 -24.40
CA PRO E 36 6.12 14.21 -25.39
C PRO E 36 4.66 13.97 -25.00
N ILE E 37 3.82 13.90 -26.00
CA ILE E 37 2.38 13.79 -25.80
C ILE E 37 1.98 12.32 -25.86
N ASP E 38 1.39 11.84 -24.78
CA ASP E 38 0.75 10.53 -24.79
C ASP E 38 -0.62 10.63 -24.13
N ASP E 39 -1.25 9.48 -23.91
CA ASP E 39 -2.62 9.48 -23.41
C ASP E 39 -2.75 10.14 -22.05
N SER E 40 -1.78 9.92 -21.16
CA SER E 40 -1.89 10.54 -19.85
C SER E 40 -1.70 12.05 -19.93
N VAL E 41 -0.80 12.52 -20.80
CA VAL E 41 -0.70 13.96 -21.03
C VAL E 41 -2.01 14.50 -21.58
N ALA E 42 -2.59 13.79 -22.56
CA ALA E 42 -3.87 14.21 -23.14
C ALA E 42 -4.98 14.17 -22.09
N SER E 43 -4.98 13.14 -21.23
CA SER E 43 -5.94 13.08 -20.13
C SER E 43 -5.81 14.29 -19.20
N LEU E 44 -4.57 14.62 -18.79
CA LEU E 44 -4.34 15.79 -17.96
C LEU E 44 -4.71 17.09 -18.67
N VAL E 45 -4.34 17.22 -19.94
CA VAL E 45 -4.67 18.42 -20.69
C VAL E 45 -6.19 18.57 -20.82
N ILE E 46 -6.89 17.48 -21.18
CA ILE E 46 -8.34 17.55 -21.37
C ILE E 46 -9.03 17.88 -20.06
N ALA E 47 -8.58 17.27 -18.97
CA ALA E 47 -9.16 17.56 -17.67
C ALA E 47 -9.10 19.06 -17.37
N GLN E 48 -7.95 19.69 -17.62
CA GLN E 48 -7.81 21.12 -17.33
C GLN E 48 -8.65 21.99 -18.26
N LEU E 49 -8.76 21.61 -19.53
CA LEU E 49 -9.55 22.41 -20.46
C LEU E 49 -11.03 22.39 -20.06
N LEU E 50 -11.58 21.20 -19.79
CA LEU E 50 -12.98 21.10 -19.37
C LEU E 50 -13.21 21.84 -18.07
N PHE E 51 -12.25 21.75 -17.14
CA PHE E 51 -12.38 22.47 -15.89
C PHE E 51 -12.38 23.98 -16.10
N LEU E 52 -11.40 24.48 -16.86
CA LEU E 52 -11.29 25.92 -17.05
C LEU E 52 -12.51 26.48 -17.75
N GLN E 53 -13.09 25.73 -18.70
CA GLN E 53 -14.32 26.19 -19.36
C GLN E 53 -15.47 26.25 -18.38
N SER E 54 -15.54 25.29 -17.46
CA SER E 54 -16.62 25.30 -16.48
C SER E 54 -16.48 26.48 -15.55
N GLU E 55 -15.25 26.92 -15.29
CA GLU E 55 -15.09 28.12 -14.49
C GLU E 55 -15.54 29.35 -15.26
N SER E 56 -15.37 29.36 -16.59
CA SER E 56 -15.80 30.45 -17.44
C SER E 56 -15.61 30.04 -18.90
N ASN E 57 -16.66 30.06 -19.72
CA ASN E 57 -16.49 29.68 -21.12
C ASN E 57 -16.19 30.88 -22.02
N LYS E 58 -16.01 32.06 -21.43
CA LYS E 58 -15.62 33.24 -22.17
C LYS E 58 -14.18 33.69 -21.90
N LYS E 59 -13.63 33.40 -20.72
CA LYS E 59 -12.29 33.84 -20.41
C LYS E 59 -11.28 33.03 -21.20
N PRO E 60 -10.27 33.68 -21.79
CA PRO E 60 -9.26 32.95 -22.58
C PRO E 60 -8.49 31.92 -21.77
N ILE E 61 -8.01 30.90 -22.48
CA ILE E 61 -7.10 29.87 -21.95
C ILE E 61 -5.77 30.03 -22.67
N HIS E 62 -4.66 29.86 -21.92
CA HIS E 62 -3.32 29.92 -22.48
C HIS E 62 -2.66 28.54 -22.44
N MET E 63 -2.35 28.03 -23.63
CA MET E 63 -1.72 26.73 -23.80
C MET E 63 -0.27 27.02 -24.21
N TYR E 64 0.67 26.71 -23.31
CA TYR E 64 2.08 26.94 -23.57
C TYR E 64 2.67 25.61 -23.99
N ILE E 65 3.21 25.57 -25.21
CA ILE E 65 3.63 24.34 -25.86
C ILE E 65 5.15 24.34 -26.03
N ASN E 66 5.82 23.36 -25.42
CA ASN E 66 7.22 23.03 -25.69
C ASN E 66 7.23 21.51 -25.80
N SER E 67 6.99 21.00 -27.00
CA SER E 67 6.79 19.57 -27.20
C SER E 67 7.47 19.07 -28.46
N PRO E 68 8.13 17.92 -28.39
CA PRO E 68 8.70 17.30 -29.60
C PRO E 68 7.73 16.45 -30.40
N GLY E 69 6.49 16.30 -29.95
CA GLY E 69 5.51 15.48 -30.62
C GLY E 69 5.01 14.39 -29.70
N GLY E 70 4.39 13.34 -30.24
CA GLY E 70 3.94 12.24 -29.42
C GLY E 70 2.89 11.42 -30.15
N VAL E 71 2.09 10.70 -29.35
CA VAL E 71 1.05 9.81 -29.88
C VAL E 71 0.03 10.62 -30.65
N VAL E 72 -0.25 10.19 -31.88
CA VAL E 72 -1.14 10.94 -32.76
C VAL E 72 -2.56 10.96 -32.21
N THR E 73 -3.10 9.80 -31.79
CA THR E 73 -4.47 9.80 -31.27
C THR E 73 -4.58 10.63 -30.00
N ALA E 74 -3.51 10.63 -29.17
CA ALA E 74 -3.50 11.49 -28.00
C ALA E 74 -3.55 12.96 -28.40
N GLY E 75 -2.76 13.34 -29.40
CA GLY E 75 -2.79 14.72 -29.87
C GLY E 75 -4.14 15.12 -30.46
N LEU E 76 -4.77 14.22 -31.24
CA LEU E 76 -6.07 14.57 -31.80
C LEU E 76 -7.13 14.71 -30.71
N ALA E 77 -7.01 13.94 -29.61
CA ALA E 77 -7.94 14.10 -28.50
C ALA E 77 -7.85 15.51 -27.92
N ILE E 78 -6.62 16.01 -27.74
CA ILE E 78 -6.40 17.38 -27.30
C ILE E 78 -6.93 18.35 -28.34
N TYR E 79 -6.58 18.14 -29.61
CA TYR E 79 -7.09 18.99 -30.68
C TYR E 79 -8.61 19.06 -30.65
N ASP E 80 -9.26 17.90 -30.50
CA ASP E 80 -10.71 17.83 -30.53
C ASP E 80 -11.33 18.54 -29.33
N THR E 81 -10.71 18.41 -28.14
CA THR E 81 -11.20 19.09 -26.95
C THR E 81 -11.08 20.60 -27.10
N MET E 82 -9.98 21.05 -27.73
CA MET E 82 -9.78 22.47 -28.05
C MET E 82 -10.92 23.00 -28.92
N GLN E 83 -11.26 22.26 -29.96
CA GLN E 83 -12.37 22.68 -30.82
C GLN E 83 -13.69 22.64 -30.07
N TYR E 84 -13.84 21.71 -29.11
CA TYR E 84 -15.11 21.55 -28.42
C TYR E 84 -15.42 22.74 -27.52
N ILE E 85 -14.51 23.09 -26.62
CA ILE E 85 -14.80 24.18 -25.67
C ILE E 85 -15.01 25.49 -26.43
N LEU E 86 -15.72 26.40 -25.77
CA LEU E 86 -16.05 27.70 -26.35
C LEU E 86 -14.96 28.73 -26.15
N ASN E 87 -13.99 28.46 -25.29
CA ASN E 87 -13.09 29.51 -24.87
C ASN E 87 -12.15 29.89 -26.01
N PRO E 88 -11.79 31.17 -26.14
CA PRO E 88 -10.61 31.50 -26.94
C PRO E 88 -9.39 30.83 -26.31
N ILE E 89 -8.52 30.31 -27.15
CA ILE E 89 -7.30 29.66 -26.68
C ILE E 89 -6.12 30.38 -27.33
N CYS E 90 -5.26 30.99 -26.52
CA CYS E 90 -3.97 31.47 -27.01
C CYS E 90 -2.94 30.36 -26.90
N THR E 91 -2.29 30.07 -28.01
CA THR E 91 -1.21 29.09 -28.03
C THR E 91 0.11 29.85 -28.11
N TRP E 92 1.10 29.32 -27.40
CA TRP E 92 2.46 29.85 -27.39
C TRP E 92 3.45 28.71 -27.61
N CYS E 93 4.35 28.91 -28.58
CA CYS E 93 5.47 28.01 -28.79
C CYS E 93 6.69 28.50 -28.02
N VAL E 94 7.13 27.71 -27.05
CA VAL E 94 8.33 28.02 -26.26
C VAL E 94 9.31 26.86 -26.43
N GLY E 95 10.55 27.17 -26.78
CA GLY E 95 11.49 26.11 -27.09
C GLY E 95 11.25 25.52 -28.46
N GLN E 96 10.24 24.66 -28.58
CA GLN E 96 9.89 24.05 -29.86
C GLN E 96 8.45 23.53 -29.83
N ALA E 97 7.93 23.30 -31.03
CA ALA E 97 6.67 22.57 -31.24
C ALA E 97 6.89 21.73 -32.49
N ALA E 98 6.98 20.42 -32.32
CA ALA E 98 7.27 19.50 -33.41
C ALA E 98 6.19 18.44 -33.52
N SER E 99 5.78 18.12 -34.74
CA SER E 99 4.80 17.05 -34.99
C SER E 99 3.49 17.39 -34.30
N MET E 100 2.95 16.53 -33.44
CA MET E 100 1.63 16.79 -32.86
C MET E 100 1.61 18.11 -32.08
N GLY E 101 2.76 18.51 -31.52
CA GLY E 101 2.84 19.79 -30.83
C GLY E 101 2.56 21.00 -31.71
N SER E 102 3.12 20.99 -32.93
CA SER E 102 2.85 22.11 -33.82
C SER E 102 1.43 22.05 -34.36
N LEU E 103 0.79 20.88 -34.34
CA LEU E 103 -0.61 20.84 -34.73
C LEU E 103 -1.49 21.55 -33.70
N LEU E 104 -1.20 21.31 -32.41
CA LEU E 104 -1.91 22.01 -31.33
C LEU E 104 -1.63 23.49 -31.37
N LEU E 105 -0.37 23.87 -31.59
CA LEU E 105 -0.02 25.27 -31.72
C LEU E 105 -0.86 25.93 -32.80
N ALA E 106 -0.94 25.29 -33.98
CA ALA E 106 -1.65 25.90 -35.09
C ALA E 106 -3.15 25.99 -34.87
N ALA E 107 -3.68 25.27 -33.88
CA ALA E 107 -5.13 25.14 -33.67
C ALA E 107 -5.69 26.12 -32.65
N GLY E 108 -4.85 26.98 -32.07
CA GLY E 108 -5.38 28.00 -31.19
C GLY E 108 -6.26 28.97 -31.96
N THR E 109 -6.94 29.82 -31.18
CA THR E 109 -7.90 30.76 -31.75
C THR E 109 -7.22 31.66 -32.77
N PRO E 110 -7.80 31.87 -33.95
CA PRO E 110 -7.17 32.73 -34.95
C PRO E 110 -6.85 34.11 -34.38
N GLY E 111 -5.64 34.58 -34.65
CA GLY E 111 -5.12 35.79 -34.06
C GLY E 111 -4.44 35.63 -32.72
N MET E 112 -4.56 34.47 -32.07
CA MET E 112 -4.02 34.25 -30.74
C MET E 112 -2.94 33.17 -30.70
N ARG E 113 -2.33 32.86 -31.85
CA ARG E 113 -1.25 31.88 -31.91
C ARG E 113 0.09 32.62 -31.96
N HIS E 114 0.98 32.33 -31.00
CA HIS E 114 2.20 33.11 -30.79
C HIS E 114 3.43 32.21 -30.73
N SER E 115 4.59 32.84 -30.90
CA SER E 115 5.87 32.17 -30.71
C SER E 115 6.85 33.12 -30.04
N LEU E 116 7.73 32.57 -29.21
CA LEU E 116 8.87 33.32 -28.72
C LEU E 116 9.93 33.36 -29.82
N PRO E 117 10.88 34.30 -29.75
CA PRO E 117 11.72 34.57 -30.95
C PRO E 117 12.62 33.42 -31.39
N ASN E 118 13.08 32.56 -30.48
CA ASN E 118 14.04 31.53 -30.81
C ASN E 118 13.45 30.12 -30.92
N SER E 119 12.12 30.01 -31.06
CA SER E 119 11.51 28.69 -31.13
C SER E 119 11.79 28.03 -32.48
N ARG E 120 11.59 26.72 -32.51
CA ARG E 120 11.67 25.93 -33.74
C ARG E 120 10.32 25.22 -33.89
N ILE E 121 9.77 25.22 -35.11
CA ILE E 121 8.48 24.60 -35.37
C ILE E 121 8.64 23.56 -36.48
N MET E 122 8.10 22.37 -36.25
CA MET E 122 8.15 21.29 -37.25
C MET E 122 6.78 20.65 -37.43
N ILE E 123 6.32 20.56 -38.69
CA ILE E 123 5.10 19.84 -39.02
C ILE E 123 5.35 18.48 -39.67
N HIS E 124 6.59 18.20 -40.07
CA HIS E 124 6.98 16.88 -40.55
C HIS E 124 6.69 15.82 -39.49
N GLN E 125 6.18 14.68 -39.93
CA GLN E 125 5.92 13.70 -38.90
C GLN E 125 7.09 12.73 -38.78
N PRO E 126 7.34 12.19 -37.59
CA PRO E 126 8.47 11.25 -37.40
C PRO E 126 8.21 9.94 -38.12
N SER E 127 9.26 9.17 -38.27
CA SER E 127 9.10 7.87 -38.91
C SER E 127 8.84 6.76 -37.89
N ALA E 134 4.16 7.27 -30.77
CA ALA E 134 3.83 7.01 -32.18
C ALA E 134 2.45 6.37 -32.35
N THR E 135 2.36 5.12 -31.92
CA THR E 135 1.13 4.36 -31.98
C THR E 135 0.91 3.74 -30.61
N ASP E 136 -0.33 3.74 -30.15
CA ASP E 136 -0.65 3.05 -28.90
C ASP E 136 -0.45 1.55 -29.08
N ILE E 137 -1.10 0.98 -30.09
CA ILE E 137 -0.88 -0.39 -30.54
C ILE E 137 -0.42 -0.35 -31.99
N ALA E 138 0.13 -1.48 -32.46
CA ALA E 138 0.58 -1.58 -33.84
C ALA E 138 -0.60 -1.52 -34.79
N ILE E 139 -0.42 -0.83 -35.92
CA ILE E 139 -1.52 -0.63 -36.88
C ILE E 139 -1.02 -0.92 -38.30
N GLN E 140 -2.00 -1.06 -39.21
CA GLN E 140 -1.82 -1.37 -40.63
C GLN E 140 -1.47 -0.12 -41.44
N ALA E 141 -1.03 -0.35 -42.68
CA ALA E 141 -0.62 0.76 -43.55
C ALA E 141 -1.80 1.64 -43.92
N GLU E 142 -2.98 1.05 -44.14
CA GLU E 142 -4.16 1.84 -44.44
C GLU E 142 -4.53 2.76 -43.27
N GLU E 143 -4.28 2.32 -42.03
CA GLU E 143 -4.62 3.15 -40.88
C GLU E 143 -3.65 4.31 -40.71
N ILE E 144 -2.34 4.05 -40.84
CA ILE E 144 -1.37 5.12 -40.72
C ILE E 144 -1.58 6.17 -41.82
N MET E 145 -1.97 5.73 -43.02
CA MET E 145 -2.28 6.71 -44.06
C MET E 145 -3.58 7.46 -43.75
N LYS E 146 -4.56 6.80 -43.14
CA LYS E 146 -5.78 7.50 -42.79
C LYS E 146 -5.48 8.59 -41.76
N LEU E 147 -4.64 8.29 -40.78
CA LEU E 147 -4.27 9.28 -39.79
C LEU E 147 -3.53 10.44 -40.44
N LYS E 148 -2.57 10.13 -41.31
CA LYS E 148 -1.79 11.16 -41.98
C LYS E 148 -2.68 12.10 -42.78
N LYS E 149 -3.73 11.57 -43.40
CA LYS E 149 -4.68 12.42 -44.10
C LYS E 149 -5.43 13.33 -43.11
N GLN E 150 -5.74 12.81 -41.93
CA GLN E 150 -6.39 13.65 -40.93
C GLN E 150 -5.49 14.82 -40.53
N LEU E 151 -4.18 14.57 -40.43
CA LEU E 151 -3.26 15.65 -40.13
C LEU E 151 -3.23 16.65 -41.27
N TYR E 152 -3.26 16.16 -42.50
CA TYR E 152 -3.33 17.03 -43.67
C TYR E 152 -4.52 17.98 -43.61
N ASN E 153 -5.72 17.45 -43.31
CA ASN E 153 -6.92 18.29 -43.34
C ASN E 153 -6.93 19.29 -42.20
N ILE E 154 -6.49 18.88 -41.01
CA ILE E 154 -6.44 19.79 -39.88
C ILE E 154 -5.45 20.92 -40.15
N TYR E 155 -4.23 20.59 -40.63
CA TYR E 155 -3.27 21.63 -40.98
C TYR E 155 -3.80 22.52 -42.09
N ALA E 156 -4.45 21.93 -43.10
CA ALA E 156 -5.02 22.73 -44.17
C ALA E 156 -6.05 23.72 -43.63
N LYS E 157 -6.89 23.25 -42.71
CA LYS E 157 -7.96 24.06 -42.13
C LYS E 157 -7.40 25.30 -41.43
N HIS E 158 -6.35 25.11 -40.62
CA HIS E 158 -5.88 26.16 -39.74
C HIS E 158 -4.79 27.04 -40.35
N THR E 159 -4.04 26.54 -41.34
CA THR E 159 -3.06 27.40 -42.01
C THR E 159 -3.64 28.13 -43.21
N LYS E 160 -4.81 27.69 -43.69
CA LYS E 160 -5.45 28.20 -44.89
C LYS E 160 -4.64 27.84 -46.13
N GLN E 161 -3.69 26.91 -46.00
CA GLN E 161 -3.01 26.35 -47.15
C GLN E 161 -3.84 25.23 -47.74
N SER E 162 -3.50 24.86 -48.97
CA SER E 162 -4.16 23.79 -49.69
C SER E 162 -3.51 22.46 -49.34
N LEU E 163 -4.25 21.37 -49.56
CA LEU E 163 -3.73 20.05 -49.26
C LEU E 163 -2.36 19.83 -49.90
N GLN E 164 -2.22 20.20 -51.18
CA GLN E 164 -0.96 19.95 -51.87
C GLN E 164 0.20 20.70 -51.20
N VAL E 165 -0.05 21.93 -50.74
CA VAL E 165 0.99 22.67 -50.02
C VAL E 165 1.34 21.97 -48.72
N ILE E 166 0.34 21.47 -48.00
CA ILE E 166 0.60 20.82 -46.72
C ILE E 166 1.40 19.52 -46.91
N GLU E 167 1.00 18.70 -47.88
CA GLU E 167 1.69 17.42 -48.09
C GLU E 167 3.14 17.60 -48.53
N SER E 168 3.41 18.54 -49.44
CA SER E 168 4.81 18.75 -49.84
C SER E 168 5.62 19.31 -48.68
N ALA E 169 5.03 20.21 -47.89
CA ALA E 169 5.77 20.78 -46.77
C ALA E 169 6.07 19.72 -45.71
N MET E 170 5.12 18.82 -45.43
CA MET E 170 5.36 17.79 -44.41
C MET E 170 6.35 16.73 -44.86
N GLU E 171 6.65 16.67 -46.16
CA GLU E 171 7.64 15.72 -46.66
C GLU E 171 9.07 16.16 -46.40
N ARG E 172 9.29 17.45 -46.12
CA ARG E 172 10.62 17.96 -45.84
C ARG E 172 10.92 17.80 -44.35
N ASP E 173 11.98 17.06 -44.04
CA ASP E 173 12.41 16.82 -42.67
C ASP E 173 13.14 18.08 -42.18
N ARG E 174 12.40 19.01 -41.60
CA ARG E 174 13.03 20.28 -41.26
C ARG E 174 12.18 21.06 -40.26
N TYR E 175 12.83 22.03 -39.63
CA TYR E 175 12.16 22.96 -38.73
C TYR E 175 12.01 24.30 -39.43
N MET E 176 11.01 25.03 -38.98
CA MET E 176 10.73 26.37 -39.44
C MET E 176 11.10 27.35 -38.34
N SER E 177 11.47 28.56 -38.76
CA SER E 177 11.64 29.64 -37.81
C SER E 177 10.26 30.16 -37.42
N PRO E 178 10.15 30.93 -36.33
CA PRO E 178 8.84 31.51 -36.00
C PRO E 178 8.27 32.39 -37.12
N MET E 179 9.12 33.10 -37.88
CA MET E 179 8.58 33.94 -38.94
C MET E 179 8.12 33.12 -40.13
N GLU E 180 8.84 32.04 -40.48
CA GLU E 180 8.35 31.15 -41.53
C GLU E 180 6.99 30.56 -41.17
N ALA E 181 6.86 30.08 -39.93
CA ALA E 181 5.60 29.50 -39.48
C ALA E 181 4.51 30.57 -39.48
N GLN E 182 4.87 31.82 -39.19
CA GLN E 182 3.91 32.89 -39.34
C GLN E 182 3.48 33.02 -40.80
N GLU E 183 4.45 33.04 -41.73
CA GLU E 183 4.10 33.19 -43.14
C GLU E 183 3.34 31.98 -43.65
N PHE E 184 3.63 30.80 -43.10
CA PHE E 184 2.95 29.57 -43.52
C PHE E 184 1.54 29.44 -42.94
N GLY E 185 1.22 30.18 -41.89
CA GLY E 185 -0.09 30.07 -41.29
C GLY E 185 -0.17 29.22 -40.04
N ILE E 186 0.96 28.81 -39.48
CA ILE E 186 0.91 28.07 -38.22
C ILE E 186 0.63 29.01 -37.05
N LEU E 187 1.13 30.24 -37.10
CA LEU E 187 0.90 31.19 -36.02
C LEU E 187 0.70 32.59 -36.60
N ASP E 188 0.29 33.51 -35.72
CA ASP E 188 -0.07 34.87 -36.10
C ASP E 188 0.99 35.90 -35.70
N LYS E 189 1.66 35.76 -34.55
CA LYS E 189 2.55 36.79 -34.02
C LYS E 189 3.80 36.18 -33.39
N VAL E 190 4.95 36.85 -33.60
CA VAL E 190 6.22 36.52 -32.92
C VAL E 190 6.58 37.68 -31.98
N LEU E 191 6.53 37.44 -30.66
CA LEU E 191 6.74 38.50 -29.67
C LEU E 191 8.01 38.30 -28.85
N VAL E 192 8.56 39.40 -28.36
CA VAL E 192 9.73 39.38 -27.49
C VAL E 192 9.40 39.85 -26.07
N HIS E 193 8.38 40.71 -25.89
CA HIS E 193 7.84 41.12 -24.57
C HIS E 193 6.33 41.42 -24.65
N SER F 3 -0.53 -1.07 -3.99
CA SER F 3 -0.85 -1.62 -2.68
C SER F 3 -1.27 -0.51 -1.72
N LEU F 4 -2.57 -0.20 -1.71
CA LEU F 4 -3.11 0.96 -1.00
C LEU F 4 -3.71 0.51 0.32
N ILE F 5 -3.32 1.17 1.41
CA ILE F 5 -3.74 0.82 2.76
C ILE F 5 -4.94 1.68 3.13
N PRO F 6 -6.09 1.09 3.46
CA PRO F 6 -7.29 1.90 3.71
C PRO F 6 -7.24 2.62 5.06
N ILE F 7 -8.05 3.68 5.16
CA ILE F 7 -8.20 4.43 6.40
C ILE F 7 -9.52 4.05 7.06
N VAL F 8 -9.49 3.90 8.38
CA VAL F 8 -10.69 3.60 9.16
C VAL F 8 -10.83 4.68 10.21
N VAL F 9 -12.06 4.90 10.67
CA VAL F 9 -12.36 5.87 11.72
C VAL F 9 -12.87 5.20 13.00
N GLU F 16 -13.95 10.01 15.18
CA GLU F 16 -13.16 11.08 15.80
C GLU F 16 -11.71 11.04 15.33
N ARG F 17 -11.08 9.86 15.37
CA ARG F 17 -9.70 9.72 14.94
C ARG F 17 -9.61 8.72 13.79
N ALA F 18 -8.64 8.96 12.91
CA ALA F 18 -8.43 8.16 11.71
C ALA F 18 -7.13 7.38 11.81
N TYR F 19 -7.18 6.13 11.38
CA TYR F 19 -6.01 5.27 11.37
C TYR F 19 -5.95 4.57 10.03
N ASP F 20 -4.73 4.31 9.55
CA ASP F 20 -4.59 3.26 8.56
C ASP F 20 -4.90 1.95 9.28
N ILE F 21 -5.44 0.97 8.52
CA ILE F 21 -5.99 -0.23 9.18
C ILE F 21 -4.93 -0.94 10.00
N TYR F 22 -3.65 -0.81 9.62
CA TYR F 22 -2.62 -1.49 10.40
C TYR F 22 -2.36 -0.78 11.71
N SER F 23 -2.41 0.55 11.71
CA SER F 23 -2.34 1.27 12.96
C SER F 23 -3.56 0.97 13.84
N ARG F 24 -4.72 0.73 13.23
CA ARG F 24 -5.88 0.37 14.03
C ARG F 24 -5.70 -1.01 14.67
N LEU F 25 -5.10 -1.94 13.93
CA LEU F 25 -4.81 -3.26 14.49
C LEU F 25 -3.81 -3.16 15.65
N LEU F 26 -2.81 -2.27 15.52
CA LEU F 26 -1.85 -2.12 16.58
C LEU F 26 -2.47 -1.47 17.82
N ARG F 27 -3.49 -0.61 17.63
CA ARG F 27 -4.21 -0.04 18.77
C ARG F 27 -4.99 -1.12 19.52
N GLU F 28 -5.39 -2.17 18.80
CA GLU F 28 -6.01 -3.34 19.38
C GLU F 28 -5.01 -4.29 20.04
N ARG F 29 -3.73 -3.91 20.08
CA ARG F 29 -2.63 -4.75 20.60
C ARG F 29 -2.38 -5.99 19.73
N ILE F 30 -2.60 -5.89 18.42
CA ILE F 30 -2.28 -6.96 17.48
C ILE F 30 -0.98 -6.61 16.78
N VAL F 31 -0.07 -7.57 16.71
CA VAL F 31 1.19 -7.44 15.99
C VAL F 31 1.20 -8.48 14.88
N CYS F 32 1.37 -8.04 13.64
CA CYS F 32 1.45 -8.96 12.52
C CYS F 32 2.89 -9.38 12.27
N VAL F 33 3.09 -10.68 12.07
CA VAL F 33 4.36 -11.20 11.57
C VAL F 33 4.02 -11.92 10.29
N MET F 34 3.83 -11.17 9.22
CA MET F 34 3.39 -11.74 7.96
C MET F 34 4.47 -11.55 6.91
N GLY F 35 4.80 -12.64 6.21
CA GLY F 35 5.82 -12.59 5.19
C GLY F 35 7.17 -12.93 5.77
N PRO F 36 8.21 -12.84 4.95
CA PRO F 36 9.54 -13.26 5.42
C PRO F 36 10.07 -12.36 6.53
N ILE F 37 10.84 -12.97 7.42
CA ILE F 37 11.41 -12.31 8.58
C ILE F 37 12.84 -11.91 8.25
N ASP F 38 13.10 -10.60 8.27
CA ASP F 38 14.47 -10.09 8.18
C ASP F 38 14.68 -9.04 9.28
N ASP F 39 15.83 -8.37 9.26
CA ASP F 39 16.18 -7.49 10.35
C ASP F 39 15.17 -6.35 10.50
N SER F 40 14.72 -5.79 9.38
CA SER F 40 13.77 -4.69 9.45
C SER F 40 12.41 -5.15 9.97
N VAL F 41 11.98 -6.37 9.58
CA VAL F 41 10.76 -6.93 10.18
C VAL F 41 10.95 -7.06 11.68
N ALA F 42 12.10 -7.57 12.10
CA ALA F 42 12.37 -7.76 13.52
C ALA F 42 12.38 -6.43 14.28
N SER F 43 12.99 -5.40 13.68
CA SER F 43 13.00 -4.08 14.31
C SER F 43 11.58 -3.55 14.44
N LEU F 44 10.78 -3.67 13.38
CA LEU F 44 9.38 -3.22 13.43
C LEU F 44 8.58 -4.01 14.47
N VAL F 45 8.76 -5.33 14.50
CA VAL F 45 8.05 -6.13 15.49
C VAL F 45 8.51 -5.82 16.91
N ILE F 46 9.82 -5.64 17.12
CA ILE F 46 10.34 -5.36 18.47
C ILE F 46 9.81 -4.02 18.97
N ALA F 47 9.77 -3.01 18.09
CA ALA F 47 9.24 -1.71 18.45
C ALA F 47 7.81 -1.79 18.94
N GLN F 48 6.97 -2.56 18.24
CA GLN F 48 5.57 -2.68 18.66
C GLN F 48 5.46 -3.47 19.96
N LEU F 49 6.31 -4.48 20.15
CA LEU F 49 6.27 -5.23 21.39
C LEU F 49 6.60 -4.34 22.59
N LEU F 50 7.72 -3.58 22.51
CA LEU F 50 8.09 -2.69 23.60
C LEU F 50 7.05 -1.58 23.79
N PHE F 51 6.48 -1.09 22.70
CA PHE F 51 5.43 -0.09 22.84
C PHE F 51 4.23 -0.66 23.58
N LEU F 52 3.77 -1.84 23.15
CA LEU F 52 2.60 -2.47 23.75
C LEU F 52 2.84 -2.77 25.23
N GLN F 53 4.07 -3.17 25.60
CA GLN F 53 4.35 -3.40 27.01
C GLN F 53 4.30 -2.10 27.78
N SER F 54 4.83 -1.02 27.19
CA SER F 54 4.83 0.26 27.88
C SER F 54 3.41 0.78 28.06
N GLU F 55 2.51 0.45 27.14
CA GLU F 55 1.11 0.85 27.33
C GLU F 55 0.47 0.08 28.48
N SER F 56 0.84 -1.19 28.66
CA SER F 56 0.30 -2.07 29.71
C SER F 56 1.09 -3.37 29.74
N ASN F 57 1.72 -3.70 30.86
CA ASN F 57 2.50 -4.92 30.96
C ASN F 57 1.67 -6.09 31.45
N LYS F 58 0.36 -5.90 31.61
CA LYS F 58 -0.54 -6.97 32.01
C LYS F 58 -1.46 -7.43 30.88
N LYS F 59 -1.77 -6.53 29.96
CA LYS F 59 -2.69 -6.86 28.91
C LYS F 59 -2.01 -7.78 27.88
N PRO F 60 -2.71 -8.84 27.44
CA PRO F 60 -2.15 -9.71 26.43
C PRO F 60 -1.88 -8.93 25.15
N ILE F 61 -0.94 -9.47 24.38
CA ILE F 61 -0.61 -9.02 23.04
C ILE F 61 -1.00 -10.15 22.11
N HIS F 62 -1.55 -9.82 20.95
CA HIS F 62 -1.93 -10.83 19.97
C HIS F 62 -0.95 -10.76 18.79
N MET F 63 -0.23 -11.85 18.57
CA MET F 63 0.77 -11.98 17.51
C MET F 63 0.18 -12.91 16.47
N TYR F 64 -0.16 -12.36 15.30
CA TYR F 64 -0.71 -13.14 14.20
C TYR F 64 0.39 -13.40 13.19
N ILE F 65 0.72 -14.68 12.97
CA ILE F 65 1.88 -15.11 12.19
C ILE F 65 1.40 -15.79 10.91
N ASN F 66 1.83 -15.25 9.77
CA ASN F 66 1.70 -15.91 8.46
C ASN F 66 3.03 -15.69 7.74
N SER F 67 3.98 -16.60 7.99
CA SER F 67 5.36 -16.41 7.55
C SER F 67 6.01 -17.71 7.08
N PRO F 68 6.79 -17.64 6.00
CA PRO F 68 7.58 -18.80 5.57
C PRO F 68 8.91 -18.94 6.29
N GLY F 69 9.27 -18.01 7.18
CA GLY F 69 10.56 -18.05 7.84
C GLY F 69 11.40 -16.80 7.59
N GLY F 70 12.70 -16.89 7.78
CA GLY F 70 13.55 -15.74 7.52
C GLY F 70 14.90 -15.88 8.21
N VAL F 71 15.55 -14.72 8.40
CA VAL F 71 16.88 -14.69 9.01
C VAL F 71 16.80 -15.20 10.44
N VAL F 72 17.67 -16.14 10.78
CA VAL F 72 17.60 -16.77 12.10
C VAL F 72 17.91 -15.75 13.19
N THR F 73 18.95 -14.94 13.02
CA THR F 73 19.28 -13.98 14.08
C THR F 73 18.16 -12.96 14.27
N ALA F 74 17.53 -12.54 13.16
CA ALA F 74 16.37 -11.65 13.26
C ALA F 74 15.23 -12.30 14.01
N GLY F 75 14.93 -13.57 13.70
CA GLY F 75 13.88 -14.27 14.42
C GLY F 75 14.20 -14.45 15.88
N LEU F 76 15.48 -14.68 16.21
CA LEU F 76 15.85 -14.80 17.61
C LEU F 76 15.67 -13.47 18.34
N ALA F 77 15.92 -12.34 17.65
CA ALA F 77 15.70 -11.06 18.30
C ALA F 77 14.25 -10.92 18.74
N ILE F 78 13.31 -11.28 17.85
CA ILE F 78 11.90 -11.27 18.21
C ILE F 78 11.62 -12.26 19.33
N TYR F 79 12.14 -13.48 19.20
CA TYR F 79 11.95 -14.48 20.24
C TYR F 79 12.36 -13.94 21.61
N ASP F 80 13.53 -13.30 21.69
CA ASP F 80 14.03 -12.81 22.97
C ASP F 80 13.14 -11.69 23.50
N THR F 81 12.65 -10.82 22.61
CA THR F 81 11.75 -9.75 23.03
C THR F 81 10.44 -10.31 23.55
N MET F 82 9.95 -11.38 22.91
CA MET F 82 8.77 -12.07 23.41
C MET F 82 9.01 -12.58 24.83
N GLN F 83 10.17 -13.19 25.07
CA GLN F 83 10.50 -13.67 26.40
C GLN F 83 10.75 -12.54 27.39
N TYR F 84 11.26 -11.41 26.91
CA TYR F 84 11.62 -10.30 27.81
C TYR F 84 10.36 -9.66 28.37
N ILE F 85 9.46 -9.21 27.50
CA ILE F 85 8.31 -8.49 28.00
C ILE F 85 7.48 -9.39 28.92
N LEU F 86 6.72 -8.73 29.81
CA LEU F 86 5.91 -9.40 30.81
C LEU F 86 4.55 -9.82 30.29
N ASN F 87 4.11 -9.30 29.15
CA ASN F 87 2.74 -9.51 28.79
C ASN F 87 2.53 -10.96 28.37
N PRO F 88 1.38 -11.55 28.71
CA PRO F 88 1.02 -12.78 28.02
C PRO F 88 0.90 -12.47 26.54
N ILE F 89 1.40 -13.38 25.71
CA ILE F 89 1.35 -13.23 24.26
C ILE F 89 0.53 -14.40 23.73
N CYS F 90 -0.60 -14.08 23.12
CA CYS F 90 -1.36 -15.06 22.37
C CYS F 90 -0.84 -15.06 20.93
N THR F 91 -0.36 -16.21 20.46
CA THR F 91 0.07 -16.36 19.08
C THR F 91 -0.94 -17.14 18.25
N TRP F 92 -1.10 -16.74 17.00
CA TRP F 92 -2.01 -17.37 16.06
C TRP F 92 -1.27 -17.72 14.77
N CYS F 93 -1.38 -18.98 14.36
CA CYS F 93 -0.89 -19.40 13.04
C CYS F 93 -2.03 -19.24 12.03
N VAL F 94 -1.81 -18.36 11.06
CA VAL F 94 -2.74 -18.05 9.99
C VAL F 94 -2.02 -18.32 8.68
N GLY F 95 -2.61 -19.12 7.80
CA GLY F 95 -1.90 -19.49 6.60
C GLY F 95 -0.80 -20.50 6.84
N GLN F 96 0.35 -20.05 7.32
CA GLN F 96 1.44 -20.98 7.62
C GLN F 96 2.40 -20.35 8.63
N ALA F 97 3.21 -21.22 9.25
CA ALA F 97 4.37 -20.83 10.06
C ALA F 97 5.47 -21.84 9.82
N ALA F 98 6.50 -21.44 9.10
CA ALA F 98 7.57 -22.34 8.71
C ALA F 98 8.90 -21.80 9.21
N SER F 99 9.74 -22.69 9.75
CA SER F 99 11.07 -22.33 10.23
C SER F 99 10.92 -21.30 11.35
N MET F 100 11.57 -20.12 11.27
CA MET F 100 11.51 -19.18 12.38
C MET F 100 10.08 -18.77 12.69
N GLY F 101 9.21 -18.77 11.68
CA GLY F 101 7.81 -18.49 11.95
C GLY F 101 7.22 -19.47 12.92
N SER F 102 7.52 -20.75 12.77
CA SER F 102 7.00 -21.71 13.72
C SER F 102 7.71 -21.61 15.08
N LEU F 103 8.91 -21.04 15.13
CA LEU F 103 9.55 -20.86 16.43
C LEU F 103 8.85 -19.80 17.26
N LEU F 104 8.49 -18.67 16.64
CA LEU F 104 7.76 -17.65 17.37
C LEU F 104 6.38 -18.16 17.78
N LEU F 105 5.69 -18.84 16.87
CA LEU F 105 4.38 -19.43 17.17
C LEU F 105 4.45 -20.31 18.40
N ALA F 106 5.49 -21.16 18.47
CA ALA F 106 5.66 -22.06 19.59
C ALA F 106 6.10 -21.33 20.85
N ALA F 107 6.53 -20.07 20.72
CA ALA F 107 7.05 -19.30 21.84
C ALA F 107 6.00 -18.44 22.53
N GLY F 108 4.75 -18.47 22.09
CA GLY F 108 3.71 -17.73 22.79
C GLY F 108 3.46 -18.28 24.19
N THR F 109 2.69 -17.52 24.95
CA THR F 109 2.42 -17.89 26.34
C THR F 109 1.70 -19.23 26.41
N PRO F 110 2.14 -20.15 27.26
CA PRO F 110 1.53 -21.49 27.34
C PRO F 110 0.01 -21.42 27.52
N GLY F 111 -0.70 -22.23 26.74
CA GLY F 111 -2.14 -22.18 26.72
C GLY F 111 -2.73 -21.14 25.78
N MET F 112 -1.92 -20.25 25.20
CA MET F 112 -2.41 -19.17 24.35
C MET F 112 -1.88 -19.25 22.92
N ARG F 113 -1.44 -20.43 22.48
CA ARG F 113 -0.94 -20.63 21.13
C ARG F 113 -2.02 -21.32 20.30
N HIS F 114 -2.40 -20.71 19.19
CA HIS F 114 -3.55 -21.17 18.42
C HIS F 114 -3.18 -21.31 16.95
N SER F 115 -4.02 -22.05 16.24
CA SER F 115 -3.95 -22.14 14.78
C SER F 115 -5.36 -22.11 14.24
N LEU F 116 -5.50 -21.53 13.05
CA LEU F 116 -6.73 -21.68 12.30
C LEU F 116 -6.74 -23.08 11.65
N PRO F 117 -7.91 -23.57 11.23
CA PRO F 117 -8.01 -25.02 10.93
C PRO F 117 -7.16 -25.48 9.75
N ASN F 118 -6.98 -24.64 8.72
CA ASN F 118 -6.35 -25.05 7.48
C ASN F 118 -4.89 -24.62 7.36
N SER F 119 -4.26 -24.28 8.48
CA SER F 119 -2.88 -23.81 8.46
C SER F 119 -1.89 -24.97 8.27
N ARG F 120 -0.65 -24.62 7.90
CA ARG F 120 0.44 -25.57 7.85
C ARG F 120 1.56 -25.08 8.77
N ILE F 121 2.18 -26.00 9.52
CA ILE F 121 3.28 -25.67 10.41
C ILE F 121 4.49 -26.52 10.06
N MET F 122 5.64 -25.88 9.89
CA MET F 122 6.90 -26.54 9.58
C MET F 122 8.01 -26.08 10.50
N ILE F 123 8.73 -27.03 11.10
CA ILE F 123 9.91 -26.72 11.92
C ILE F 123 11.22 -27.09 11.21
N HIS F 124 11.16 -27.76 10.07
CA HIS F 124 12.36 -28.02 9.27
C HIS F 124 13.03 -26.71 8.87
N GLN F 125 14.35 -26.69 8.95
CA GLN F 125 14.95 -25.44 8.54
C GLN F 125 15.36 -25.52 7.08
N PRO F 126 15.32 -24.41 6.34
CA PRO F 126 15.70 -24.47 4.91
C PRO F 126 17.19 -24.70 4.74
N SER F 127 17.55 -25.15 3.54
CA SER F 127 18.95 -25.38 3.25
C SER F 127 19.57 -24.12 2.61
N ALA F 134 18.06 -15.82 4.65
CA ALA F 134 18.74 -16.95 5.27
C ALA F 134 19.84 -16.51 6.27
N THR F 135 20.89 -15.91 5.73
CA THR F 135 22.02 -15.47 6.52
C THR F 135 22.32 -14.01 6.20
N ASP F 136 22.61 -13.25 7.25
CA ASP F 136 23.03 -11.85 7.06
C ASP F 136 24.37 -11.78 6.35
N ILE F 137 25.40 -12.43 6.91
CA ILE F 137 26.69 -12.59 6.27
C ILE F 137 26.98 -14.08 6.14
N ALA F 138 27.97 -14.39 5.31
CA ALA F 138 28.41 -15.78 5.20
C ALA F 138 29.10 -16.17 6.49
N ILE F 139 28.85 -17.39 6.96
CA ILE F 139 29.39 -17.84 8.24
C ILE F 139 29.98 -19.24 8.07
N GLN F 140 30.77 -19.66 9.06
CA GLN F 140 31.44 -20.95 9.07
C GLN F 140 30.50 -22.06 9.53
N ALA F 141 30.93 -23.32 9.32
CA ALA F 141 30.09 -24.48 9.63
C ALA F 141 29.86 -24.63 11.12
N GLU F 142 30.86 -24.30 11.95
CA GLU F 142 30.62 -24.35 13.40
C GLU F 142 29.56 -23.35 13.84
N GLU F 143 29.50 -22.18 13.19
CA GLU F 143 28.53 -21.17 13.61
C GLU F 143 27.12 -21.57 13.23
N ILE F 144 26.93 -22.08 12.00
CA ILE F 144 25.61 -22.56 11.61
C ILE F 144 25.19 -23.72 12.51
N MET F 145 26.14 -24.55 12.93
CA MET F 145 25.77 -25.63 13.82
C MET F 145 25.42 -25.10 15.21
N LYS F 146 26.10 -24.03 15.65
CA LYS F 146 25.77 -23.40 16.92
C LYS F 146 24.34 -22.83 16.88
N LEU F 147 23.98 -22.15 15.78
CA LEU F 147 22.62 -21.61 15.68
C LEU F 147 21.56 -22.71 15.66
N LYS F 148 21.80 -23.78 14.89
CA LYS F 148 20.84 -24.86 14.80
C LYS F 148 20.60 -25.49 16.16
N LYS F 149 21.66 -25.57 17.00
CA LYS F 149 21.50 -26.08 18.36
C LYS F 149 20.67 -25.14 19.24
N GLN F 150 20.82 -23.83 19.05
CA GLN F 150 19.95 -22.90 19.77
C GLN F 150 18.49 -23.13 19.40
N LEU F 151 18.22 -23.43 18.13
CA LEU F 151 16.85 -23.73 17.73
C LEU F 151 16.36 -25.02 18.38
N TYR F 152 17.23 -26.03 18.45
CA TYR F 152 16.89 -27.28 19.15
C TYR F 152 16.49 -27.01 20.60
N ASN F 153 17.31 -26.23 21.31
CA ASN F 153 17.01 -25.99 22.72
C ASN F 153 15.74 -25.18 22.88
N ILE F 154 15.55 -24.18 22.02
CA ILE F 154 14.35 -23.36 22.09
C ILE F 154 13.12 -24.21 21.76
N TYR F 155 13.21 -25.02 20.70
CA TYR F 155 12.09 -25.91 20.35
C TYR F 155 11.80 -26.93 21.45
N ALA F 156 12.84 -27.53 22.03
CA ALA F 156 12.60 -28.46 23.13
C ALA F 156 11.91 -27.77 24.32
N LYS F 157 12.33 -26.55 24.66
CA LYS F 157 11.76 -25.87 25.82
C LYS F 157 10.26 -25.66 25.70
N HIS F 158 9.80 -25.16 24.56
CA HIS F 158 8.41 -24.75 24.49
C HIS F 158 7.48 -25.89 24.09
N THR F 159 7.99 -26.93 23.45
CA THR F 159 7.18 -28.11 23.16
C THR F 159 7.24 -29.13 24.28
N LYS F 160 8.23 -29.02 25.16
CA LYS F 160 8.49 -29.96 26.25
C LYS F 160 8.92 -31.31 25.71
N GLN F 161 9.29 -31.38 24.44
CA GLN F 161 9.90 -32.57 23.87
C GLN F 161 11.39 -32.60 24.20
N SER F 162 11.99 -33.76 23.97
CA SER F 162 13.40 -33.97 24.21
C SER F 162 14.22 -33.55 23.00
N LEU F 163 15.52 -33.32 23.22
CA LEU F 163 16.42 -32.92 22.13
C LEU F 163 16.36 -33.91 20.97
N GLN F 164 16.44 -35.22 21.27
CA GLN F 164 16.46 -36.21 20.21
C GLN F 164 15.20 -36.16 19.37
N VAL F 165 14.05 -35.97 20.02
CA VAL F 165 12.78 -35.83 19.32
C VAL F 165 12.77 -34.57 18.46
N ILE F 166 13.33 -33.47 18.97
CA ILE F 166 13.33 -32.25 18.17
C ILE F 166 14.21 -32.43 16.94
N GLU F 167 15.39 -33.00 17.11
CA GLU F 167 16.34 -33.15 16.00
C GLU F 167 15.82 -34.09 14.92
N SER F 168 15.16 -35.20 15.29
CA SER F 168 14.62 -36.10 14.28
C SER F 168 13.52 -35.41 13.51
N ALA F 169 12.65 -34.71 14.22
CA ALA F 169 11.53 -34.05 13.57
C ALA F 169 12.02 -32.97 12.60
N MET F 170 13.03 -32.20 13.00
CA MET F 170 13.55 -31.12 12.15
C MET F 170 14.27 -31.67 10.94
N GLU F 171 14.59 -32.96 10.94
CA GLU F 171 15.22 -33.58 9.78
C GLU F 171 14.23 -33.91 8.67
N ARG F 172 12.94 -34.06 8.99
CA ARG F 172 11.93 -34.42 8.00
C ARG F 172 11.45 -33.14 7.33
N ASP F 173 11.63 -33.07 6.02
CA ASP F 173 11.24 -31.93 5.21
C ASP F 173 9.74 -32.02 4.96
N ARG F 174 8.95 -31.49 5.89
CA ARG F 174 7.51 -31.69 5.81
C ARG F 174 6.80 -30.68 6.70
N TYR F 175 5.50 -30.53 6.43
CA TYR F 175 4.60 -29.70 7.20
C TYR F 175 3.70 -30.57 8.07
N MET F 176 3.24 -29.98 9.17
CA MET F 176 2.28 -30.60 10.07
C MET F 176 0.94 -29.89 9.94
N SER F 177 -0.12 -30.62 10.26
CA SER F 177 -1.41 -29.99 10.39
C SER F 177 -1.49 -29.32 11.75
N PRO F 178 -2.48 -28.44 11.97
CA PRO F 178 -2.65 -27.88 13.31
C PRO F 178 -2.83 -28.93 14.43
N MET F 179 -3.48 -30.08 14.16
CA MET F 179 -3.63 -31.08 15.21
C MET F 179 -2.32 -31.80 15.47
N GLU F 180 -1.55 -32.08 14.42
CA GLU F 180 -0.22 -32.64 14.63
C GLU F 180 0.65 -31.70 15.46
N ALA F 181 0.66 -30.42 15.09
CA ALA F 181 1.46 -29.45 15.84
C ALA F 181 0.96 -29.28 17.26
N GLN F 182 -0.36 -29.42 17.47
CA GLN F 182 -0.88 -29.41 18.83
C GLN F 182 -0.32 -30.58 19.64
N GLU F 183 -0.35 -31.80 19.08
CA GLU F 183 0.18 -32.96 19.80
C GLU F 183 1.70 -32.88 19.97
N PHE F 184 2.39 -32.18 19.08
CA PHE F 184 3.83 -32.12 19.22
C PHE F 184 4.25 -31.16 20.31
N GLY F 185 3.38 -30.24 20.69
CA GLY F 185 3.70 -29.21 21.65
C GLY F 185 4.00 -27.86 21.04
N ILE F 186 3.79 -27.69 19.75
CA ILE F 186 4.01 -26.38 19.15
C ILE F 186 2.89 -25.43 19.53
N LEU F 187 1.65 -25.92 19.64
CA LEU F 187 0.54 -25.08 20.02
C LEU F 187 -0.46 -25.83 20.91
N ASP F 188 -1.41 -25.08 21.46
CA ASP F 188 -2.36 -25.58 22.44
C ASP F 188 -3.77 -25.79 21.91
N LYS F 189 -4.26 -24.95 21.00
CA LYS F 189 -5.66 -25.02 20.61
C LYS F 189 -5.81 -24.78 19.11
N VAL F 190 -6.62 -25.59 18.47
CA VAL F 190 -6.90 -25.41 17.08
C VAL F 190 -8.37 -25.00 16.97
N LEU F 191 -8.63 -23.75 16.64
CA LEU F 191 -10.00 -23.24 16.62
C LEU F 191 -10.57 -22.79 15.28
N VAL F 192 -11.89 -22.65 15.21
CA VAL F 192 -12.55 -22.26 13.97
C VAL F 192 -13.38 -20.99 14.12
N HIS F 193 -13.87 -20.71 15.33
CA HIS F 193 -14.74 -19.55 15.58
C HIS F 193 -14.39 -18.81 16.87
N SER G 3 3.46 14.78 -14.86
CA SER G 3 3.25 13.68 -13.92
C SER G 3 2.60 14.21 -12.63
N LEU G 4 2.74 15.52 -12.42
CA LEU G 4 2.13 16.17 -11.26
C LEU G 4 0.68 16.52 -11.58
N ILE G 5 -0.23 16.13 -10.68
CA ILE G 5 -1.66 16.30 -10.88
C ILE G 5 -2.06 17.62 -10.23
N PRO G 6 -2.65 18.55 -10.96
CA PRO G 6 -2.93 19.88 -10.38
C PRO G 6 -4.10 19.87 -9.39
N ILE G 7 -4.07 20.87 -8.49
CA ILE G 7 -5.10 21.12 -7.49
C ILE G 7 -5.96 22.28 -7.97
N VAL G 8 -7.28 22.14 -7.80
CA VAL G 8 -8.26 23.16 -8.12
C VAL G 8 -9.14 23.36 -6.90
N VAL G 9 -9.80 24.53 -6.83
CA VAL G 9 -10.76 24.84 -5.75
C VAL G 9 -12.18 25.05 -6.30
N GLU G 16 -13.35 27.32 -0.98
CA GLU G 16 -13.85 26.46 0.11
C GLU G 16 -13.12 25.10 0.18
N ARG G 17 -13.18 24.28 -0.87
CA ARG G 17 -12.55 22.95 -0.86
C ARG G 17 -11.56 22.78 -2.02
N ALA G 18 -10.52 21.98 -1.76
CA ALA G 18 -9.47 21.72 -2.74
C ALA G 18 -9.50 20.25 -3.16
N TYR G 19 -9.43 20.00 -4.45
CA TYR G 19 -9.42 18.65 -4.97
C TYR G 19 -8.34 18.58 -6.04
N ASP G 20 -7.75 17.40 -6.19
CA ASP G 20 -7.00 17.14 -7.41
C ASP G 20 -7.96 17.13 -8.59
N ILE G 21 -7.45 17.49 -9.77
CA ILE G 21 -8.36 17.69 -10.91
C ILE G 21 -9.15 16.42 -11.23
N TYR G 22 -8.58 15.23 -10.99
CA TYR G 22 -9.34 14.01 -11.28
C TYR G 22 -10.42 13.77 -10.23
N SER G 23 -10.14 14.07 -8.97
CA SER G 23 -11.21 14.02 -7.97
C SER G 23 -12.29 15.05 -8.28
N ARG G 24 -11.91 16.19 -8.85
CA ARG G 24 -12.90 17.21 -9.23
C ARG G 24 -13.77 16.73 -10.38
N LEU G 25 -13.20 15.96 -11.32
CA LEU G 25 -13.99 15.39 -12.40
C LEU G 25 -14.98 14.36 -11.89
N LEU G 26 -14.59 13.55 -10.89
CA LEU G 26 -15.50 12.56 -10.35
C LEU G 26 -16.66 13.22 -9.63
N ARG G 27 -16.44 14.41 -9.03
CA ARG G 27 -17.53 15.17 -8.43
C ARG G 27 -18.52 15.67 -9.47
N GLU G 28 -18.06 15.88 -10.70
CA GLU G 28 -18.89 16.18 -11.86
C GLU G 28 -19.56 14.92 -12.46
N ARG G 29 -19.39 13.76 -11.81
CA ARG G 29 -19.91 12.48 -12.27
C ARG G 29 -19.25 12.03 -13.58
N ILE G 30 -17.99 12.38 -13.77
CA ILE G 30 -17.20 11.93 -14.91
C ILE G 30 -16.27 10.82 -14.46
N VAL G 31 -16.24 9.73 -15.21
CA VAL G 31 -15.33 8.62 -14.98
C VAL G 31 -14.43 8.52 -16.21
N CYS G 32 -13.12 8.58 -16.00
CA CYS G 32 -12.16 8.44 -17.09
C CYS G 32 -11.77 6.98 -17.28
N VAL G 33 -11.78 6.53 -18.53
CA VAL G 33 -11.24 5.25 -18.95
C VAL G 33 -10.18 5.56 -19.99
N MET G 34 -9.00 5.94 -19.52
CA MET G 34 -7.92 6.35 -20.40
C MET G 34 -6.82 5.29 -20.30
N GLY G 35 -6.33 4.83 -21.44
CA GLY G 35 -5.24 3.90 -21.42
C GLY G 35 -5.71 2.46 -21.35
N PRO G 36 -4.76 1.55 -21.23
CA PRO G 36 -5.11 0.13 -21.27
C PRO G 36 -5.92 -0.29 -20.06
N ILE G 37 -6.82 -1.24 -20.28
CA ILE G 37 -7.71 -1.74 -19.25
C ILE G 37 -7.09 -3.01 -18.67
N ASP G 38 -6.81 -2.98 -17.37
CA ASP G 38 -6.48 -4.22 -16.66
C ASP G 38 -7.26 -4.29 -15.35
N ASP G 39 -6.94 -5.26 -14.49
CA ASP G 39 -7.77 -5.49 -13.32
C ASP G 39 -7.82 -4.27 -12.42
N SER G 40 -6.68 -3.64 -12.17
CA SER G 40 -6.69 -2.49 -11.28
C SER G 40 -7.43 -1.31 -11.89
N VAL G 41 -7.35 -1.14 -13.22
CA VAL G 41 -8.20 -0.15 -13.88
C VAL G 41 -9.68 -0.51 -13.70
N ALA G 42 -10.01 -1.79 -13.88
CA ALA G 42 -11.40 -2.23 -13.74
C ALA G 42 -11.88 -2.02 -12.31
N SER G 43 -11.02 -2.30 -11.33
CA SER G 43 -11.38 -2.09 -9.93
C SER G 43 -11.67 -0.62 -9.65
N LEU G 44 -10.80 0.27 -10.12
CA LEU G 44 -10.97 1.70 -9.94
C LEU G 44 -12.24 2.21 -10.62
N VAL G 45 -12.52 1.73 -11.83
CA VAL G 45 -13.72 2.13 -12.55
C VAL G 45 -14.98 1.64 -11.82
N ILE G 46 -14.97 0.39 -11.35
CA ILE G 46 -16.16 -0.17 -10.72
C ILE G 46 -16.47 0.58 -9.43
N ALA G 47 -15.44 0.87 -8.64
CA ALA G 47 -15.63 1.63 -7.41
C ALA G 47 -16.32 2.95 -7.70
N GLN G 48 -15.90 3.64 -8.75
CA GLN G 48 -16.51 4.93 -9.05
C GLN G 48 -17.95 4.76 -9.53
N LEU G 49 -18.22 3.72 -10.32
CA LEU G 49 -19.58 3.51 -10.80
C LEU G 49 -20.53 3.26 -9.63
N LEU G 50 -20.14 2.35 -8.72
CA LEU G 50 -20.97 2.08 -7.53
C LEU G 50 -21.08 3.31 -6.64
N PHE G 51 -19.99 4.05 -6.48
CA PHE G 51 -20.06 5.26 -5.67
C PHE G 51 -21.04 6.27 -6.26
N LEU G 52 -20.88 6.55 -7.56
CA LEU G 52 -21.72 7.54 -8.23
C LEU G 52 -23.18 7.14 -8.19
N GLN G 53 -23.44 5.83 -8.33
CA GLN G 53 -24.81 5.34 -8.23
C GLN G 53 -25.35 5.54 -6.82
N SER G 54 -24.49 5.35 -5.81
CA SER G 54 -24.93 5.54 -4.43
C SER G 54 -25.25 7.00 -4.13
N GLU G 55 -24.59 7.96 -4.80
CA GLU G 55 -24.95 9.36 -4.62
C GLU G 55 -26.29 9.67 -5.27
N SER G 56 -26.63 8.97 -6.36
CA SER G 56 -27.86 9.15 -7.11
C SER G 56 -28.00 8.08 -8.19
N ASN G 57 -29.07 7.29 -8.16
CA ASN G 57 -29.27 6.26 -9.17
C ASN G 57 -30.07 6.77 -10.35
N LYS G 58 -30.37 8.07 -10.37
CA LYS G 58 -31.10 8.70 -11.46
C LYS G 58 -30.23 9.63 -12.31
N LYS G 59 -29.17 10.20 -11.75
CA LYS G 59 -28.33 11.14 -12.48
C LYS G 59 -27.41 10.42 -13.46
N PRO G 60 -27.28 10.94 -14.68
CA PRO G 60 -26.37 10.33 -15.65
C PRO G 60 -24.93 10.34 -15.16
N ILE G 61 -24.18 9.38 -15.66
CA ILE G 61 -22.74 9.30 -15.46
C ILE G 61 -22.10 9.45 -16.82
N HIS G 62 -21.02 10.22 -16.90
CA HIS G 62 -20.30 10.42 -18.15
C HIS G 62 -19.00 9.65 -18.11
N MET G 63 -18.85 8.72 -19.04
CA MET G 63 -17.67 7.87 -19.15
C MET G 63 -16.88 8.33 -20.38
N TYR G 64 -15.72 8.94 -20.15
CA TYR G 64 -14.85 9.38 -21.23
C TYR G 64 -13.77 8.33 -21.45
N ILE G 65 -13.76 7.75 -22.67
CA ILE G 65 -12.92 6.60 -23.04
C ILE G 65 -11.86 7.05 -24.04
N ASN G 66 -10.59 6.85 -23.68
CA ASN G 66 -9.46 6.96 -24.61
C ASN G 66 -8.58 5.75 -24.33
N SER G 67 -8.89 4.62 -24.97
CA SER G 67 -8.25 3.35 -24.62
C SER G 67 -7.92 2.49 -25.83
N PRO G 68 -6.74 1.88 -25.85
CA PRO G 68 -6.39 0.90 -26.88
C PRO G 68 -6.91 -0.50 -26.62
N GLY G 69 -7.55 -0.74 -25.46
CA GLY G 69 -8.03 -2.06 -25.11
C GLY G 69 -7.44 -2.55 -23.80
N GLY G 70 -7.46 -3.87 -23.58
CA GLY G 70 -6.88 -4.44 -22.38
C GLY G 70 -7.39 -5.85 -22.13
N VAL G 71 -7.27 -6.27 -20.87
CA VAL G 71 -7.67 -7.60 -20.44
C VAL G 71 -9.17 -7.79 -20.65
N VAL G 72 -9.55 -8.88 -21.31
CA VAL G 72 -10.95 -9.08 -21.67
C VAL G 72 -11.83 -9.20 -20.42
N THR G 73 -11.39 -10.02 -19.45
CA THR G 73 -12.22 -10.24 -18.26
C THR G 73 -12.37 -8.94 -17.47
N ALA G 74 -11.29 -8.14 -17.39
CA ALA G 74 -11.35 -6.84 -16.75
C ALA G 74 -12.30 -5.90 -17.49
N GLY G 75 -12.24 -5.88 -18.83
CA GLY G 75 -13.19 -5.09 -19.58
C GLY G 75 -14.61 -5.59 -19.38
N LEU G 76 -14.79 -6.90 -19.30
CA LEU G 76 -16.12 -7.46 -19.05
C LEU G 76 -16.64 -7.08 -17.66
N ALA G 77 -15.76 -6.96 -16.67
CA ALA G 77 -16.20 -6.54 -15.33
C ALA G 77 -16.80 -5.15 -15.36
N ILE G 78 -16.14 -4.22 -16.06
CA ILE G 78 -16.67 -2.87 -16.24
C ILE G 78 -18.02 -2.93 -16.97
N TYR G 79 -18.08 -3.71 -18.06
CA TYR G 79 -19.32 -3.86 -18.82
C TYR G 79 -20.48 -4.30 -17.93
N ASP G 80 -20.25 -5.31 -17.08
CA ASP G 80 -21.33 -5.82 -16.23
C ASP G 80 -21.77 -4.78 -15.20
N THR G 81 -20.80 -4.05 -14.63
CA THR G 81 -21.14 -3.00 -13.67
C THR G 81 -21.94 -1.89 -14.32
N MET G 82 -21.60 -1.55 -15.58
CA MET G 82 -22.37 -0.57 -16.34
C MET G 82 -23.82 -1.02 -16.50
N GLN G 83 -24.00 -2.29 -16.89
CA GLN G 83 -25.34 -2.84 -17.08
C GLN G 83 -26.08 -2.96 -15.76
N TYR G 84 -25.35 -3.22 -14.67
CA TYR G 84 -25.98 -3.43 -13.38
C TYR G 84 -26.59 -2.13 -12.86
N ILE G 85 -25.76 -1.07 -12.76
CA ILE G 85 -26.25 0.17 -12.18
C ILE G 85 -27.40 0.74 -13.01
N LEU G 86 -28.25 1.51 -12.35
CA LEU G 86 -29.46 2.09 -12.92
C LEU G 86 -29.20 3.36 -13.69
N ASN G 87 -28.04 3.94 -13.53
CA ASN G 87 -27.87 5.27 -14.06
C ASN G 87 -27.79 5.22 -15.58
N PRO G 88 -28.34 6.20 -16.27
CA PRO G 88 -27.94 6.40 -17.66
C PRO G 88 -26.44 6.69 -17.68
N ILE G 89 -25.75 6.13 -18.68
CA ILE G 89 -24.33 6.35 -18.87
C ILE G 89 -24.11 6.92 -20.26
N CYS G 90 -23.56 8.15 -20.32
CA CYS G 90 -23.09 8.70 -21.59
C CYS G 90 -21.64 8.29 -21.76
N THR G 91 -21.35 7.61 -22.87
CA THR G 91 -19.98 7.28 -23.20
C THR G 91 -19.52 8.24 -24.28
N TRP G 92 -18.28 8.66 -24.18
CA TRP G 92 -17.65 9.55 -25.14
C TRP G 92 -16.35 8.94 -25.62
N CYS G 93 -16.20 8.81 -26.93
CA CYS G 93 -14.93 8.38 -27.49
C CYS G 93 -14.08 9.62 -27.78
N VAL G 94 -12.96 9.70 -27.09
CA VAL G 94 -11.98 10.78 -27.22
C VAL G 94 -10.66 10.13 -27.57
N GLY G 95 -10.04 10.57 -28.66
CA GLY G 95 -8.83 9.92 -29.15
C GLY G 95 -9.08 8.60 -29.87
N GLN G 96 -9.30 7.51 -29.12
CA GLN G 96 -9.62 6.24 -29.75
C GLN G 96 -10.38 5.35 -28.75
N ALA G 97 -11.04 4.33 -29.29
CA ALA G 97 -11.60 3.23 -28.49
C ALA G 97 -11.42 1.97 -29.32
N ALA G 98 -10.50 1.11 -28.88
CA ALA G 98 -10.15 -0.10 -29.61
C ALA G 98 -10.34 -1.32 -28.72
N SER G 99 -10.88 -2.38 -29.30
CA SER G 99 -11.06 -3.67 -28.61
C SER G 99 -11.98 -3.45 -27.41
N MET G 100 -11.59 -3.82 -26.20
CA MET G 100 -12.48 -3.69 -25.05
C MET G 100 -12.96 -2.25 -24.89
N GLY G 101 -12.15 -1.28 -25.32
CA GLY G 101 -12.56 0.11 -25.23
C GLY G 101 -13.80 0.41 -26.06
N SER G 102 -13.87 -0.09 -27.28
CA SER G 102 -15.09 0.13 -28.06
C SER G 102 -16.25 -0.75 -27.56
N LEU G 103 -15.97 -1.80 -26.81
CA LEU G 103 -17.08 -2.54 -26.21
C LEU G 103 -17.76 -1.71 -25.13
N LEU G 104 -16.97 -1.04 -24.27
CA LEU G 104 -17.54 -0.14 -23.27
C LEU G 104 -18.23 1.04 -23.94
N LEU G 105 -17.61 1.59 -24.98
CA LEU G 105 -18.21 2.67 -25.74
C LEU G 105 -19.59 2.29 -26.24
N ALA G 106 -19.70 1.11 -26.86
CA ALA G 106 -20.96 0.70 -27.45
C ALA G 106 -22.01 0.35 -26.41
N ALA G 107 -21.59 0.14 -25.16
CA ALA G 107 -22.48 -0.31 -24.08
C ALA G 107 -23.09 0.84 -23.29
N GLY G 108 -22.84 2.08 -23.65
CA GLY G 108 -23.52 3.19 -23.01
C GLY G 108 -25.00 3.18 -23.30
N THR G 109 -25.72 4.05 -22.61
CA THR G 109 -27.16 4.13 -22.75
C THR G 109 -27.51 4.52 -24.18
N PRO G 110 -28.47 3.83 -24.81
CA PRO G 110 -28.86 4.18 -26.18
C PRO G 110 -29.24 5.64 -26.31
N GLY G 111 -28.76 6.26 -27.38
CA GLY G 111 -28.96 7.68 -27.60
C GLY G 111 -27.93 8.59 -26.95
N MET G 112 -27.07 8.05 -26.07
CA MET G 112 -26.10 8.86 -25.36
C MET G 112 -24.66 8.42 -25.62
N ARG G 113 -24.40 7.74 -26.73
CA ARG G 113 -23.05 7.30 -27.11
C ARG G 113 -22.50 8.28 -28.15
N HIS G 114 -21.35 8.89 -27.85
CA HIS G 114 -20.80 9.98 -28.63
C HIS G 114 -19.33 9.76 -28.99
N SER G 115 -18.88 10.53 -29.98
CA SER G 115 -17.48 10.60 -30.33
C SER G 115 -17.14 12.05 -30.69
N LEU G 116 -15.90 12.43 -30.42
CA LEU G 116 -15.36 13.65 -31.00
C LEU G 116 -14.96 13.39 -32.45
N PRO G 117 -14.79 14.45 -33.25
CA PRO G 117 -14.73 14.24 -34.72
C PRO G 117 -13.57 13.38 -35.19
N ASN G 118 -12.42 13.42 -34.53
CA ASN G 118 -11.21 12.77 -35.04
C ASN G 118 -10.87 11.45 -34.34
N SER G 119 -11.81 10.85 -33.63
CA SER G 119 -11.52 9.61 -32.94
C SER G 119 -11.42 8.46 -33.93
N ARG G 120 -10.81 7.37 -33.48
CA ARG G 120 -10.75 6.13 -34.24
C ARG G 120 -11.40 5.05 -33.39
N ILE G 121 -12.23 4.20 -34.01
CA ILE G 121 -12.93 3.13 -33.31
C ILE G 121 -12.58 1.78 -33.95
N MET G 122 -12.15 0.83 -33.13
CA MET G 122 -11.81 -0.51 -33.62
C MET G 122 -12.45 -1.60 -32.76
N ILE G 123 -13.17 -2.52 -33.40
CA ILE G 123 -13.74 -3.67 -32.69
C ILE G 123 -12.97 -4.97 -32.97
N HIS G 124 -12.07 -4.96 -33.94
CA HIS G 124 -11.18 -6.10 -34.13
C HIS G 124 -10.39 -6.38 -32.86
N GLN G 125 -10.23 -7.69 -32.52
CA GLN G 125 -9.51 -7.96 -31.30
C GLN G 125 -8.04 -8.19 -31.60
N PRO G 126 -7.13 -7.82 -30.69
CA PRO G 126 -5.70 -8.02 -30.94
C PRO G 126 -5.37 -9.50 -30.84
N SER G 127 -4.23 -9.86 -31.42
CA SER G 127 -3.79 -11.25 -31.36
C SER G 127 -2.84 -11.48 -30.17
N ALA G 134 -3.34 -8.76 -22.28
CA ALA G 134 -4.03 -9.75 -23.11
C ALA G 134 -4.72 -10.84 -22.27
N THR G 135 -3.92 -11.65 -21.58
CA THR G 135 -4.47 -12.73 -20.79
C THR G 135 -3.94 -12.63 -19.37
N ASP G 136 -4.85 -12.79 -18.39
CA ASP G 136 -4.45 -12.81 -16.98
C ASP G 136 -3.64 -14.06 -16.69
N ILE G 137 -4.19 -15.23 -17.00
CA ILE G 137 -3.45 -16.49 -16.99
C ILE G 137 -3.50 -17.05 -18.40
N ALA G 138 -2.59 -17.99 -18.70
CA ALA G 138 -2.61 -18.65 -19.99
C ALA G 138 -3.83 -19.54 -20.09
N ILE G 139 -4.50 -19.54 -21.23
CA ILE G 139 -5.77 -20.26 -21.35
C ILE G 139 -5.75 -21.15 -22.60
N GLN G 140 -6.72 -22.05 -22.66
CA GLN G 140 -6.91 -23.01 -23.75
C GLN G 140 -7.69 -22.38 -24.91
N ALA G 141 -7.65 -23.05 -26.07
CA ALA G 141 -8.28 -22.52 -27.27
C ALA G 141 -9.81 -22.47 -27.13
N GLU G 142 -10.40 -23.48 -26.48
CA GLU G 142 -11.84 -23.43 -26.26
C GLU G 142 -12.22 -22.24 -25.40
N GLU G 143 -11.35 -21.84 -24.47
CA GLU G 143 -11.68 -20.76 -23.56
C GLU G 143 -11.61 -19.41 -24.26
N ILE G 144 -10.55 -19.17 -25.04
CA ILE G 144 -10.47 -17.94 -25.81
C ILE G 144 -11.63 -17.84 -26.79
N MET G 145 -12.08 -18.96 -27.33
CA MET G 145 -13.25 -18.95 -28.22
C MET G 145 -14.52 -18.62 -27.46
N LYS G 146 -14.63 -19.11 -26.21
CA LYS G 146 -15.78 -18.77 -25.40
C LYS G 146 -15.83 -17.27 -25.13
N LEU G 147 -14.68 -16.68 -24.82
CA LEU G 147 -14.62 -15.24 -24.60
C LEU G 147 -14.94 -14.47 -25.88
N LYS G 148 -14.38 -14.92 -27.01
CA LYS G 148 -14.63 -14.25 -28.28
C LYS G 148 -16.12 -14.26 -28.63
N LYS G 149 -16.82 -15.37 -28.32
CA LYS G 149 -18.27 -15.43 -28.54
C LYS G 149 -19.02 -14.48 -27.61
N GLN G 150 -18.55 -14.31 -26.38
CA GLN G 150 -19.17 -13.33 -25.50
C GLN G 150 -19.06 -11.93 -26.09
N LEU G 151 -17.91 -11.62 -26.71
CA LEU G 151 -17.75 -10.33 -27.35
C LEU G 151 -18.71 -10.17 -28.54
N TYR G 152 -18.84 -11.23 -29.34
CA TYR G 152 -19.79 -11.20 -30.45
C TYR G 152 -21.18 -10.83 -29.98
N ASN G 153 -21.67 -11.51 -28.93
CA ASN G 153 -23.07 -11.32 -28.52
C ASN G 153 -23.28 -9.94 -27.91
N ILE G 154 -22.32 -9.47 -27.11
CA ILE G 154 -22.45 -8.14 -26.53
C ILE G 154 -22.49 -7.09 -27.63
N TYR G 155 -21.57 -7.20 -28.60
CA TYR G 155 -21.54 -6.26 -29.73
C TYR G 155 -22.83 -6.32 -30.54
N ALA G 156 -23.31 -7.53 -30.83
CA ALA G 156 -24.59 -7.66 -31.53
C ALA G 156 -25.72 -7.00 -30.73
N LYS G 157 -25.73 -7.20 -29.41
CA LYS G 157 -26.78 -6.63 -28.58
C LYS G 157 -26.82 -5.10 -28.69
N HIS G 158 -25.67 -4.44 -28.62
CA HIS G 158 -25.70 -2.99 -28.52
C HIS G 158 -25.67 -2.30 -29.88
N THR G 159 -25.15 -2.95 -30.92
CA THR G 159 -25.22 -2.35 -32.25
C THR G 159 -26.50 -2.73 -32.99
N LYS G 160 -27.18 -3.77 -32.52
CA LYS G 160 -28.38 -4.35 -33.15
C LYS G 160 -28.04 -4.99 -34.48
N GLN G 161 -26.75 -5.24 -34.73
CA GLN G 161 -26.33 -6.00 -35.88
C GLN G 161 -26.48 -7.48 -35.61
N SER G 162 -26.40 -8.26 -36.68
CA SER G 162 -26.49 -9.70 -36.57
C SER G 162 -25.10 -10.28 -36.24
N LEU G 163 -25.12 -11.48 -35.65
CA LEU G 163 -23.86 -12.14 -35.30
C LEU G 163 -22.91 -12.23 -36.50
N GLN G 164 -23.47 -12.60 -37.67
CA GLN G 164 -22.66 -12.78 -38.87
C GLN G 164 -21.99 -11.48 -39.27
N VAL G 165 -22.71 -10.36 -39.16
CA VAL G 165 -22.12 -9.05 -39.44
C VAL G 165 -21.04 -8.71 -38.42
N ILE G 166 -21.28 -9.03 -37.16
CA ILE G 166 -20.29 -8.73 -36.12
C ILE G 166 -19.02 -9.52 -36.36
N GLU G 167 -19.16 -10.82 -36.66
CA GLU G 167 -18.00 -11.68 -36.85
C GLU G 167 -17.16 -11.26 -38.06
N SER G 168 -17.81 -10.91 -39.18
CA SER G 168 -17.09 -10.45 -40.36
C SER G 168 -16.36 -9.14 -40.07
N ALA G 169 -17.04 -8.23 -39.36
CA ALA G 169 -16.45 -6.94 -39.04
C ALA G 169 -15.23 -7.08 -38.13
N MET G 170 -15.33 -7.92 -37.09
CA MET G 170 -14.21 -8.05 -36.16
C MET G 170 -13.04 -8.77 -36.78
N GLU G 171 -13.26 -9.42 -37.93
CA GLU G 171 -12.22 -10.10 -38.65
C GLU G 171 -11.33 -9.13 -39.44
N ARG G 172 -11.84 -7.95 -39.76
CA ARG G 172 -11.07 -6.95 -40.49
C ARG G 172 -10.26 -6.15 -39.49
N ASP G 173 -8.94 -6.20 -39.64
CA ASP G 173 -7.99 -5.49 -38.80
C ASP G 173 -7.98 -4.03 -39.23
N ARG G 174 -8.84 -3.22 -38.63
CA ARG G 174 -9.00 -1.86 -39.12
C ARG G 174 -9.74 -1.02 -38.10
N TYR G 175 -9.65 0.30 -38.29
CA TYR G 175 -10.38 1.29 -37.52
C TYR G 175 -11.51 1.88 -38.37
N MET G 176 -12.55 2.36 -37.70
CA MET G 176 -13.61 3.13 -38.37
C MET G 176 -13.55 4.58 -37.91
N SER G 177 -14.13 5.44 -38.73
CA SER G 177 -14.33 6.82 -38.36
C SER G 177 -15.52 6.90 -37.42
N PRO G 178 -15.71 8.04 -36.75
CA PRO G 178 -16.93 8.21 -35.96
C PRO G 178 -18.21 8.03 -36.77
N MET G 179 -18.22 8.38 -38.07
CA MET G 179 -19.45 8.23 -38.83
C MET G 179 -19.73 6.78 -39.19
N GLU G 180 -18.70 6.00 -39.58
CA GLU G 180 -18.93 4.58 -39.80
C GLU G 180 -19.40 3.90 -38.53
N ALA G 181 -18.75 4.20 -37.40
CA ALA G 181 -19.12 3.59 -36.14
C ALA G 181 -20.54 3.96 -35.74
N GLN G 182 -20.99 5.17 -36.08
CA GLN G 182 -22.37 5.54 -35.86
C GLN G 182 -23.33 4.71 -36.72
N GLU G 183 -23.03 4.55 -38.02
CA GLU G 183 -23.89 3.73 -38.89
C GLU G 183 -23.83 2.25 -38.53
N PHE G 184 -22.74 1.79 -37.93
CA PHE G 184 -22.61 0.40 -37.52
C PHE G 184 -23.40 0.10 -36.25
N GLY G 185 -23.77 1.15 -35.51
CA GLY G 185 -24.48 0.97 -34.26
C GLY G 185 -23.61 1.02 -33.04
N ILE G 186 -22.33 1.36 -33.17
CA ILE G 186 -21.48 1.47 -31.99
C ILE G 186 -21.82 2.72 -31.18
N LEU G 187 -22.18 3.82 -31.86
CA LEU G 187 -22.51 5.05 -31.15
C LEU G 187 -23.64 5.78 -31.88
N ASP G 188 -24.16 6.82 -31.22
CA ASP G 188 -25.33 7.57 -31.65
C ASP G 188 -25.04 8.96 -32.21
N LYS G 189 -24.04 9.67 -31.70
CA LYS G 189 -23.84 11.05 -32.14
C LYS G 189 -22.37 11.36 -32.29
N VAL G 190 -22.01 12.04 -33.38
CA VAL G 190 -20.67 12.58 -33.57
C VAL G 190 -20.79 14.09 -33.53
N LEU G 191 -20.23 14.70 -32.48
CA LEU G 191 -20.38 16.12 -32.25
C LEU G 191 -19.04 16.84 -32.36
N VAL G 192 -19.12 18.11 -32.74
CA VAL G 192 -17.95 18.98 -32.85
C VAL G 192 -17.98 20.11 -31.84
N HIS G 193 -19.14 20.51 -31.32
CA HIS G 193 -19.28 21.54 -30.29
C HIS G 193 -20.42 21.16 -29.31
N1 A1LZN H . -24.29 -26.88 21.84
N3 A1LZN H . -23.76 -23.97 24.95
C4 A1LZN H . -28.87 -30.72 18.78
C5 A1LZN H . -23.84 -28.97 23.14
C6 A1LZN H . -26.62 -20.84 24.50
C7 A1LZN H . -27.76 -20.25 24.06
C8 A1LZN H . -29.03 -20.71 24.36
C10 A1LZN H . -27.97 -22.43 25.68
C13 A1LZN H . -27.70 -29.92 19.24
C15 A1LZN H . -26.80 -28.07 20.50
C17 A1LZN H . -26.73 -21.95 25.33
C20 A1LZN H . -24.70 -25.59 21.80
C21 A1LZN H . -23.83 -27.45 23.11
C22 A1LZN H . -22.43 -26.94 23.58
C24 A1LZN H . -25.58 -24.00 23.63
C26 A1LZN H . -24.99 -23.50 24.80
C11 A1LZN H . -25.34 -29.52 19.32
C12 A1LZN H . -26.41 -30.26 18.88
C14 A1LZN H . -27.87 -28.82 20.07
C16 A1LZN H . -25.51 -28.42 20.14
C18 A1LZN H . -25.49 -22.60 25.84
C19 A1LZN H . -24.29 -27.65 20.59
C23 A1LZN H . -22.28 -25.43 23.72
C25 A1LZN H . -24.65 -24.81 23.06
C9 A1LZN H . -29.08 -21.81 25.18
F29 A1LZN H . -28.77 -31.99 19.13
F30 A1LZN H . -30.03 -30.32 19.30
F31 A1LZN H . -29.05 -30.70 17.47
F32 A1LZN H . -27.65 -19.17 23.25
F33 A1LZN H . -30.30 -22.29 25.51
N2 A1LZN H . -23.56 -24.76 23.86
O27 A1LZN H . -22.53 -29.53 23.11
O28 A1LZN H . -25.07 -25.06 20.76
N1 A1LZN I . -23.90 -1.34 -2.88
N3 A1LZN I . -23.30 -5.52 -4.40
C4 A1LZN I . -19.74 3.56 -1.95
C5 A1LZN I . -24.47 -2.03 -0.52
C6 A1LZN I . -20.87 -5.75 -7.43
C7 A1LZN I . -20.01 -5.27 -8.38
C8 A1LZN I . -20.41 -4.71 -9.57
C10 A1LZN I . -22.68 -5.11 -8.87
C13 A1LZN I . -20.90 2.65 -2.17
C15 A1LZN I . -21.82 0.63 -3.05
C17 A1LZN I . -22.23 -5.67 -7.68
C20 A1LZN I . -24.02 -1.89 -4.12
C21 A1LZN I . -23.45 -2.01 -1.64
C22 A1LZN I . -22.63 -3.32 -1.72
C24 A1LZN I . -23.68 -3.78 -5.77
C26 A1LZN I . -23.41 -5.14 -5.66
C11 A1LZN I . -23.23 2.17 -1.90
C12 A1LZN I . -22.16 3.00 -1.70
C14 A1LZN I . -20.75 1.46 -2.85
C16 A1LZN I . -23.07 0.98 -2.57
C18 A1LZN I . -23.24 -6.18 -6.69
C19 A1LZN I . -24.26 0.08 -2.79
C23 A1LZN I . -23.44 -4.48 -2.24
C25 A1LZN I . -23.73 -3.30 -4.49
C9 A1LZN I . -21.76 -4.66 -9.76
F29 A1LZN I . -20.11 4.82 -1.78
F30 A1LZN I . -19.05 3.24 -0.87
F31 A1LZN I . -18.87 3.56 -2.93
F32 A1LZN I . -18.69 -5.34 -8.15
F33 A1LZN I . -22.21 -4.12 -10.91
N2 A1LZN I . -23.51 -4.37 -3.70
O27 A1LZN I . -25.66 -2.71 -0.87
O28 A1LZN I . -24.41 -1.18 -5.03
N1 A1LZN J . 11.92 0.66 27.91
N3 A1LZN J . 15.79 -1.54 27.24
C4 A1LZN J . 7.95 3.18 23.48
C5 A1LZN J . 13.16 2.43 29.19
C6 A1LZN J . 14.63 -5.62 25.70
C7 A1LZN J . 14.15 -6.22 24.57
C8 A1LZN J . 14.48 -5.82 23.31
C10 A1LZN J . 15.85 -4.11 24.31
C13 A1LZN J . 8.60 2.61 24.70
C15 A1LZN J . 8.79 2.45 27.07
C17 A1LZN J . 15.49 -4.54 25.58
C20 A1LZN J . 12.22 -0.67 27.76
C21 A1LZN J . 12.86 1.80 27.84
C22 A1LZN J . 14.14 1.62 26.99
C24 A1LZN J . 13.81 -2.57 27.27
C26 A1LZN J . 15.19 -2.70 27.10
C11 A1LZN J . 10.25 1.19 25.68
C12 A1LZN J . 9.64 1.71 24.56
C14 A1LZN J . 8.18 2.97 25.96
C16 A1LZN J . 9.83 1.54 26.95
C18 A1LZN J . 16.02 -3.88 26.81
C19 A1LZN J . 10.51 0.96 28.16
C23 A1LZN J . 15.16 0.74 27.68
C25 A1LZN J . 13.57 -1.24 27.51
C9 A1LZN J . 15.34 -4.76 23.23
F29 A1LZN J . 7.90 2.31 22.48
F30 A1LZN J . 6.69 3.55 23.66
F31 A1LZN J . 8.59 4.24 23.01
F32 A1LZN J . 13.31 -7.26 24.72
F33 A1LZN J . 15.68 -4.34 21.98
N2 A1LZN J . 14.79 -0.65 27.49
O27 A1LZN J . 13.21 1.49 30.25
O28 A1LZN J . 11.32 -1.48 27.84
N1 A1LZN K . 25.66 21.19 19.41
N3 A1LZN K . 29.74 20.46 18.43
C4 A1LZN K . 19.42 19.31 17.89
C5 A1LZN K . 25.29 23.08 17.77
C6 A1LZN K . 29.73 16.83 15.64
C7 A1LZN K . 29.47 15.52 15.35
C8 A1LZN K . 29.72 14.50 16.24
C10 A1LZN K . 30.52 16.14 17.80
C13 A1LZN K . 20.71 19.84 18.44
C15 A1LZN K . 23.11 19.88 18.52
C17 A1LZN K . 30.25 17.15 16.88
C20 A1LZN K . 26.35 20.06 19.68
C21 A1LZN K . 26.27 22.16 18.47
C22 A1LZN K . 27.44 22.99 19.11
C24 A1LZN K . 28.20 18.83 18.33
C26 A1LZN K . 29.49 19.23 17.98
C11 A1LZN K . 21.87 21.33 19.91
C12 A1LZN K . 20.69 20.83 19.40
C14 A1LZN K . 21.94 19.38 18.00
C16 A1LZN K . 23.10 20.87 19.48
C18 A1LZN K . 30.56 18.58 17.23
C19 A1LZN K . 24.36 21.44 20.07
C23 A1LZN K . 28.55 22.15 19.70
C25 A1LZN K . 27.66 19.89 19.02
C9 A1LZN K . 30.24 14.85 17.44
F29 A1LZN K . 19.03 19.94 16.80
F30 A1LZN K . 19.50 18.03 17.60
F31 A1LZN K . 18.40 19.42 18.72
F32 A1LZN K . 28.95 15.22 14.15
F33 A1LZN K . 30.49 13.87 18.34
N2 A1LZN K . 28.61 20.83 19.07
O27 A1LZN K . 25.16 24.35 18.42
O28 A1LZN K . 25.93 19.21 20.43
N1 A1LZN L . 20.64 37.16 -0.90
N3 A1LZN L . 23.27 36.39 -4.50
C4 A1LZN L . 16.73 32.71 1.86
C5 A1LZN L . 18.77 38.70 -1.56
C6 A1LZN L . 25.34 33.18 -4.79
C7 A1LZN L . 25.76 31.91 -4.47
C8 A1LZN L . 26.77 31.65 -3.59
C10 A1LZN L . 26.99 34.01 -3.28
C13 A1LZN L . 17.57 33.89 1.53
C15 A1LZN L . 18.05 36.25 1.59
C17 A1LZN L . 25.96 34.26 -4.17
C20 A1LZN L . 21.89 36.64 -1.04
C21 A1LZN L . 19.76 37.64 -2.00
C22 A1LZN L . 20.47 38.17 -3.29
C24 A1LZN L . 23.97 36.07 -2.41
C26 A1LZN L . 24.30 36.03 -3.76
C11 A1LZN L . 19.53 34.78 0.46
C12 A1LZN L . 18.73 33.72 0.79
C14 A1LZN L . 17.25 35.18 1.92
C16 A1LZN L . 19.21 36.06 0.85
C18 A1LZN L . 25.55 35.69 -4.46
C19 A1LZN L . 20.12 37.21 0.47
C23 A1LZN L . 21.00 37.06 -4.17
C25 A1LZN L . 22.65 36.47 -2.32
C9 A1LZN L . 27.37 32.73 -3.01
F29 A1LZN L . 15.54 33.00 2.36
F30 A1LZN L . 16.47 31.98 0.80
F31 A1LZN L . 17.33 31.89 2.72
F32 A1LZN L . 25.15 30.86 -5.07
F33 A1LZN L . 28.38 32.53 -2.13
N2 A1LZN L . 22.26 36.64 -3.62
O27 A1LZN L . 18.60 39.74 -2.52
O28 A1LZN L . 22.46 36.28 -0.02
N1 A1LZN M . -9.99 -9.66 17.82
N3 A1LZN M . -8.56 -13.67 17.62
C4 A1LZN M . -9.49 -3.78 14.77
C5 A1LZN M . -8.26 -8.69 19.36
C6 A1LZN M . -6.58 -14.05 13.56
C7 A1LZN M . -6.58 -14.00 12.18
C8 A1LZN M . -7.57 -14.56 11.42
C10 A1LZN M . -8.63 -15.25 13.46
C13 A1LZN M . -9.82 -5.00 15.58
C15 A1LZN M . -9.27 -7.21 16.33
C17 A1LZN M . -7.62 -14.67 14.21
C20 A1LZN M . -10.33 -10.57 16.89
C21 A1LZN M . -8.85 -9.93 18.71
C22 A1LZN M . -9.13 -11.00 19.80
C24 A1LZN M . -8.98 -12.49 15.75
C26 A1LZN M . -8.38 -13.63 16.31
C11 A1LZN M . -11.26 -6.14 17.09
C12 A1LZN M . -10.96 -5.03 16.34
C14 A1LZN M . -8.98 -6.09 15.58
C16 A1LZN M . -10.41 -7.24 17.10
C18 A1LZN M . -7.62 -14.74 15.72
C19 A1LZN M . -10.79 -8.43 17.93
C23 A1LZN M . -9.65 -12.33 19.29
C25 A1LZN M . -9.55 -11.82 16.81
C9 A1LZN M . -8.58 -15.18 12.10
F29 A1LZN M . -9.38 -4.05 13.49
F30 A1LZN M . -10.38 -2.81 14.85
F31 A1LZN M . -8.33 -3.25 15.13
F32 A1LZN M . -5.55 -13.39 11.57
F33 A1LZN M . -9.58 -15.75 11.38
N2 A1LZN M . -9.29 -12.57 17.91
O27 A1LZN M . -8.79 -8.41 20.65
O28 A1LZN M . -11.28 -10.40 16.14
N1 A1LZN N . -19.03 18.88 -19.06
N3 A1LZN N . -19.46 16.46 -22.56
C4 A1LZN N . -14.87 19.97 -13.98
C5 A1LZN N . -20.09 17.34 -17.38
C6 A1LZN N . -15.25 14.90 -23.46
C7 A1LZN N . -13.95 15.17 -23.77
C8 A1LZN N . -13.56 16.15 -24.65
C10 A1LZN N . -15.90 16.66 -24.95
C13 A1LZN N . -15.92 19.95 -15.03
C15 A1LZN N . -16.82 19.07 -17.08
C17 A1LZN N . -16.24 15.66 -24.05
C20 A1LZN N . -18.34 19.02 -20.21
C21 A1LZN N . -19.82 17.65 -18.85
C22 A1LZN N . -21.13 17.59 -19.69
C24 A1LZN N . -17.46 17.28 -21.93
C26 A1LZN N . -18.16 16.37 -22.74
C11 A1LZN N . -17.97 20.80 -15.96
C12 A1LZN N . -17.00 20.82 -14.98
C14 A1LZN N . -15.84 19.08 -16.11
C16 A1LZN N . -17.89 19.93 -17.02
C18 A1LZN N . -17.69 15.38 -23.73
C19 A1LZN N . -18.97 19.96 -18.07
C23 A1LZN N . -20.96 17.78 -21.19
C25 A1LZN N . -18.43 17.93 -21.22
C9 A1LZN N . -14.58 16.88 -25.21
F29 A1LZN N . -15.03 19.01 -13.08
F30 A1LZN N . -13.64 19.82 -14.44
F31 A1LZN N . -14.87 21.10 -13.31
F32 A1LZN N . -12.99 14.41 -23.17
F33 A1LZN N . -14.26 17.87 -26.09
N2 A1LZN N . -19.62 17.43 -21.63
O27 A1LZN N . -21.37 17.80 -16.94
O28 A1LZN N . -17.68 20.01 -20.45
#